data_1IVM
#
_entry.id   1IVM
#
_entity_poly.entity_id   1
_entity_poly.type   'polypeptide(L)'
_entity_poly.pdbx_seq_one_letter_code
;KVYERCEFARTLKRNGMAGYYGVSLADWVCLAQHESNYNTRATNYNRGDQSTDYGIFQINSRYWCNDGKTPRAVNACGIN
CSALLQDDITAAIQCAKRVVRDPQGIRAWVAWRAHCQNRDLSQYIRNCGV
;
_entity_poly.pdbx_strand_id   A
#
# COMPACT_ATOMS: atom_id res chain seq x y z
N LYS A 1 11.19 10.05 -4.76
CA LYS A 1 10.52 9.36 -3.69
C LYS A 1 9.02 9.69 -3.72
N VAL A 2 8.54 9.99 -4.92
CA VAL A 2 7.14 10.34 -5.11
C VAL A 2 6.53 9.41 -6.16
N TYR A 3 5.26 9.08 -5.95
CA TYR A 3 4.54 8.21 -6.86
C TYR A 3 3.10 8.69 -7.07
N GLU A 4 2.71 8.76 -8.33
CA GLU A 4 1.36 9.20 -8.67
C GLU A 4 0.61 8.08 -9.40
N ARG A 5 -0.70 8.26 -9.49
CA ARG A 5 -1.54 7.28 -10.15
C ARG A 5 -0.81 6.67 -11.35
N CYS A 6 -0.55 7.51 -12.35
CA CYS A 6 0.13 7.06 -13.54
C CYS A 6 1.37 6.28 -13.12
N GLU A 7 2.38 7.02 -12.67
CA GLU A 7 3.62 6.40 -12.23
C GLU A 7 3.35 5.05 -11.58
N PHE A 8 2.69 5.10 -10.43
CA PHE A 8 2.36 3.89 -9.70
C PHE A 8 1.88 2.79 -10.65
N ALA A 9 0.92 3.14 -11.50
CA ALA A 9 0.38 2.21 -12.45
C ALA A 9 1.51 1.64 -13.31
N ARG A 10 2.26 2.55 -13.92
CA ARG A 10 3.36 2.15 -14.77
C ARG A 10 4.29 1.18 -14.02
N THR A 11 4.78 1.64 -12.89
CA THR A 11 5.66 0.82 -12.07
C THR A 11 5.04 -0.55 -11.81
N LEU A 12 3.84 -0.51 -11.27
CA LEU A 12 3.12 -1.75 -10.97
C LEU A 12 3.19 -2.68 -12.18
N LYS A 13 2.77 -2.16 -13.31
CA LYS A 13 2.79 -2.93 -14.55
C LYS A 13 4.23 -3.26 -14.92
N ARG A 14 5.14 -2.41 -14.47
CA ARG A 14 6.55 -2.60 -14.75
C ARG A 14 7.14 -3.66 -13.81
N ASN A 15 6.48 -3.85 -12.68
CA ASN A 15 6.91 -4.83 -11.71
C ASN A 15 6.26 -6.18 -12.01
N GLY A 16 4.99 -6.11 -12.38
CA GLY A 16 4.24 -7.32 -12.70
C GLY A 16 3.21 -7.63 -11.63
N MET A 17 2.55 -6.58 -11.15
CA MET A 17 1.54 -6.72 -10.13
C MET A 17 0.19 -6.18 -10.61
N ALA A 18 0.25 -5.08 -11.35
CA ALA A 18 -0.95 -4.46 -11.87
C ALA A 18 -1.78 -5.51 -12.61
N GLY A 19 -2.91 -5.85 -12.02
CA GLY A 19 -3.80 -6.84 -12.60
C GLY A 19 -3.66 -8.19 -11.91
N TYR A 20 -3.14 -8.15 -10.69
CA TYR A 20 -2.95 -9.36 -9.91
C TYR A 20 -4.15 -10.29 -10.03
N TYR A 21 -3.97 -11.51 -9.56
CA TYR A 21 -5.03 -12.51 -9.60
C TYR A 21 -6.40 -11.85 -9.39
N GLY A 22 -6.47 -11.02 -8.36
CA GLY A 22 -7.72 -10.33 -8.05
C GLY A 22 -7.52 -8.81 -8.08
N VAL A 23 -6.57 -8.35 -7.28
CA VAL A 23 -6.28 -6.93 -7.21
C VAL A 23 -6.01 -6.40 -8.62
N SER A 24 -6.88 -5.50 -9.05
CA SER A 24 -6.75 -4.91 -10.37
C SER A 24 -5.91 -3.64 -10.30
N LEU A 25 -5.13 -3.42 -11.35
CA LEU A 25 -4.27 -2.25 -11.43
C LEU A 25 -5.04 -1.03 -10.92
N ALA A 26 -6.26 -0.88 -11.44
CA ALA A 26 -7.10 0.24 -11.06
C ALA A 26 -7.32 0.20 -9.54
N ASP A 27 -7.55 -1.00 -9.04
CA ASP A 27 -7.78 -1.17 -7.61
C ASP A 27 -6.52 -0.78 -6.84
N TRP A 28 -5.38 -1.11 -7.43
CA TRP A 28 -4.10 -0.80 -6.81
C TRP A 28 -3.97 0.72 -6.73
N VAL A 29 -4.08 1.35 -7.88
CA VAL A 29 -3.98 2.81 -7.96
C VAL A 29 -4.95 3.43 -6.96
N CYS A 30 -6.23 3.16 -7.17
CA CYS A 30 -7.27 3.68 -6.31
C CYS A 30 -6.84 3.45 -4.86
N LEU A 31 -6.41 2.23 -4.60
CA LEU A 31 -5.97 1.85 -3.27
C LEU A 31 -4.81 2.75 -2.84
N ALA A 32 -3.69 2.57 -3.53
CA ALA A 32 -2.50 3.36 -3.23
C ALA A 32 -2.89 4.82 -3.04
N GLN A 33 -3.96 5.21 -3.73
CA GLN A 33 -4.44 6.58 -3.64
C GLN A 33 -5.12 6.81 -2.28
N HIS A 34 -6.05 5.93 -1.96
CA HIS A 34 -6.76 6.04 -0.70
C HIS A 34 -5.79 5.91 0.47
N GLU A 35 -4.64 5.30 0.17
CA GLU A 35 -3.62 5.11 1.17
C GLU A 35 -2.90 6.42 1.46
N SER A 36 -2.19 6.90 0.44
CA SER A 36 -1.45 8.14 0.56
C SER A 36 -0.33 8.20 -0.49
N ASN A 37 -0.75 8.18 -1.75
CA ASN A 37 0.20 8.22 -2.85
C ASN A 37 1.03 9.50 -2.74
N TYR A 38 1.47 9.97 -3.90
CA TYR A 38 2.29 11.18 -3.95
C TYR A 38 3.70 10.92 -3.42
N ASN A 39 4.09 11.73 -2.45
CA ASN A 39 5.42 11.59 -1.86
C ASN A 39 5.37 10.53 -0.76
N THR A 40 6.44 9.76 -0.68
CA THR A 40 6.53 8.70 0.32
C THR A 40 6.68 9.31 1.71
N ARG A 41 5.71 10.11 2.09
CA ARG A 41 5.71 10.75 3.39
C ARG A 41 4.56 10.22 4.25
N ALA A 42 3.87 9.23 3.70
CA ALA A 42 2.75 8.63 4.41
C ALA A 42 3.24 8.09 5.76
N THR A 43 3.12 8.94 6.77
CA THR A 43 3.55 8.55 8.11
C THR A 43 2.59 9.14 9.15
N ASN A 44 2.02 8.25 9.95
CA ASN A 44 1.09 8.66 10.98
C ASN A 44 1.16 7.65 12.14
N TYR A 45 1.89 8.05 13.18
CA TYR A 45 2.05 7.20 14.35
C TYR A 45 0.94 7.48 15.38
N ASN A 46 0.74 6.51 16.25
CA ASN A 46 -0.27 6.64 17.29
C ASN A 46 -0.02 5.61 18.38
N ARG A 47 0.51 6.10 19.50
CA ARG A 47 0.81 5.24 20.63
C ARG A 47 -0.48 4.85 21.36
N GLY A 48 -1.42 5.78 21.36
CA GLY A 48 -2.70 5.54 22.01
C GLY A 48 -3.16 4.10 21.83
N ASP A 49 -2.95 3.59 20.62
CA ASP A 49 -3.34 2.23 20.30
C ASP A 49 -2.12 1.46 19.80
N GLN A 50 -0.96 1.86 20.31
CA GLN A 50 0.29 1.22 19.94
C GLN A 50 0.25 0.81 18.45
N SER A 51 -0.20 1.75 17.64
CA SER A 51 -0.30 1.50 16.20
C SER A 51 0.18 2.73 15.42
N THR A 52 0.73 2.47 14.24
CA THR A 52 1.23 3.54 13.40
C THR A 52 0.93 3.24 11.93
N ASP A 53 0.40 4.24 11.26
CA ASP A 53 0.05 4.11 9.85
C ASP A 53 1.13 4.77 9.00
N TYR A 54 2.03 3.95 8.49
CA TYR A 54 3.12 4.44 7.66
C TYR A 54 3.17 3.69 6.33
N GLY A 55 3.78 4.34 5.35
CA GLY A 55 3.92 3.74 4.03
C GLY A 55 2.89 4.34 3.06
N ILE A 56 3.32 4.50 1.82
CA ILE A 56 2.46 5.06 0.79
C ILE A 56 1.13 4.30 0.79
N PHE A 57 1.21 3.02 1.12
CA PHE A 57 0.02 2.18 1.16
C PHE A 57 -0.61 2.20 2.56
N GLN A 58 -0.31 3.26 3.29
CA GLN A 58 -0.85 3.42 4.63
C GLN A 58 -0.90 2.06 5.34
N ILE A 59 0.28 1.54 5.66
CA ILE A 59 0.37 0.26 6.33
C ILE A 59 0.52 0.49 7.84
N ASN A 60 -0.25 -0.28 8.60
CA ASN A 60 -0.22 -0.17 10.05
C ASN A 60 0.98 -0.93 10.59
N SER A 61 1.71 -0.26 11.48
CA SER A 61 2.89 -0.86 12.08
C SER A 61 2.50 -1.62 13.35
N ARG A 62 1.20 -1.78 13.53
CA ARG A 62 0.69 -2.49 14.70
C ARG A 62 0.59 -3.98 14.41
N TYR A 63 0.94 -4.35 13.19
CA TYR A 63 0.90 -5.74 12.78
C TYR A 63 1.93 -6.02 11.68
N TRP A 64 1.97 -5.12 10.71
CA TRP A 64 2.90 -5.25 9.60
C TRP A 64 4.14 -4.41 9.92
N CYS A 65 5.24 -4.79 9.30
CA CYS A 65 6.50 -4.08 9.50
C CYS A 65 6.76 -4.01 11.00
N ASN A 66 7.93 -3.46 11.34
CA ASN A 66 8.31 -3.32 12.73
C ASN A 66 9.37 -2.22 12.86
N ASP A 67 9.96 -2.14 14.04
CA ASP A 67 10.98 -1.14 14.31
C ASP A 67 11.96 -1.70 15.34
N GLY A 68 11.41 -2.17 16.45
CA GLY A 68 12.22 -2.71 17.51
C GLY A 68 12.10 -1.86 18.78
N LYS A 69 11.32 -0.81 18.67
CA LYS A 69 11.12 0.09 19.80
C LYS A 69 9.87 -0.34 20.58
N THR A 70 9.08 -1.19 19.94
CA THR A 70 7.86 -1.69 20.55
C THR A 70 7.85 -3.21 20.54
N PRO A 71 8.30 -3.80 21.69
CA PRO A 71 8.35 -5.24 21.83
C PRO A 71 6.94 -5.81 22.05
N ARG A 72 6.07 -5.55 21.09
CA ARG A 72 4.70 -6.03 21.17
C ARG A 72 4.14 -6.28 19.76
N ALA A 73 4.38 -5.32 18.89
CA ALA A 73 3.91 -5.41 17.52
C ALA A 73 4.11 -6.85 17.03
N VAL A 74 3.36 -7.19 15.98
CA VAL A 74 3.44 -8.52 15.40
C VAL A 74 3.82 -8.40 13.92
N ASN A 75 4.92 -7.71 13.68
CA ASN A 75 5.40 -7.52 12.31
C ASN A 75 5.19 -8.81 11.53
N ALA A 76 4.13 -8.83 10.74
CA ALA A 76 3.82 -9.99 9.92
C ALA A 76 4.69 -9.98 8.67
N CYS A 77 5.24 -8.81 8.38
CA CYS A 77 6.09 -8.65 7.21
C CYS A 77 7.53 -8.96 7.62
N GLY A 78 7.83 -8.62 8.87
CA GLY A 78 9.16 -8.85 9.40
C GLY A 78 10.20 -7.99 8.67
N ILE A 79 9.93 -6.69 8.64
CA ILE A 79 10.82 -5.75 7.98
C ILE A 79 10.72 -4.39 8.66
N ASN A 80 11.72 -3.56 8.40
CA ASN A 80 11.75 -2.22 8.98
C ASN A 80 10.73 -1.33 8.26
N CYS A 81 9.83 -0.77 9.05
CA CYS A 81 8.82 0.11 8.51
C CYS A 81 9.49 1.15 7.61
N SER A 82 10.71 1.51 7.99
CA SER A 82 11.47 2.48 7.23
C SER A 82 11.65 2.00 5.79
N ALA A 83 11.74 0.68 5.65
CA ALA A 83 11.92 0.08 4.34
C ALA A 83 10.75 0.49 3.43
N LEU A 84 9.68 0.96 4.07
CA LEU A 84 8.51 1.39 3.33
C LEU A 84 8.51 2.91 3.22
N LEU A 85 9.64 3.49 3.58
CA LEU A 85 9.78 4.94 3.53
C LEU A 85 11.00 5.30 2.67
N GLN A 86 11.39 4.35 1.83
CA GLN A 86 12.53 4.54 0.96
C GLN A 86 12.08 5.13 -0.38
N ASP A 87 12.96 5.02 -1.36
CA ASP A 87 12.67 5.53 -2.69
C ASP A 87 11.93 4.46 -3.50
N ASP A 88 12.53 3.27 -3.51
CA ASP A 88 11.95 2.16 -4.24
C ASP A 88 10.79 1.58 -3.43
N ILE A 89 9.68 1.37 -4.14
CA ILE A 89 8.49 0.83 -3.51
C ILE A 89 8.58 -0.70 -3.49
N THR A 90 9.71 -1.20 -3.97
CA THR A 90 9.93 -2.63 -4.01
C THR A 90 9.48 -3.28 -2.70
N ALA A 91 9.74 -2.57 -1.62
CA ALA A 91 9.37 -3.06 -0.29
C ALA A 91 7.85 -2.94 -0.12
N ALA A 92 7.31 -1.85 -0.62
CA ALA A 92 5.87 -1.61 -0.53
C ALA A 92 5.13 -2.71 -1.28
N ILE A 93 5.68 -3.07 -2.43
CA ILE A 93 5.08 -4.11 -3.26
C ILE A 93 5.30 -5.47 -2.60
N GLN A 94 6.55 -5.73 -2.26
CA GLN A 94 6.91 -6.99 -1.62
C GLN A 94 6.09 -7.20 -0.35
N CYS A 95 6.03 -6.14 0.47
CA CYS A 95 5.29 -6.20 1.71
C CYS A 95 3.80 -6.28 1.37
N ALA A 96 3.39 -5.43 0.43
CA ALA A 96 2.00 -5.40 0.00
C ALA A 96 1.52 -6.82 -0.28
N LYS A 97 2.33 -7.54 -1.05
CA LYS A 97 1.99 -8.90 -1.42
C LYS A 97 2.14 -9.80 -0.18
N ARG A 98 3.22 -9.56 0.56
CA ARG A 98 3.48 -10.33 1.76
C ARG A 98 2.35 -10.14 2.78
N VAL A 99 1.64 -9.03 2.62
CA VAL A 99 0.54 -8.72 3.52
C VAL A 99 -0.74 -9.36 2.98
N VAL A 100 -1.07 -8.99 1.74
CA VAL A 100 -2.27 -9.52 1.11
C VAL A 100 -2.20 -11.05 1.08
N ARG A 101 -0.98 -11.55 1.09
CA ARG A 101 -0.77 -13.00 1.08
C ARG A 101 -1.55 -13.66 2.22
N ASP A 102 -1.91 -12.84 3.19
CA ASP A 102 -2.65 -13.34 4.34
C ASP A 102 -4.12 -13.49 3.96
N PRO A 103 -4.93 -14.01 4.93
CA PRO A 103 -6.34 -14.21 4.70
C PRO A 103 -7.10 -12.88 4.75
N GLN A 104 -6.34 -11.81 4.95
CA GLN A 104 -6.92 -10.48 5.02
C GLN A 104 -7.43 -10.04 3.65
N GLY A 105 -6.49 -9.92 2.72
CA GLY A 105 -6.83 -9.52 1.36
C GLY A 105 -7.02 -8.00 1.28
N ILE A 106 -6.99 -7.50 0.05
CA ILE A 106 -7.15 -6.07 -0.18
C ILE A 106 -8.23 -5.53 0.75
N ARG A 107 -9.19 -6.39 1.05
CA ARG A 107 -10.29 -6.01 1.93
C ARG A 107 -9.77 -5.13 3.07
N ALA A 108 -8.58 -5.48 3.56
CA ALA A 108 -7.97 -4.73 4.64
C ALA A 108 -8.19 -3.23 4.40
N TRP A 109 -8.14 -2.84 3.14
CA TRP A 109 -8.33 -1.46 2.77
C TRP A 109 -9.80 -1.26 2.41
N VAL A 110 -10.66 -1.52 3.39
CA VAL A 110 -12.09 -1.38 3.19
C VAL A 110 -12.36 -0.08 2.42
N ALA A 111 -11.46 0.87 2.58
CA ALA A 111 -11.60 2.15 1.92
C ALA A 111 -11.91 1.92 0.43
N TRP A 112 -11.10 1.06 -0.17
CA TRP A 112 -11.28 0.74 -1.58
C TRP A 112 -12.69 0.21 -1.77
N ARG A 113 -13.21 -0.43 -0.73
CA ARG A 113 -14.54 -0.99 -0.76
C ARG A 113 -15.59 0.14 -0.79
N ALA A 114 -15.13 1.33 -0.45
CA ALA A 114 -16.00 2.50 -0.43
C ALA A 114 -15.36 3.62 -1.24
N HIS A 115 -14.61 3.23 -2.26
CA HIS A 115 -13.95 4.19 -3.11
C HIS A 115 -13.79 3.60 -4.51
N CYS A 116 -13.38 2.35 -4.56
CA CYS A 116 -13.18 1.67 -5.82
C CYS A 116 -14.51 1.01 -6.22
N GLN A 117 -15.02 0.19 -5.32
CA GLN A 117 -16.27 -0.51 -5.56
C GLN A 117 -17.45 0.46 -5.44
N ASN A 118 -17.38 1.53 -6.21
CA ASN A 118 -18.43 2.54 -6.19
C ASN A 118 -18.68 3.04 -7.61
N ARG A 119 -17.61 3.55 -8.23
CA ARG A 119 -17.70 4.06 -9.58
C ARG A 119 -16.59 3.46 -10.45
N ASP A 120 -16.45 4.00 -11.65
CA ASP A 120 -15.45 3.53 -12.57
C ASP A 120 -14.12 4.23 -12.29
N LEU A 121 -13.24 3.51 -11.60
CA LEU A 121 -11.93 4.05 -11.26
C LEU A 121 -10.94 3.74 -12.38
N SER A 122 -11.48 3.23 -13.48
CA SER A 122 -10.66 2.89 -14.63
C SER A 122 -10.22 4.15 -15.36
N GLN A 123 -11.03 5.20 -15.21
CA GLN A 123 -10.74 6.46 -15.86
C GLN A 123 -9.50 7.11 -15.23
N TYR A 124 -9.13 6.60 -14.07
CA TYR A 124 -7.97 7.11 -13.36
C TYR A 124 -6.67 6.54 -13.95
N ILE A 125 -6.74 5.27 -14.30
CA ILE A 125 -5.59 4.59 -14.88
C ILE A 125 -5.60 4.76 -16.40
N ARG A 126 -6.81 4.80 -16.95
CA ARG A 126 -6.98 4.96 -18.38
C ARG A 126 -6.57 6.37 -18.82
N ASN A 127 -5.35 6.45 -19.33
CA ASN A 127 -4.83 7.73 -19.80
C ASN A 127 -3.30 7.64 -19.90
N CYS A 128 -2.73 6.74 -19.09
CA CYS A 128 -1.30 6.55 -19.08
C CYS A 128 -0.90 5.81 -20.36
N GLY A 129 -1.87 5.08 -20.90
CA GLY A 129 -1.64 4.31 -22.12
C GLY A 129 -1.52 2.82 -21.82
N VAL A 130 -2.23 2.40 -20.78
CA VAL A 130 -2.21 1.00 -20.38
C VAL A 130 -3.31 0.25 -21.13
N LYS A 1 8.71 10.62 -1.07
CA LYS A 1 8.64 10.17 -2.45
C LYS A 1 7.25 10.47 -3.01
N VAL A 2 7.22 10.81 -4.30
CA VAL A 2 5.96 11.12 -4.95
C VAL A 2 5.58 9.96 -5.88
N TYR A 3 4.28 9.73 -5.98
CA TYR A 3 3.77 8.66 -6.82
C TYR A 3 2.33 8.94 -7.25
N GLU A 4 2.14 9.08 -8.56
CA GLU A 4 0.83 9.34 -9.10
C GLU A 4 0.28 8.10 -9.80
N ARG A 5 -0.99 8.17 -10.18
CA ARG A 5 -1.64 7.07 -10.85
C ARG A 5 -0.71 6.47 -11.92
N CYS A 6 -0.26 7.34 -12.80
CA CYS A 6 0.63 6.92 -13.88
C CYS A 6 1.85 6.23 -13.24
N GLU A 7 2.74 7.05 -12.70
CA GLU A 7 3.94 6.53 -12.07
C GLU A 7 3.64 5.22 -11.34
N PHE A 8 2.79 5.31 -10.32
CA PHE A 8 2.42 4.16 -9.54
C PHE A 8 2.06 2.97 -10.46
N ALA A 9 1.23 3.26 -11.44
CA ALA A 9 0.81 2.24 -12.38
C ALA A 9 2.03 1.62 -13.05
N ARG A 10 2.86 2.51 -13.61
CA ARG A 10 4.07 2.07 -14.28
C ARG A 10 4.90 1.18 -13.36
N THR A 11 5.22 1.72 -12.20
CA THR A 11 6.01 1.00 -11.22
C THR A 11 5.38 -0.37 -10.95
N LEU A 12 4.11 -0.34 -10.56
CA LEU A 12 3.38 -1.56 -10.26
C LEU A 12 3.60 -2.56 -11.40
N LYS A 13 3.37 -2.09 -12.61
CA LYS A 13 3.52 -2.92 -13.79
C LYS A 13 4.99 -3.31 -13.93
N ARG A 14 5.86 -2.44 -13.45
CA ARG A 14 7.29 -2.67 -13.52
C ARG A 14 7.72 -3.65 -12.43
N ASN A 15 6.93 -3.70 -11.38
CA ASN A 15 7.21 -4.59 -10.27
C ASN A 15 6.54 -5.94 -10.51
N GLY A 16 5.33 -5.89 -11.05
CA GLY A 16 4.58 -7.10 -11.33
C GLY A 16 3.36 -7.22 -10.42
N MET A 17 2.64 -6.12 -10.30
CA MET A 17 1.46 -6.10 -9.46
C MET A 17 0.22 -5.65 -10.25
N ALA A 18 0.45 -4.67 -11.11
CA ALA A 18 -0.62 -4.14 -11.94
C ALA A 18 -1.32 -5.28 -12.65
N GLY A 19 -2.56 -5.54 -12.24
CA GLY A 19 -3.34 -6.61 -12.85
C GLY A 19 -3.02 -7.96 -12.19
N TYR A 20 -2.60 -7.89 -10.94
CA TYR A 20 -2.26 -9.09 -10.19
C TYR A 20 -3.35 -10.15 -10.34
N TYR A 21 -3.09 -11.31 -9.74
CA TYR A 21 -4.04 -12.40 -9.79
C TYR A 21 -5.47 -11.88 -9.75
N GLY A 22 -5.76 -11.10 -8.73
CA GLY A 22 -7.09 -10.53 -8.56
C GLY A 22 -7.05 -9.01 -8.64
N VAL A 23 -6.31 -8.42 -7.70
CA VAL A 23 -6.18 -6.97 -7.65
C VAL A 23 -5.87 -6.44 -9.05
N SER A 24 -6.76 -5.60 -9.56
CA SER A 24 -6.58 -5.02 -10.87
C SER A 24 -5.77 -3.72 -10.77
N LEU A 25 -4.97 -3.48 -11.79
CA LEU A 25 -4.15 -2.29 -11.84
C LEU A 25 -4.96 -1.09 -11.35
N ALA A 26 -6.15 -0.96 -11.94
CA ALA A 26 -7.04 0.13 -11.57
C ALA A 26 -7.34 0.07 -10.07
N ASP A 27 -7.56 -1.14 -9.60
CA ASP A 27 -7.86 -1.36 -8.18
C ASP A 27 -6.65 -0.93 -7.35
N TRP A 28 -5.47 -1.20 -7.89
CA TRP A 28 -4.25 -0.84 -7.20
C TRP A 28 -4.17 0.68 -7.10
N VAL A 29 -4.21 1.32 -8.27
CA VAL A 29 -4.16 2.77 -8.34
C VAL A 29 -5.27 3.36 -7.47
N CYS A 30 -6.49 2.99 -7.80
CA CYS A 30 -7.65 3.48 -7.07
C CYS A 30 -7.38 3.29 -5.57
N LEU A 31 -6.91 2.09 -5.23
CA LEU A 31 -6.61 1.78 -3.85
C LEU A 31 -5.57 2.77 -3.31
N ALA A 32 -4.45 2.84 -4.02
CA ALA A 32 -3.38 3.74 -3.62
C ALA A 32 -3.90 5.17 -3.61
N GLN A 33 -4.97 5.39 -4.36
CA GLN A 33 -5.57 6.71 -4.45
C GLN A 33 -6.37 7.01 -3.18
N HIS A 34 -7.27 6.09 -2.86
CA HIS A 34 -8.10 6.25 -1.67
C HIS A 34 -7.21 6.37 -0.43
N GLU A 35 -6.03 5.78 -0.54
CA GLU A 35 -5.08 5.82 0.56
C GLU A 35 -4.45 7.21 0.67
N SER A 36 -3.76 7.59 -0.39
CA SER A 36 -3.09 8.89 -0.42
C SER A 36 -1.99 8.88 -1.47
N ASN A 37 -2.39 8.65 -2.72
CA ASN A 37 -1.44 8.62 -3.81
C ASN A 37 -0.70 9.96 -3.88
N TYR A 38 -0.15 10.23 -5.05
CA TYR A 38 0.59 11.46 -5.27
C TYR A 38 1.88 11.48 -4.44
N ASN A 39 1.71 11.34 -3.14
CA ASN A 39 2.84 11.34 -2.23
C ASN A 39 2.86 10.03 -1.44
N THR A 40 4.05 9.66 -0.98
CA THR A 40 4.21 8.44 -0.21
C THR A 40 5.06 8.69 1.03
N ARG A 41 4.82 9.84 1.65
CA ARG A 41 5.55 10.21 2.85
C ARG A 41 4.67 10.05 4.09
N ALA A 42 3.47 9.54 3.86
CA ALA A 42 2.53 9.32 4.95
C ALA A 42 3.26 8.73 6.15
N THR A 43 3.31 9.50 7.23
CA THR A 43 3.97 9.07 8.44
C THR A 43 3.24 9.60 9.67
N ASN A 44 2.94 8.68 10.59
CA ASN A 44 2.24 9.05 11.80
C ASN A 44 2.71 8.14 12.94
N TYR A 45 3.66 8.65 13.71
CA TYR A 45 4.19 7.89 14.84
C TYR A 45 3.39 8.16 16.11
N ASN A 46 3.39 7.16 16.98
CA ASN A 46 2.66 7.27 18.23
C ASN A 46 3.16 6.20 19.20
N ARG A 47 3.96 6.65 20.16
CA ARG A 47 4.51 5.76 21.16
C ARG A 47 3.50 5.49 22.26
N GLY A 48 2.69 6.50 22.54
CA GLY A 48 1.67 6.39 23.57
C GLY A 48 1.05 4.99 23.58
N ASP A 49 0.76 4.49 22.39
CA ASP A 49 0.17 3.18 22.24
C ASP A 49 1.08 2.30 21.39
N GLN A 50 2.38 2.58 21.49
CA GLN A 50 3.37 1.82 20.73
C GLN A 50 2.79 1.42 19.37
N SER A 51 2.35 2.41 18.63
CA SER A 51 1.78 2.18 17.31
C SER A 51 2.19 3.30 16.36
N THR A 52 2.26 2.95 15.08
CA THR A 52 2.63 3.92 14.06
C THR A 52 1.89 3.63 12.75
N ASP A 53 1.75 4.67 11.94
CA ASP A 53 1.06 4.53 10.66
C ASP A 53 1.81 5.35 9.61
N TYR A 54 2.31 4.65 8.61
CA TYR A 54 3.04 5.29 7.52
C TYR A 54 2.90 4.51 6.22
N GLY A 55 3.32 5.13 5.14
CA GLY A 55 3.25 4.52 3.83
C GLY A 55 2.07 5.07 3.02
N ILE A 56 2.27 5.14 1.72
CA ILE A 56 1.23 5.65 0.84
C ILE A 56 -0.07 4.89 1.09
N PHE A 57 0.08 3.64 1.50
CA PHE A 57 -1.07 2.80 1.77
C PHE A 57 -1.46 2.88 3.25
N GLN A 58 -0.97 3.93 3.90
CA GLN A 58 -1.25 4.14 5.31
C GLN A 58 -1.27 2.80 6.05
N ILE A 59 -0.07 2.26 6.26
CA ILE A 59 0.05 0.99 6.95
C ILE A 59 0.45 1.25 8.41
N ASN A 60 -0.13 0.45 9.30
CA ASN A 60 0.15 0.58 10.72
C ASN A 60 1.34 -0.32 11.08
N SER A 61 2.23 0.23 11.89
CA SER A 61 3.41 -0.52 12.32
C SER A 61 3.11 -1.23 13.64
N ARG A 62 1.84 -1.24 14.00
CA ARG A 62 1.42 -1.88 15.25
C ARG A 62 1.15 -3.37 15.00
N TYR A 63 0.66 -3.66 13.80
CA TYR A 63 0.36 -5.03 13.43
C TYR A 63 1.25 -5.51 12.30
N TRP A 64 1.79 -4.54 11.56
CA TRP A 64 2.67 -4.86 10.44
C TRP A 64 4.07 -4.33 10.79
N CYS A 65 5.04 -4.76 9.99
CA CYS A 65 6.41 -4.34 10.20
C CYS A 65 6.85 -4.79 11.59
N ASN A 66 8.15 -4.88 11.77
CA ASN A 66 8.71 -5.30 13.05
C ASN A 66 9.74 -4.26 13.51
N ASP A 67 10.34 -4.55 14.65
CA ASP A 67 11.35 -3.67 15.21
C ASP A 67 12.25 -4.45 16.16
N GLY A 68 11.62 -5.23 17.02
CA GLY A 68 12.35 -6.04 17.99
C GLY A 68 12.71 -5.22 19.22
N LYS A 69 12.32 -3.95 19.19
CA LYS A 69 12.60 -3.06 20.30
C LYS A 69 11.37 -2.97 21.21
N THR A 70 10.26 -3.46 20.68
CA THR A 70 9.00 -3.45 21.42
C THR A 70 8.35 -4.82 21.38
N PRO A 71 8.39 -5.53 22.55
CA PRO A 71 7.80 -6.85 22.66
C PRO A 71 6.28 -6.76 22.73
N ARG A 72 5.69 -6.23 21.66
CA ARG A 72 4.25 -6.09 21.60
C ARG A 72 3.78 -6.20 20.14
N ALA A 73 4.38 -5.37 19.29
CA ALA A 73 4.03 -5.37 17.88
C ALA A 73 3.91 -6.81 17.38
N VAL A 74 3.16 -6.97 16.31
CA VAL A 74 2.94 -8.28 15.73
C VAL A 74 3.24 -8.23 14.22
N ASN A 75 4.46 -7.86 13.90
CA ASN A 75 4.89 -7.76 12.51
C ASN A 75 4.28 -8.92 11.73
N ALA A 76 3.18 -8.63 11.05
CA ALA A 76 2.51 -9.64 10.25
C ALA A 76 3.06 -9.61 8.83
N CYS A 77 3.78 -8.55 8.53
CA CYS A 77 4.38 -8.39 7.21
C CYS A 77 5.77 -9.04 7.22
N GLY A 78 6.40 -8.96 8.39
CA GLY A 78 7.73 -9.53 8.55
C GLY A 78 8.77 -8.69 7.81
N ILE A 79 8.79 -7.41 8.14
CA ILE A 79 9.75 -6.50 7.52
C ILE A 79 10.07 -5.38 8.50
N ASN A 80 11.24 -4.78 8.29
CA ASN A 80 11.69 -3.69 9.15
C ASN A 80 10.86 -2.44 8.84
N CYS A 81 10.29 -1.88 9.90
CA CYS A 81 9.48 -0.68 9.76
C CYS A 81 10.25 0.33 8.90
N SER A 82 11.56 0.36 9.11
CA SER A 82 12.41 1.27 8.37
C SER A 82 12.26 1.03 6.87
N ALA A 83 12.03 -0.22 6.52
CA ALA A 83 11.86 -0.60 5.13
C ALA A 83 10.67 0.18 4.54
N LEU A 84 9.78 0.60 5.43
CA LEU A 84 8.61 1.35 5.01
C LEU A 84 8.89 2.85 5.17
N LEU A 85 10.15 3.15 5.46
CA LEU A 85 10.55 4.54 5.63
C LEU A 85 11.65 4.88 4.62
N GLN A 86 11.68 4.11 3.54
CA GLN A 86 12.67 4.32 2.49
C GLN A 86 12.10 5.22 1.40
N ASP A 87 12.79 5.22 0.27
CA ASP A 87 12.37 6.03 -0.87
C ASP A 87 11.44 5.20 -1.75
N ASP A 88 12.04 4.27 -2.48
CA ASP A 88 11.27 3.41 -3.36
C ASP A 88 10.13 2.76 -2.58
N ILE A 89 9.01 2.57 -3.28
CA ILE A 89 7.85 1.97 -2.66
C ILE A 89 7.98 0.44 -2.72
N THR A 90 9.13 -0.01 -3.19
CA THR A 90 9.40 -1.43 -3.30
C THR A 90 8.91 -2.16 -2.05
N ALA A 91 9.08 -1.50 -0.91
CA ALA A 91 8.66 -2.07 0.36
C ALA A 91 7.13 -2.02 0.46
N ALA A 92 6.58 -0.91 0.00
CA ALA A 92 5.13 -0.73 0.03
C ALA A 92 4.47 -1.80 -0.84
N ILE A 93 5.11 -2.11 -1.95
CA ILE A 93 4.60 -3.10 -2.87
C ILE A 93 4.82 -4.50 -2.27
N GLN A 94 6.07 -4.75 -1.88
CA GLN A 94 6.42 -6.04 -1.30
C GLN A 94 5.53 -6.33 -0.09
N CYS A 95 5.35 -5.31 0.73
CA CYS A 95 4.53 -5.46 1.93
C CYS A 95 3.08 -5.58 1.49
N ALA A 96 2.68 -4.68 0.60
CA ALA A 96 1.32 -4.67 0.10
C ALA A 96 0.92 -6.10 -0.32
N LYS A 97 1.84 -6.74 -1.04
CA LYS A 97 1.60 -8.09 -1.50
C LYS A 97 1.71 -9.06 -0.33
N ARG A 98 2.72 -8.83 0.50
CA ARG A 98 2.94 -9.67 1.67
C ARG A 98 1.75 -9.57 2.62
N VAL A 99 1.02 -8.48 2.50
CA VAL A 99 -0.14 -8.24 3.34
C VAL A 99 -1.37 -8.88 2.68
N VAL A 100 -1.66 -8.43 1.47
CA VAL A 100 -2.79 -8.93 0.72
C VAL A 100 -2.66 -10.45 0.55
N ARG A 101 -1.41 -10.91 0.61
CA ARG A 101 -1.13 -12.33 0.48
C ARG A 101 -1.88 -13.13 1.55
N ASP A 102 -2.33 -12.41 2.57
CA ASP A 102 -3.07 -13.03 3.66
C ASP A 102 -4.53 -13.22 3.24
N PRO A 103 -5.32 -13.84 4.16
CA PRO A 103 -6.72 -14.09 3.90
C PRO A 103 -7.53 -12.80 4.04
N GLN A 104 -6.83 -11.71 4.32
CA GLN A 104 -7.46 -10.42 4.47
C GLN A 104 -7.98 -9.93 3.11
N GLY A 105 -7.05 -9.72 2.19
CA GLY A 105 -7.39 -9.25 0.87
C GLY A 105 -7.60 -7.73 0.86
N ILE A 106 -7.51 -7.17 -0.33
CA ILE A 106 -7.68 -5.73 -0.49
C ILE A 106 -8.89 -5.27 0.35
N ARG A 107 -9.82 -6.20 0.54
CA ARG A 107 -11.02 -5.92 1.31
C ARG A 107 -10.68 -5.01 2.50
N ALA A 108 -9.53 -5.29 3.10
CA ALA A 108 -9.08 -4.50 4.25
C ALA A 108 -9.36 -3.02 3.99
N TRP A 109 -9.18 -2.63 2.74
CA TRP A 109 -9.40 -1.25 2.36
C TRP A 109 -10.83 -1.14 1.82
N VAL A 110 -11.78 -1.42 2.70
CA VAL A 110 -13.19 -1.36 2.32
C VAL A 110 -13.44 -0.10 1.49
N ALA A 111 -12.61 0.91 1.75
CA ALA A 111 -12.73 2.17 1.04
C ALA A 111 -12.85 1.90 -0.46
N TRP A 112 -11.96 1.05 -0.94
CA TRP A 112 -11.97 0.70 -2.36
C TRP A 112 -13.32 0.03 -2.67
N ARG A 113 -13.83 -0.68 -1.69
CA ARG A 113 -15.11 -1.36 -1.87
C ARG A 113 -16.23 -0.34 -2.06
N ALA A 114 -15.92 0.89 -1.73
CA ALA A 114 -16.90 1.97 -1.87
C ALA A 114 -16.29 3.10 -2.70
N HIS A 115 -15.42 2.72 -3.62
CA HIS A 115 -14.76 3.69 -4.48
C HIS A 115 -14.45 3.04 -5.84
N CYS A 116 -13.92 1.83 -5.77
CA CYS A 116 -13.57 1.10 -6.98
C CYS A 116 -14.79 0.29 -7.42
N GLN A 117 -15.29 -0.52 -6.50
CA GLN A 117 -16.45 -1.34 -6.77
C GLN A 117 -17.71 -0.49 -6.84
N ASN A 118 -17.68 0.51 -7.71
CA ASN A 118 -18.80 1.41 -7.86
C ASN A 118 -18.87 1.88 -9.32
N ARG A 119 -17.86 2.63 -9.71
CA ARG A 119 -17.78 3.14 -11.07
C ARG A 119 -16.53 2.62 -11.78
N ASP A 120 -16.28 3.18 -12.96
CA ASP A 120 -15.14 2.77 -13.74
C ASP A 120 -13.94 3.68 -13.39
N LEU A 121 -13.09 3.16 -12.51
CA LEU A 121 -11.92 3.91 -12.09
C LEU A 121 -10.73 3.54 -12.98
N SER A 122 -11.05 2.87 -14.08
CA SER A 122 -10.03 2.45 -15.02
C SER A 122 -9.53 3.65 -15.83
N GLN A 123 -10.40 4.64 -15.95
CA GLN A 123 -10.08 5.85 -16.69
C GLN A 123 -8.91 6.57 -16.02
N TYR A 124 -8.65 6.18 -14.78
CA TYR A 124 -7.56 6.79 -14.03
C TYR A 124 -6.20 6.21 -14.44
N ILE A 125 -6.22 4.90 -14.70
CA ILE A 125 -5.01 4.21 -15.09
C ILE A 125 -4.89 4.23 -16.62
N ARG A 126 -6.05 4.18 -17.27
CA ARG A 126 -6.10 4.20 -18.72
C ARG A 126 -5.87 5.61 -19.25
N ASN A 127 -4.67 5.83 -19.76
CA ASN A 127 -4.30 7.14 -20.30
C ASN A 127 -2.79 7.25 -20.41
N CYS A 128 -2.11 6.49 -19.54
CA CYS A 128 -0.66 6.49 -19.54
C CYS A 128 -0.16 5.70 -20.75
N GLY A 129 -1.03 4.80 -21.22
CA GLY A 129 -0.70 3.98 -22.36
C GLY A 129 -0.42 2.54 -21.94
N VAL A 130 -1.12 2.12 -20.89
CA VAL A 130 -0.96 0.77 -20.38
C VAL A 130 -1.94 -0.18 -21.09
N LYS A 1 10.41 11.62 -4.12
CA LYS A 1 9.74 10.61 -3.31
C LYS A 1 8.23 10.76 -3.47
N VAL A 2 7.81 10.92 -4.71
CA VAL A 2 6.39 11.07 -5.01
C VAL A 2 5.97 10.02 -6.03
N TYR A 3 4.76 9.50 -5.85
CA TYR A 3 4.23 8.49 -6.74
C TYR A 3 2.75 8.75 -7.04
N GLU A 4 2.48 9.02 -8.31
CA GLU A 4 1.12 9.28 -8.74
C GLU A 4 0.53 8.04 -9.41
N ARG A 5 -0.79 8.09 -9.62
CA ARG A 5 -1.48 6.99 -10.25
C ARG A 5 -0.66 6.42 -11.42
N CYS A 6 -0.31 7.32 -12.33
CA CYS A 6 0.47 6.92 -13.49
C CYS A 6 1.73 6.20 -13.00
N GLU A 7 2.66 6.97 -12.46
CA GLU A 7 3.90 6.41 -11.96
C GLU A 7 3.64 5.05 -11.30
N PHE A 8 2.90 5.09 -10.21
CA PHE A 8 2.56 3.88 -9.48
C PHE A 8 2.13 2.77 -10.44
N ALA A 9 1.23 3.13 -11.34
CA ALA A 9 0.72 2.17 -12.31
C ALA A 9 1.90 1.61 -13.12
N ARG A 10 2.68 2.51 -13.69
CA ARG A 10 3.83 2.12 -14.49
C ARG A 10 4.69 1.12 -13.71
N THR A 11 5.11 1.55 -12.54
CA THR A 11 5.94 0.71 -11.69
C THR A 11 5.29 -0.66 -11.48
N LEU A 12 4.07 -0.62 -10.98
CA LEU A 12 3.32 -1.85 -10.73
C LEU A 12 3.43 -2.77 -11.95
N LYS A 13 3.09 -2.21 -13.11
CA LYS A 13 3.16 -2.96 -14.35
C LYS A 13 4.61 -3.32 -14.65
N ARG A 14 5.50 -2.47 -14.16
CA ARG A 14 6.93 -2.69 -14.37
C ARG A 14 7.44 -3.80 -13.45
N ASN A 15 6.75 -3.96 -12.34
CA ASN A 15 7.12 -4.99 -11.37
C ASN A 15 6.40 -6.29 -11.71
N GLY A 16 5.13 -6.15 -12.06
CA GLY A 16 4.32 -7.30 -12.40
C GLY A 16 3.23 -7.54 -11.35
N MET A 17 2.43 -6.51 -11.11
CA MET A 17 1.36 -6.60 -10.14
C MET A 17 0.04 -6.09 -10.72
N ALA A 18 0.15 -5.00 -11.48
CA ALA A 18 -1.02 -4.40 -12.10
C ALA A 18 -1.84 -5.49 -12.78
N GLY A 19 -3.03 -5.72 -12.25
CA GLY A 19 -3.92 -6.73 -12.80
C GLY A 19 -3.64 -8.10 -12.19
N TYR A 20 -3.15 -8.08 -10.96
CA TYR A 20 -2.83 -9.31 -10.26
C TYR A 20 -3.98 -10.31 -10.35
N TYR A 21 -3.76 -11.48 -9.77
CA TYR A 21 -4.77 -12.52 -9.78
C TYR A 21 -6.18 -11.94 -9.68
N GLY A 22 -6.34 -11.03 -8.73
CA GLY A 22 -7.62 -10.39 -8.52
C GLY A 22 -7.47 -8.86 -8.49
N VAL A 23 -6.71 -8.40 -7.53
CA VAL A 23 -6.48 -6.97 -7.37
C VAL A 23 -6.20 -6.35 -8.74
N SER A 24 -7.04 -5.39 -9.10
CA SER A 24 -6.91 -4.72 -10.39
C SER A 24 -6.01 -3.48 -10.23
N LEU A 25 -5.32 -3.16 -11.32
CA LEU A 25 -4.43 -2.01 -11.32
C LEU A 25 -5.17 -0.80 -10.74
N ALA A 26 -6.41 -0.64 -11.17
CA ALA A 26 -7.23 0.46 -10.72
C ALA A 26 -7.36 0.40 -9.20
N ASP A 27 -7.57 -0.82 -8.70
CA ASP A 27 -7.72 -1.03 -7.27
C ASP A 27 -6.38 -0.76 -6.58
N TRP A 28 -5.30 -1.09 -7.30
CA TRP A 28 -3.96 -0.89 -6.78
C TRP A 28 -3.71 0.62 -6.68
N VAL A 29 -3.80 1.28 -7.81
CA VAL A 29 -3.59 2.71 -7.87
C VAL A 29 -4.53 3.40 -6.88
N CYS A 30 -5.82 3.16 -7.07
CA CYS A 30 -6.83 3.74 -6.21
C CYS A 30 -6.46 3.45 -4.75
N LEU A 31 -6.09 2.20 -4.52
CA LEU A 31 -5.69 1.78 -3.18
C LEU A 31 -4.63 2.73 -2.64
N ALA A 32 -3.50 2.76 -3.33
CA ALA A 32 -2.41 3.62 -2.93
C ALA A 32 -2.89 5.07 -2.84
N GLN A 33 -3.89 5.37 -3.66
CA GLN A 33 -4.47 6.71 -3.69
C GLN A 33 -5.23 6.99 -2.39
N HIS A 34 -6.14 6.08 -2.07
CA HIS A 34 -6.94 6.22 -0.86
C HIS A 34 -6.04 6.12 0.36
N GLU A 35 -4.95 5.38 0.20
CA GLU A 35 -3.99 5.20 1.28
C GLU A 35 -3.22 6.49 1.54
N SER A 36 -2.53 6.95 0.50
CA SER A 36 -1.75 8.18 0.59
C SER A 36 -0.70 8.21 -0.52
N ASN A 37 -1.17 7.99 -1.74
CA ASN A 37 -0.29 8.01 -2.89
C ASN A 37 0.36 9.39 -3.01
N TYR A 38 0.69 9.74 -4.25
CA TYR A 38 1.32 11.02 -4.52
C TYR A 38 2.67 11.13 -3.80
N ASN A 39 2.60 11.11 -2.48
CA ASN A 39 3.80 11.21 -1.66
C ASN A 39 4.15 9.83 -1.12
N THR A 40 5.45 9.55 -1.09
CA THR A 40 5.93 8.27 -0.58
C THR A 40 6.52 8.43 0.81
N ARG A 41 5.91 9.34 1.57
CA ARG A 41 6.36 9.60 2.93
C ARG A 41 5.26 9.25 3.93
N ALA A 42 4.24 8.57 3.42
CA ALA A 42 3.12 8.18 4.26
C ALA A 42 3.64 7.61 5.57
N THR A 43 3.52 8.40 6.63
CA THR A 43 3.97 8.00 7.94
C THR A 43 3.11 8.64 9.02
N ASN A 44 2.52 7.79 9.85
CA ASN A 44 1.67 8.25 10.93
C ASN A 44 1.74 7.26 12.09
N TYR A 45 2.56 7.60 13.08
CA TYR A 45 2.73 6.74 14.24
C TYR A 45 1.72 7.10 15.32
N ASN A 46 1.50 6.15 16.22
CA ASN A 46 0.56 6.35 17.32
C ASN A 46 0.81 5.30 18.40
N ARG A 47 1.40 5.76 19.49
CA ARG A 47 1.70 4.87 20.60
C ARG A 47 0.42 4.54 21.37
N GLY A 48 -0.49 5.49 21.39
CA GLY A 48 -1.76 5.31 22.08
C GLY A 48 -2.25 3.88 21.96
N ASP A 49 -2.03 3.30 20.78
CA ASP A 49 -2.44 1.93 20.53
C ASP A 49 -1.27 1.14 19.97
N GLN A 50 -0.07 1.51 20.42
CA GLN A 50 1.13 0.84 19.97
C GLN A 50 1.00 0.45 18.49
N SER A 51 0.62 1.42 17.69
CA SER A 51 0.45 1.17 16.26
C SER A 51 0.96 2.38 15.46
N THR A 52 1.37 2.10 14.23
CA THR A 52 1.88 3.14 13.36
C THR A 52 1.49 2.86 11.91
N ASP A 53 1.00 3.90 11.25
CA ASP A 53 0.58 3.78 9.86
C ASP A 53 1.65 4.40 8.95
N TYR A 54 2.45 3.53 8.35
CA TYR A 54 3.51 3.96 7.47
C TYR A 54 3.41 3.27 6.11
N GLY A 55 4.03 3.89 5.12
CA GLY A 55 4.03 3.35 3.77
C GLY A 55 2.96 4.02 2.91
N ILE A 56 3.27 4.15 1.62
CA ILE A 56 2.35 4.76 0.69
C ILE A 56 0.98 4.09 0.80
N PHE A 57 1.01 2.81 1.11
CA PHE A 57 -0.22 2.04 1.25
C PHE A 57 -0.72 2.09 2.70
N GLN A 58 -0.30 3.12 3.41
CA GLN A 58 -0.70 3.29 4.79
C GLN A 58 -0.79 1.93 5.50
N ILE A 59 0.36 1.30 5.63
CA ILE A 59 0.42 0.00 6.28
C ILE A 59 0.63 0.19 7.79
N ASN A 60 -0.16 -0.54 8.56
CA ASN A 60 -0.06 -0.46 10.01
C ASN A 60 1.13 -1.29 10.49
N SER A 61 2.00 -0.63 11.23
CA SER A 61 3.18 -1.29 11.77
C SER A 61 2.83 -2.06 13.05
N ARG A 62 1.54 -2.10 13.33
CA ARG A 62 1.06 -2.79 14.52
C ARG A 62 0.80 -4.26 14.20
N TYR A 63 1.27 -4.68 13.03
CA TYR A 63 1.10 -6.06 12.60
C TYR A 63 2.14 -6.44 11.55
N TRP A 64 2.45 -5.48 10.69
CA TRP A 64 3.43 -5.70 9.63
C TRP A 64 4.61 -4.76 9.89
N CYS A 65 5.70 -5.02 9.18
CA CYS A 65 6.89 -4.21 9.31
C CYS A 65 7.36 -4.27 10.76
N ASN A 66 8.65 -4.06 10.95
CA ASN A 66 9.23 -4.09 12.29
C ASN A 66 9.56 -2.65 12.73
N ASP A 67 10.23 -2.57 13.86
CA ASP A 67 10.61 -1.27 14.40
C ASP A 67 11.72 -1.46 15.43
N GLY A 68 11.52 -2.44 16.30
CA GLY A 68 12.49 -2.74 17.34
C GLY A 68 12.44 -1.68 18.45
N LYS A 69 11.53 -0.73 18.28
CA LYS A 69 11.38 0.34 19.24
C LYS A 69 10.16 0.06 20.12
N THR A 70 9.51 -1.05 19.84
CA THR A 70 8.32 -1.44 20.58
C THR A 70 8.27 -2.96 20.75
N PRO A 71 8.57 -3.42 21.99
CA PRO A 71 8.57 -4.84 22.30
C PRO A 71 7.14 -5.37 22.41
N ARG A 72 6.37 -5.15 21.35
CA ARG A 72 4.99 -5.60 21.32
C ARG A 72 4.56 -5.90 19.88
N ALA A 73 4.93 -4.99 18.99
CA ALA A 73 4.59 -5.15 17.58
C ALA A 73 4.99 -6.55 17.12
N VAL A 74 4.72 -6.82 15.85
CA VAL A 74 5.05 -8.12 15.27
C VAL A 74 5.35 -7.94 13.78
N ASN A 75 6.63 -7.82 13.48
CA ASN A 75 7.07 -7.65 12.11
C ASN A 75 6.79 -8.94 11.33
N ALA A 76 5.52 -9.28 11.23
CA ALA A 76 5.11 -10.48 10.53
C ALA A 76 5.56 -10.37 9.06
N CYS A 77 5.89 -9.16 8.67
CA CYS A 77 6.34 -8.91 7.30
C CYS A 77 7.86 -9.10 7.25
N GLY A 78 8.50 -8.75 8.36
CA GLY A 78 9.95 -8.87 8.46
C GLY A 78 10.65 -7.88 7.52
N ILE A 79 10.24 -6.62 7.64
CA ILE A 79 10.82 -5.58 6.82
C ILE A 79 10.75 -4.25 7.56
N ASN A 80 11.92 -3.69 7.81
CA ASN A 80 12.00 -2.42 8.52
C ASN A 80 11.07 -1.40 7.86
N CYS A 81 10.18 -0.85 8.67
CA CYS A 81 9.22 0.12 8.19
C CYS A 81 9.98 1.17 7.36
N SER A 82 11.25 1.33 7.70
CA SER A 82 12.09 2.28 7.00
C SER A 82 12.13 1.95 5.51
N ALA A 83 12.01 0.67 5.21
CA ALA A 83 12.04 0.20 3.83
C ALA A 83 10.84 0.79 3.08
N LEU A 84 9.81 1.15 3.86
CA LEU A 84 8.61 1.72 3.29
C LEU A 84 8.64 3.25 3.46
N LEU A 85 9.82 3.75 3.81
CA LEU A 85 9.99 5.17 4.01
C LEU A 85 10.97 5.72 2.97
N GLN A 86 11.34 4.84 2.03
CA GLN A 86 12.26 5.22 0.98
C GLN A 86 11.51 5.39 -0.34
N ASP A 87 12.26 5.26 -1.43
CA ASP A 87 11.69 5.41 -2.76
C ASP A 87 11.22 4.03 -3.24
N ASP A 88 12.17 3.11 -3.31
CA ASP A 88 11.86 1.76 -3.77
C ASP A 88 10.65 1.23 -3.01
N ILE A 89 9.55 1.10 -3.75
CA ILE A 89 8.32 0.60 -3.17
C ILE A 89 8.35 -0.92 -3.12
N THR A 90 9.49 -1.47 -3.54
CA THR A 90 9.65 -2.91 -3.56
C THR A 90 9.15 -3.52 -2.24
N ALA A 91 9.36 -2.77 -1.16
CA ALA A 91 8.93 -3.24 0.15
C ALA A 91 7.41 -3.12 0.25
N ALA A 92 6.88 -2.06 -0.34
CA ALA A 92 5.45 -1.82 -0.32
C ALA A 92 4.75 -2.94 -1.09
N ILE A 93 5.35 -3.30 -2.21
CA ILE A 93 4.80 -4.34 -3.06
C ILE A 93 4.97 -5.70 -2.37
N GLN A 94 6.19 -5.93 -1.90
CA GLN A 94 6.50 -7.18 -1.22
C GLN A 94 5.56 -7.38 -0.02
N CYS A 95 5.47 -6.34 0.79
CA CYS A 95 4.61 -6.39 1.97
C CYS A 95 3.15 -6.42 1.50
N ALA A 96 2.86 -5.61 0.49
CA ALA A 96 1.52 -5.55 -0.04
C ALA A 96 1.03 -6.97 -0.35
N LYS A 97 1.86 -7.71 -1.07
CA LYS A 97 1.52 -9.07 -1.43
C LYS A 97 1.59 -9.96 -0.18
N ARG A 98 2.60 -9.71 0.64
CA ARG A 98 2.80 -10.46 1.85
C ARG A 98 1.62 -10.22 2.81
N VAL A 99 0.93 -9.12 2.59
CA VAL A 99 -0.21 -8.77 3.43
C VAL A 99 -1.48 -9.38 2.82
N VAL A 100 -1.74 -9.01 1.58
CA VAL A 100 -2.92 -9.52 0.88
C VAL A 100 -2.89 -11.05 0.88
N ARG A 101 -1.68 -11.58 0.88
CA ARG A 101 -1.52 -13.03 0.89
C ARG A 101 -2.33 -13.66 2.02
N ASP A 102 -2.58 -12.86 3.04
CA ASP A 102 -3.33 -13.32 4.18
C ASP A 102 -4.82 -13.42 3.81
N PRO A 103 -5.64 -13.89 4.78
CA PRO A 103 -7.06 -14.03 4.56
C PRO A 103 -7.76 -12.68 4.58
N GLN A 104 -6.96 -11.64 4.77
CA GLN A 104 -7.49 -10.29 4.81
C GLN A 104 -8.00 -9.86 3.44
N GLY A 105 -7.09 -9.84 2.48
CA GLY A 105 -7.44 -9.46 1.12
C GLY A 105 -7.58 -7.95 0.99
N ILE A 106 -7.53 -7.48 -0.25
CA ILE A 106 -7.66 -6.06 -0.52
C ILE A 106 -8.79 -5.47 0.33
N ARG A 107 -9.74 -6.34 0.65
CA ARG A 107 -10.88 -5.92 1.45
C ARG A 107 -10.41 -5.02 2.61
N ALA A 108 -9.25 -5.35 3.14
CA ALA A 108 -8.68 -4.59 4.25
C ALA A 108 -8.77 -3.10 3.92
N TRP A 109 -8.66 -2.79 2.64
CA TRP A 109 -8.72 -1.41 2.19
C TRP A 109 -10.14 -1.14 1.70
N VAL A 110 -11.10 -1.62 2.47
CA VAL A 110 -12.51 -1.44 2.13
C VAL A 110 -12.71 -0.02 1.59
N ALA A 111 -11.86 0.88 2.05
CA ALA A 111 -11.94 2.28 1.62
C ALA A 111 -12.13 2.33 0.10
N TRP A 112 -11.25 1.61 -0.60
CA TRP A 112 -11.31 1.57 -2.04
C TRP A 112 -12.68 1.02 -2.44
N ARG A 113 -13.17 0.10 -1.63
CA ARG A 113 -14.47 -0.51 -1.88
C ARG A 113 -15.59 0.46 -1.53
N ALA A 114 -15.22 1.53 -0.85
CA ALA A 114 -16.18 2.54 -0.44
C ALA A 114 -15.74 3.91 -0.95
N HIS A 115 -15.05 3.88 -2.09
CA HIS A 115 -14.56 5.11 -2.70
C HIS A 115 -14.47 4.92 -4.22
N CYS A 116 -13.84 3.82 -4.60
CA CYS A 116 -13.68 3.51 -6.01
C CYS A 116 -14.89 2.70 -6.48
N GLN A 117 -15.10 1.57 -5.81
CA GLN A 117 -16.21 0.70 -6.14
C GLN A 117 -17.44 1.53 -6.52
N ASN A 118 -17.53 2.70 -5.91
CA ASN A 118 -18.64 3.60 -6.16
C ASN A 118 -18.86 3.72 -7.68
N ARG A 119 -17.79 4.11 -8.37
CA ARG A 119 -17.85 4.26 -9.81
C ARG A 119 -16.69 3.51 -10.47
N ASP A 120 -16.52 3.78 -11.76
CA ASP A 120 -15.46 3.14 -12.52
C ASP A 120 -14.20 4.01 -12.46
N LEU A 121 -13.27 3.60 -11.62
CA LEU A 121 -12.03 4.33 -11.47
C LEU A 121 -10.95 3.69 -12.35
N SER A 122 -11.41 2.91 -13.31
CA SER A 122 -10.50 2.23 -14.22
C SER A 122 -9.86 3.24 -15.18
N GLN A 123 -10.52 4.38 -15.31
CA GLN A 123 -10.03 5.43 -16.18
C GLN A 123 -8.87 6.17 -15.53
N TYR A 124 -8.66 5.87 -14.24
CA TYR A 124 -7.58 6.49 -13.50
C TYR A 124 -6.23 5.91 -13.90
N ILE A 125 -6.27 4.69 -14.42
CA ILE A 125 -5.06 4.02 -14.84
C ILE A 125 -4.99 3.99 -16.37
N ARG A 126 -6.18 3.98 -16.98
CA ARG A 126 -6.27 3.96 -18.42
C ARG A 126 -5.95 5.34 -19.00
N ASN A 127 -5.67 6.26 -18.09
CA ASN A 127 -5.34 7.63 -18.50
C ASN A 127 -3.85 7.70 -18.85
N CYS A 128 -3.10 6.77 -18.31
CA CYS A 128 -1.67 6.72 -18.56
C CYS A 128 -1.44 6.21 -19.97
N GLY A 129 -2.41 5.45 -20.46
CA GLY A 129 -2.33 4.89 -21.80
C GLY A 129 -1.94 3.41 -21.75
N VAL A 130 -2.34 2.76 -20.67
CA VAL A 130 -2.04 1.34 -20.49
C VAL A 130 -3.17 0.50 -21.10
N LYS A 1 8.21 7.85 -0.76
CA LYS A 1 8.67 9.13 -1.26
C LYS A 1 7.55 9.80 -2.06
N VAL A 2 7.72 9.80 -3.37
CA VAL A 2 6.73 10.40 -4.24
C VAL A 2 6.35 9.41 -5.35
N TYR A 3 5.05 9.24 -5.53
CA TYR A 3 4.54 8.32 -6.53
C TYR A 3 3.12 8.70 -6.96
N GLU A 4 2.97 8.96 -8.25
CA GLU A 4 1.68 9.33 -8.79
C GLU A 4 1.04 8.15 -9.51
N ARG A 5 -0.25 8.28 -9.78
CA ARG A 5 -0.98 7.23 -10.47
C ARG A 5 -0.10 6.60 -11.55
N CYS A 6 0.17 7.38 -12.58
CA CYS A 6 0.98 6.90 -13.68
C CYS A 6 2.19 6.16 -13.11
N GLU A 7 3.10 6.94 -12.53
CA GLU A 7 4.30 6.37 -11.94
C GLU A 7 3.98 5.01 -11.31
N PHE A 8 3.18 5.05 -10.25
CA PHE A 8 2.79 3.84 -9.56
C PHE A 8 2.36 2.76 -10.54
N ALA A 9 1.47 3.13 -11.45
CA ALA A 9 0.96 2.21 -12.44
C ALA A 9 2.15 1.54 -13.15
N ARG A 10 3.05 2.38 -13.65
CA ARG A 10 4.22 1.88 -14.35
C ARG A 10 5.03 0.97 -13.44
N THR A 11 5.32 1.47 -12.25
CA THR A 11 6.08 0.70 -11.28
C THR A 11 5.40 -0.64 -10.98
N LEU A 12 4.14 -0.53 -10.60
CA LEU A 12 3.36 -1.73 -10.29
C LEU A 12 3.48 -2.73 -11.44
N LYS A 13 3.24 -2.22 -12.64
CA LYS A 13 3.31 -3.05 -13.83
C LYS A 13 4.75 -3.52 -14.03
N ARG A 14 5.68 -2.69 -13.57
CA ARG A 14 7.09 -2.99 -13.70
C ARG A 14 7.53 -3.99 -12.62
N ASN A 15 6.73 -4.03 -11.56
CA ASN A 15 7.02 -4.93 -10.45
C ASN A 15 6.33 -6.27 -10.71
N GLY A 16 5.12 -6.19 -11.24
CA GLY A 16 4.35 -7.39 -11.54
C GLY A 16 3.19 -7.55 -10.55
N MET A 17 2.51 -6.44 -10.29
CA MET A 17 1.39 -6.45 -9.37
C MET A 17 0.13 -5.88 -10.03
N ALA A 18 0.34 -4.84 -10.84
CA ALA A 18 -0.76 -4.19 -11.53
C ALA A 18 -1.60 -5.26 -12.24
N GLY A 19 -2.82 -5.43 -11.74
CA GLY A 19 -3.73 -6.41 -12.31
C GLY A 19 -3.42 -7.81 -11.79
N TYR A 20 -2.99 -7.86 -10.54
CA TYR A 20 -2.67 -9.13 -9.91
C TYR A 20 -3.80 -10.14 -10.09
N TYR A 21 -3.58 -11.33 -9.56
CA TYR A 21 -4.57 -12.39 -9.66
C TYR A 21 -5.99 -11.82 -9.56
N GLY A 22 -6.22 -11.05 -8.50
CA GLY A 22 -7.52 -10.45 -8.28
C GLY A 22 -7.43 -8.92 -8.31
N VAL A 23 -6.61 -8.39 -7.41
CA VAL A 23 -6.42 -6.95 -7.32
C VAL A 23 -6.15 -6.39 -8.71
N SER A 24 -6.99 -5.46 -9.12
CA SER A 24 -6.84 -4.83 -10.43
C SER A 24 -5.96 -3.59 -10.32
N LEU A 25 -5.13 -3.41 -11.34
CA LEU A 25 -4.22 -2.28 -11.38
C LEU A 25 -4.97 -1.02 -10.92
N ALA A 26 -6.15 -0.83 -11.51
CA ALA A 26 -6.96 0.33 -11.18
C ALA A 26 -7.26 0.32 -9.68
N ASP A 27 -7.53 -0.87 -9.16
CA ASP A 27 -7.83 -1.02 -7.75
C ASP A 27 -6.59 -0.68 -6.92
N TRP A 28 -5.44 -1.06 -7.47
CA TRP A 28 -4.17 -0.80 -6.80
C TRP A 28 -3.99 0.71 -6.71
N VAL A 29 -4.06 1.36 -7.87
CA VAL A 29 -3.90 2.80 -7.93
C VAL A 29 -4.97 3.47 -7.05
N CYS A 30 -6.22 3.26 -7.44
CA CYS A 30 -7.34 3.84 -6.72
C CYS A 30 -7.11 3.60 -5.22
N LEU A 31 -6.66 2.39 -4.91
CA LEU A 31 -6.39 2.03 -3.53
C LEU A 31 -5.35 2.98 -2.94
N ALA A 32 -4.23 3.07 -3.62
CA ALA A 32 -3.15 3.93 -3.18
C ALA A 32 -3.61 5.39 -3.25
N GLN A 33 -4.65 5.61 -4.04
CA GLN A 33 -5.20 6.93 -4.21
C GLN A 33 -5.99 7.35 -2.96
N HIS A 34 -6.96 6.52 -2.61
CA HIS A 34 -7.79 6.79 -1.44
C HIS A 34 -6.91 6.82 -0.19
N GLU A 35 -5.78 6.13 -0.29
CA GLU A 35 -4.85 6.08 0.83
C GLU A 35 -4.08 7.40 0.95
N SER A 36 -3.30 7.69 -0.08
CA SER A 36 -2.51 8.91 -0.11
C SER A 36 -1.34 8.76 -1.08
N ASN A 37 -1.69 8.61 -2.35
CA ASN A 37 -0.69 8.45 -3.39
C ASN A 37 0.14 9.74 -3.48
N TYR A 38 0.72 9.95 -4.65
CA TYR A 38 1.53 11.13 -4.89
C TYR A 38 2.76 11.14 -3.96
N ASN A 39 2.48 11.17 -2.67
CA ASN A 39 3.54 11.19 -1.68
C ASN A 39 3.28 10.10 -0.64
N THR A 40 4.36 9.57 -0.08
CA THR A 40 4.26 8.53 0.92
C THR A 40 4.50 9.11 2.32
N ARG A 41 3.80 10.20 2.60
CA ARG A 41 3.92 10.86 3.89
C ARG A 41 2.92 10.26 4.89
N ALA A 42 1.91 9.59 4.34
CA ALA A 42 0.90 8.97 5.17
C ALA A 42 1.55 8.34 6.40
N THR A 43 1.45 9.05 7.51
CA THR A 43 2.02 8.57 8.75
C THR A 43 1.11 8.93 9.94
N ASN A 44 0.93 7.96 10.82
CA ASN A 44 0.10 8.16 12.00
C ASN A 44 0.59 7.28 13.13
N TYR A 45 1.44 7.86 13.97
CA TYR A 45 2.00 7.12 15.10
C TYR A 45 1.11 7.28 16.34
N ASN A 46 1.26 6.33 17.24
CA ASN A 46 0.48 6.34 18.48
C ASN A 46 1.16 5.45 19.52
N ARG A 47 1.82 6.10 20.46
CA ARG A 47 2.51 5.38 21.52
C ARG A 47 1.52 4.86 22.55
N GLY A 48 0.44 5.61 22.71
CA GLY A 48 -0.60 5.24 23.66
C GLY A 48 -0.73 3.72 23.75
N ASP A 49 -0.57 3.08 22.61
CA ASP A 49 -0.67 1.63 22.54
C ASP A 49 0.45 1.08 21.67
N GLN A 50 1.60 1.72 21.76
CA GLN A 50 2.76 1.31 20.98
C GLN A 50 2.33 0.81 19.60
N SER A 51 1.52 1.64 18.95
CA SER A 51 1.03 1.30 17.62
C SER A 51 1.19 2.49 16.68
N THR A 52 1.42 2.19 15.41
CA THR A 52 1.60 3.22 14.41
C THR A 52 0.93 2.81 13.10
N ASP A 53 0.75 3.79 12.23
CA ASP A 53 0.13 3.54 10.94
C ASP A 53 0.68 4.53 9.91
N TYR A 54 1.51 4.00 9.01
CA TYR A 54 2.11 4.81 7.97
C TYR A 54 2.35 4.00 6.70
N GLY A 55 2.70 4.71 5.64
CA GLY A 55 2.97 4.07 4.37
C GLY A 55 1.90 4.44 3.33
N ILE A 56 2.22 4.18 2.07
CA ILE A 56 1.31 4.47 0.98
C ILE A 56 -0.11 4.08 1.41
N PHE A 57 -0.28 2.80 1.70
CA PHE A 57 -1.58 2.29 2.12
C PHE A 57 -1.75 2.39 3.64
N GLN A 58 -0.99 3.30 4.23
CA GLN A 58 -1.04 3.51 5.66
C GLN A 58 -1.15 2.16 6.39
N ILE A 59 -0.01 1.49 6.49
CA ILE A 59 0.05 0.20 7.14
C ILE A 59 0.32 0.42 8.64
N ASN A 60 -0.24 -0.47 9.44
CA ASN A 60 -0.06 -0.40 10.89
C ASN A 60 1.29 -1.00 11.26
N SER A 61 2.00 -0.29 12.13
CA SER A 61 3.31 -0.74 12.58
C SER A 61 3.17 -1.57 13.85
N ARG A 62 1.93 -1.75 14.27
CA ARG A 62 1.64 -2.52 15.47
C ARG A 62 1.48 -4.00 15.13
N TYR A 63 0.84 -4.25 14.00
CA TYR A 63 0.62 -5.61 13.55
C TYR A 63 1.58 -5.98 12.43
N TRP A 64 1.69 -5.08 11.47
CA TRP A 64 2.58 -5.29 10.34
C TRP A 64 3.89 -4.56 10.61
N CYS A 65 4.93 -5.00 9.93
CA CYS A 65 6.25 -4.40 10.09
C CYS A 65 6.68 -4.58 11.55
N ASN A 66 7.99 -4.75 11.72
CA ASN A 66 8.54 -4.93 13.06
C ASN A 66 8.89 -3.56 13.65
N ASP A 67 10.15 -3.18 13.49
CA ASP A 67 10.62 -1.90 14.00
C ASP A 67 12.12 -1.77 13.73
N GLY A 68 12.82 -2.87 14.00
CA GLY A 68 14.26 -2.88 13.79
C GLY A 68 15.00 -2.38 15.03
N LYS A 69 14.22 -1.98 16.02
CA LYS A 69 14.78 -1.49 17.27
C LYS A 69 14.04 -2.10 18.45
N THR A 70 12.72 -2.09 18.34
CA THR A 70 11.88 -2.65 19.39
C THR A 70 11.26 -3.98 18.94
N PRO A 71 11.85 -5.09 19.47
CA PRO A 71 11.37 -6.42 19.12
C PRO A 71 10.06 -6.73 19.83
N ARG A 72 9.05 -5.90 19.55
CA ARG A 72 7.75 -6.08 20.16
C ARG A 72 6.69 -6.28 19.08
N ALA A 73 6.58 -5.29 18.21
CA ALA A 73 5.62 -5.35 17.12
C ALA A 73 5.55 -6.77 16.57
N VAL A 74 4.34 -7.22 16.29
CA VAL A 74 4.13 -8.55 15.76
C VAL A 74 4.18 -8.50 14.23
N ASN A 75 5.29 -8.00 13.72
CA ASN A 75 5.48 -7.89 12.29
C ASN A 75 4.89 -9.13 11.61
N ALA A 76 3.66 -8.97 11.14
CA ALA A 76 2.97 -10.07 10.46
C ALA A 76 3.38 -10.09 8.99
N CYS A 77 3.94 -8.97 8.55
CA CYS A 77 4.37 -8.84 7.17
C CYS A 77 5.81 -9.31 7.07
N GLY A 78 6.55 -9.08 8.15
CA GLY A 78 7.95 -9.48 8.20
C GLY A 78 8.81 -8.55 7.34
N ILE A 79 8.80 -7.28 7.70
CA ILE A 79 9.58 -6.29 6.97
C ILE A 79 10.00 -5.17 7.94
N ASN A 80 11.05 -4.47 7.55
CA ASN A 80 11.56 -3.38 8.36
C ASN A 80 10.58 -2.21 8.33
N CYS A 81 10.15 -1.81 9.51
CA CYS A 81 9.20 -0.70 9.64
C CYS A 81 9.72 0.46 8.79
N SER A 82 10.99 0.76 8.98
CA SER A 82 11.62 1.85 8.25
C SER A 82 11.42 1.66 6.74
N ALA A 83 11.24 0.40 6.36
CA ALA A 83 11.04 0.06 4.97
C ALA A 83 9.74 0.70 4.48
N LEU A 84 8.95 1.19 5.42
CA LEU A 84 7.69 1.82 5.10
C LEU A 84 7.88 3.34 5.08
N LEU A 85 9.14 3.76 5.14
CA LEU A 85 9.45 5.17 5.12
C LEU A 85 10.72 5.39 4.29
N GLN A 86 10.95 4.47 3.36
CA GLN A 86 12.11 4.56 2.49
C GLN A 86 11.73 5.19 1.16
N ASP A 87 12.63 5.03 0.19
CA ASP A 87 12.40 5.58 -1.13
C ASP A 87 11.62 4.57 -1.98
N ASP A 88 12.31 3.50 -2.35
CA ASP A 88 11.70 2.46 -3.16
C ASP A 88 10.51 1.86 -2.39
N ILE A 89 9.38 1.81 -3.08
CA ILE A 89 8.17 1.27 -2.49
C ILE A 89 8.18 -0.25 -2.60
N THR A 90 9.29 -0.77 -3.13
CA THR A 90 9.44 -2.21 -3.29
C THR A 90 8.95 -2.94 -2.05
N ALA A 91 9.19 -2.33 -0.90
CA ALA A 91 8.77 -2.92 0.37
C ALA A 91 7.26 -2.79 0.51
N ALA A 92 6.76 -1.62 0.11
CA ALA A 92 5.33 -1.35 0.19
C ALA A 92 4.59 -2.33 -0.72
N ILE A 93 5.21 -2.66 -1.84
CA ILE A 93 4.62 -3.57 -2.79
C ILE A 93 4.71 -5.00 -2.24
N GLN A 94 5.93 -5.39 -1.88
CA GLN A 94 6.16 -6.71 -1.35
C GLN A 94 5.25 -6.97 -0.14
N CYS A 95 5.14 -5.96 0.70
CA CYS A 95 4.30 -6.07 1.88
C CYS A 95 2.84 -6.10 1.43
N ALA A 96 2.47 -5.10 0.65
CA ALA A 96 1.11 -5.01 0.15
C ALA A 96 0.65 -6.38 -0.32
N LYS A 97 1.51 -7.04 -1.09
CA LYS A 97 1.20 -8.36 -1.62
C LYS A 97 1.24 -9.37 -0.47
N ARG A 98 2.26 -9.24 0.37
CA ARG A 98 2.42 -10.13 1.50
C ARG A 98 1.24 -9.98 2.46
N VAL A 99 0.53 -8.87 2.32
CA VAL A 99 -0.62 -8.60 3.16
C VAL A 99 -1.88 -9.16 2.49
N VAL A 100 -2.12 -8.69 1.27
CA VAL A 100 -3.27 -9.14 0.51
C VAL A 100 -3.26 -10.66 0.40
N ARG A 101 -2.05 -11.21 0.35
CA ARG A 101 -1.88 -12.65 0.25
C ARG A 101 -2.68 -13.36 1.35
N ASP A 102 -2.91 -12.63 2.43
CA ASP A 102 -3.65 -13.18 3.56
C ASP A 102 -5.14 -13.25 3.20
N PRO A 103 -5.94 -13.79 4.16
CA PRO A 103 -7.37 -13.91 3.95
C PRO A 103 -8.06 -12.56 4.07
N GLN A 104 -7.26 -11.53 4.30
CA GLN A 104 -7.78 -10.18 4.45
C GLN A 104 -8.33 -9.68 3.11
N GLY A 105 -7.43 -9.57 2.14
CA GLY A 105 -7.81 -9.12 0.82
C GLY A 105 -8.01 -7.60 0.80
N ILE A 106 -8.02 -7.05 -0.40
CA ILE A 106 -8.20 -5.61 -0.56
C ILE A 106 -9.39 -5.15 0.29
N ARG A 107 -10.33 -6.06 0.46
CA ARG A 107 -11.52 -5.77 1.25
C ARG A 107 -11.14 -5.01 2.53
N ALA A 108 -9.94 -5.31 3.02
CA ALA A 108 -9.44 -4.66 4.22
C ALA A 108 -9.59 -3.15 4.09
N TRP A 109 -9.46 -2.69 2.85
CA TRP A 109 -9.59 -1.27 2.56
C TRP A 109 -10.96 -1.02 1.97
N VAL A 110 -11.98 -1.22 2.78
CA VAL A 110 -13.36 -1.02 2.34
C VAL A 110 -13.46 0.30 1.58
N ALA A 111 -12.54 1.21 1.90
CA ALA A 111 -12.51 2.51 1.25
C ALA A 111 -12.62 2.32 -0.25
N TRP A 112 -11.83 1.39 -0.77
CA TRP A 112 -11.82 1.10 -2.18
C TRP A 112 -13.23 0.66 -2.58
N ARG A 113 -13.89 -0.02 -1.65
CA ARG A 113 -15.24 -0.51 -1.89
C ARG A 113 -16.20 0.66 -2.06
N ALA A 114 -15.74 1.83 -1.67
CA ALA A 114 -16.55 3.03 -1.77
C ALA A 114 -15.76 4.11 -2.52
N HIS A 115 -14.94 3.66 -3.47
CA HIS A 115 -14.14 4.56 -4.26
C HIS A 115 -13.90 3.96 -5.65
N CYS A 116 -13.56 2.68 -5.66
CA CYS A 116 -13.30 1.98 -6.90
C CYS A 116 -14.63 1.38 -7.39
N GLN A 117 -15.26 0.62 -6.52
CA GLN A 117 -16.52 -0.01 -6.84
C GLN A 117 -17.58 1.04 -7.17
N ASN A 118 -17.25 2.29 -6.83
CA ASN A 118 -18.16 3.39 -7.08
C ASN A 118 -18.38 3.53 -8.60
N ARG A 119 -17.31 3.90 -9.29
CA ARG A 119 -17.38 4.06 -10.73
C ARG A 119 -16.18 3.38 -11.41
N ASP A 120 -16.03 3.65 -12.68
CA ASP A 120 -14.94 3.08 -13.45
C ASP A 120 -13.71 3.99 -13.35
N LEU A 121 -12.77 3.56 -12.53
CA LEU A 121 -11.55 4.32 -12.33
C LEU A 121 -10.42 3.69 -13.14
N SER A 122 -10.82 2.94 -14.16
CA SER A 122 -9.86 2.27 -15.03
C SER A 122 -9.19 3.30 -15.95
N GLN A 123 -9.88 4.42 -16.13
CA GLN A 123 -9.37 5.48 -16.98
C GLN A 123 -8.22 6.21 -16.29
N TYR A 124 -8.04 5.90 -15.02
CA TYR A 124 -6.99 6.52 -14.23
C TYR A 124 -5.62 5.95 -14.61
N ILE A 125 -5.62 4.68 -14.97
CA ILE A 125 -4.38 4.00 -15.36
C ILE A 125 -4.23 4.08 -16.89
N ARG A 126 -5.36 3.98 -17.56
CA ARG A 126 -5.36 4.03 -19.02
C ARG A 126 -5.17 5.47 -19.50
N ASN A 127 -3.95 5.74 -19.95
CA ASN A 127 -3.62 7.07 -20.44
C ASN A 127 -2.10 7.23 -20.47
N CYS A 128 -1.44 6.49 -19.59
CA CYS A 128 0.01 6.54 -19.50
C CYS A 128 0.60 5.84 -20.72
N GLY A 129 -0.20 4.94 -21.28
CA GLY A 129 0.23 4.18 -22.44
C GLY A 129 0.48 2.72 -22.09
N VAL A 130 -0.29 2.23 -21.11
CA VAL A 130 -0.15 0.85 -20.67
C VAL A 130 -1.10 -0.03 -21.49
N LYS A 1 9.52 7.25 -3.78
CA LYS A 1 9.39 8.30 -2.78
C LYS A 1 8.26 9.25 -3.19
N VAL A 2 8.16 9.48 -4.48
CA VAL A 2 7.13 10.36 -5.01
C VAL A 2 6.69 9.86 -6.39
N TYR A 3 5.43 9.47 -6.47
CA TYR A 3 4.88 8.97 -7.72
C TYR A 3 3.35 9.09 -7.72
N GLU A 4 2.81 9.41 -8.90
CA GLU A 4 1.38 9.55 -9.06
C GLU A 4 0.79 8.29 -9.70
N ARG A 5 -0.53 8.32 -9.85
CA ARG A 5 -1.24 7.19 -10.44
C ARG A 5 -0.41 6.60 -11.59
N CYS A 6 0.02 7.49 -12.48
CA CYS A 6 0.81 7.07 -13.63
C CYS A 6 2.04 6.32 -13.11
N GLU A 7 3.00 7.09 -12.63
CA GLU A 7 4.23 6.50 -12.11
C GLU A 7 3.93 5.18 -11.40
N PHE A 8 3.18 5.29 -10.31
CA PHE A 8 2.82 4.11 -9.54
C PHE A 8 2.40 2.95 -10.44
N ALA A 9 1.49 3.26 -11.36
CA ALA A 9 1.01 2.27 -12.30
C ALA A 9 2.18 1.69 -13.08
N ARG A 10 2.94 2.59 -13.70
CA ARG A 10 4.09 2.20 -14.48
C ARG A 10 4.97 1.22 -13.68
N THR A 11 5.38 1.66 -12.51
CA THR A 11 6.21 0.84 -11.64
C THR A 11 5.53 -0.51 -11.38
N LEU A 12 4.31 -0.43 -10.89
CA LEU A 12 3.55 -1.64 -10.59
C LEU A 12 3.68 -2.62 -11.76
N LYS A 13 3.40 -2.11 -12.95
CA LYS A 13 3.47 -2.92 -14.15
C LYS A 13 4.94 -3.27 -14.43
N ARG A 14 5.82 -2.39 -13.98
CA ARG A 14 7.25 -2.60 -14.18
C ARG A 14 7.76 -3.68 -13.22
N ASN A 15 7.06 -3.82 -12.11
CA ASN A 15 7.43 -4.81 -11.11
C ASN A 15 6.72 -6.12 -11.42
N GLY A 16 5.45 -6.00 -11.79
CA GLY A 16 4.65 -7.17 -12.10
C GLY A 16 3.58 -7.40 -11.03
N MET A 17 2.86 -6.35 -10.72
CA MET A 17 1.81 -6.42 -9.71
C MET A 17 0.47 -5.95 -10.27
N ALA A 18 0.54 -4.90 -11.07
CA ALA A 18 -0.66 -4.34 -11.68
C ALA A 18 -1.49 -5.47 -12.29
N GLY A 19 -2.65 -5.69 -11.69
CA GLY A 19 -3.54 -6.74 -12.17
C GLY A 19 -3.24 -8.08 -11.48
N TYR A 20 -2.73 -7.97 -10.26
CA TYR A 20 -2.40 -9.15 -9.48
C TYR A 20 -3.54 -10.16 -9.50
N TYR A 21 -3.31 -11.28 -8.84
CA TYR A 21 -4.31 -12.33 -8.78
C TYR A 21 -5.72 -11.75 -8.73
N GLY A 22 -5.95 -10.90 -7.73
CA GLY A 22 -7.24 -10.26 -7.56
C GLY A 22 -7.13 -8.75 -7.74
N VAL A 23 -6.38 -8.14 -6.84
CA VAL A 23 -6.19 -6.69 -6.87
C VAL A 23 -5.93 -6.26 -8.32
N SER A 24 -6.80 -5.39 -8.81
CA SER A 24 -6.69 -4.90 -10.17
C SER A 24 -5.83 -3.64 -10.18
N LEU A 25 -5.09 -3.48 -11.27
CA LEU A 25 -4.22 -2.32 -11.43
C LEU A 25 -4.98 -1.06 -10.99
N ALA A 26 -6.21 -0.95 -11.45
CA ALA A 26 -7.04 0.20 -11.11
C ALA A 26 -7.25 0.23 -9.60
N ASP A 27 -7.47 -0.96 -9.04
CA ASP A 27 -7.70 -1.08 -7.61
C ASP A 27 -6.43 -0.64 -6.86
N TRP A 28 -5.29 -0.99 -7.44
CA TRP A 28 -4.01 -0.64 -6.84
C TRP A 28 -3.88 0.88 -6.86
N VAL A 29 -3.98 1.44 -8.06
CA VAL A 29 -3.87 2.88 -8.23
C VAL A 29 -4.90 3.56 -7.34
N CYS A 30 -6.16 3.24 -7.58
CA CYS A 30 -7.25 3.82 -6.81
C CYS A 30 -6.91 3.67 -5.31
N LEU A 31 -6.42 2.48 -4.97
CA LEU A 31 -6.07 2.19 -3.60
C LEU A 31 -4.95 3.13 -3.16
N ALA A 32 -3.83 3.07 -3.88
CA ALA A 32 -2.69 3.91 -3.58
C ALA A 32 -3.12 5.38 -3.60
N GLN A 33 -4.18 5.64 -4.36
CA GLN A 33 -4.70 7.00 -4.47
C GLN A 33 -5.40 7.41 -3.18
N HIS A 34 -6.37 6.59 -2.78
CA HIS A 34 -7.12 6.86 -1.57
C HIS A 34 -6.17 6.88 -0.37
N GLU A 35 -5.05 6.19 -0.53
CA GLU A 35 -4.06 6.10 0.52
C GLU A 35 -3.29 7.41 0.63
N SER A 36 -2.65 7.79 -0.47
CA SER A 36 -1.87 9.02 -0.52
C SER A 36 -1.31 9.22 -1.92
N ASN A 37 -0.46 8.29 -2.33
CA ASN A 37 0.15 8.35 -3.65
C ASN A 37 0.89 9.68 -3.79
N TYR A 38 1.31 9.96 -5.02
CA TYR A 38 2.02 11.20 -5.29
C TYR A 38 3.31 11.29 -4.48
N ASN A 39 3.15 11.55 -3.19
CA ASN A 39 4.29 11.66 -2.30
C ASN A 39 4.14 10.65 -1.16
N THR A 40 5.24 10.02 -0.81
CA THR A 40 5.25 9.03 0.26
C THR A 40 5.33 9.73 1.62
N ARG A 41 4.34 10.57 1.89
CA ARG A 41 4.29 11.29 3.14
C ARG A 41 3.28 10.65 4.09
N ALA A 42 2.44 9.80 3.52
CA ALA A 42 1.42 9.12 4.30
C ALA A 42 2.08 8.44 5.51
N THR A 43 2.11 9.16 6.61
CA THR A 43 2.70 8.66 7.83
C THR A 43 1.83 9.02 9.04
N ASN A 44 1.62 8.03 9.89
CA ASN A 44 0.81 8.24 11.09
C ASN A 44 1.30 7.30 12.20
N TYR A 45 2.21 7.82 13.01
CA TYR A 45 2.76 7.05 14.10
C TYR A 45 1.91 7.19 15.36
N ASN A 46 2.00 6.19 16.22
CA ASN A 46 1.24 6.20 17.47
C ASN A 46 1.86 5.19 18.44
N ARG A 47 2.59 5.73 19.41
CA ARG A 47 3.24 4.89 20.41
C ARG A 47 2.21 4.37 21.42
N GLY A 48 1.18 5.17 21.63
CA GLY A 48 0.13 4.80 22.55
C GLY A 48 -0.09 3.29 22.57
N ASP A 49 -0.06 2.71 21.38
CA ASP A 49 -0.26 1.28 21.24
C ASP A 49 0.81 0.71 20.30
N GLN A 50 2.00 1.30 20.38
CA GLN A 50 3.11 0.87 19.55
C GLN A 50 2.60 0.45 18.18
N SER A 51 1.99 1.41 17.48
CA SER A 51 1.47 1.15 16.15
C SER A 51 1.64 2.39 15.27
N THR A 52 2.22 2.16 14.09
CA THR A 52 2.44 3.25 13.16
C THR A 52 1.81 2.92 11.80
N ASP A 53 0.99 3.85 11.32
CA ASP A 53 0.32 3.67 10.04
C ASP A 53 0.93 4.63 9.02
N TYR A 54 1.76 4.07 8.16
CA TYR A 54 2.41 4.86 7.13
C TYR A 54 2.73 4.00 5.90
N GLY A 55 3.00 4.69 4.79
CA GLY A 55 3.32 4.00 3.56
C GLY A 55 2.30 4.33 2.46
N ILE A 56 2.75 4.19 1.22
CA ILE A 56 1.90 4.47 0.07
C ILE A 56 0.54 3.80 0.29
N PHE A 57 0.58 2.63 0.90
CA PHE A 57 -0.63 1.87 1.17
C PHE A 57 -1.00 1.94 2.66
N GLN A 58 -0.50 2.97 3.31
CA GLN A 58 -0.77 3.15 4.73
C GLN A 58 -0.77 1.80 5.45
N ILE A 59 0.43 1.37 5.84
CA ILE A 59 0.59 0.10 6.54
C ILE A 59 0.83 0.37 8.02
N ASN A 60 0.30 -0.52 8.85
CA ASN A 60 0.45 -0.39 10.28
C ASN A 60 1.70 -1.16 10.73
N SER A 61 2.43 -0.56 11.65
CA SER A 61 3.65 -1.16 12.16
C SER A 61 3.32 -2.00 13.40
N ARG A 62 2.03 -2.18 13.64
CA ARG A 62 1.58 -2.95 14.78
C ARG A 62 1.43 -4.43 14.40
N TYR A 63 1.19 -4.64 13.12
CA TYR A 63 1.03 -6.00 12.61
C TYR A 63 2.12 -6.34 11.60
N TRP A 64 2.24 -5.47 10.60
CA TRP A 64 3.24 -5.66 9.55
C TRP A 64 4.43 -4.77 9.88
N CYS A 65 5.56 -5.12 9.27
CA CYS A 65 6.78 -4.35 9.48
C CYS A 65 7.14 -4.41 10.98
N ASN A 66 8.42 -4.27 11.26
CA ASN A 66 8.89 -4.31 12.63
C ASN A 66 9.76 -3.07 12.89
N ASP A 67 10.08 -2.88 14.17
CA ASP A 67 10.89 -1.75 14.56
C ASP A 67 12.06 -2.23 15.42
N GLY A 68 11.73 -3.10 16.37
CA GLY A 68 12.75 -3.66 17.25
C GLY A 68 12.86 -2.82 18.53
N LYS A 69 12.05 -1.78 18.60
CA LYS A 69 12.05 -0.91 19.76
C LYS A 69 11.03 -1.41 20.78
N THR A 70 10.14 -2.27 20.30
CA THR A 70 9.10 -2.83 21.15
C THR A 70 8.90 -4.32 20.83
N PRO A 71 9.39 -5.18 21.77
CA PRO A 71 9.27 -6.61 21.60
C PRO A 71 7.84 -7.08 21.87
N ARG A 72 6.91 -6.50 21.12
CA ARG A 72 5.51 -6.85 21.27
C ARG A 72 4.86 -7.04 19.90
N ALA A 73 5.05 -6.04 19.04
CA ALA A 73 4.49 -6.09 17.70
C ALA A 73 4.73 -7.48 17.10
N VAL A 74 3.93 -7.80 16.10
CA VAL A 74 4.04 -9.09 15.44
C VAL A 74 4.27 -8.87 13.94
N ASN A 75 5.42 -8.30 13.63
CA ASN A 75 5.78 -8.03 12.24
C ASN A 75 5.60 -9.31 11.42
N ALA A 76 4.42 -9.44 10.83
CA ALA A 76 4.12 -10.60 10.02
C ALA A 76 4.76 -10.44 8.64
N CYS A 77 5.28 -9.25 8.40
CA CYS A 77 5.92 -8.94 7.14
C CYS A 77 7.41 -9.28 7.26
N GLY A 78 7.96 -8.98 8.43
CA GLY A 78 9.36 -9.24 8.69
C GLY A 78 10.25 -8.38 7.80
N ILE A 79 10.01 -7.07 7.86
CA ILE A 79 10.79 -6.14 7.07
C ILE A 79 11.00 -4.85 7.87
N ASN A 80 12.03 -4.11 7.48
CA ASN A 80 12.35 -2.87 8.16
C ASN A 80 11.19 -1.88 7.99
N CYS A 81 10.65 -1.47 9.12
CA CYS A 81 9.53 -0.53 9.11
C CYS A 81 9.89 0.64 8.21
N SER A 82 11.10 1.14 8.38
CA SER A 82 11.58 2.26 7.59
C SER A 82 11.37 1.96 6.10
N ALA A 83 11.29 0.68 5.78
CA ALA A 83 11.09 0.26 4.40
C ALA A 83 9.74 0.77 3.92
N LEU A 84 8.92 1.22 4.87
CA LEU A 84 7.61 1.73 4.55
C LEU A 84 7.63 3.25 4.62
N LEU A 85 8.84 3.80 4.61
CA LEU A 85 9.01 5.25 4.68
C LEU A 85 10.15 5.67 3.76
N GLN A 86 10.54 4.74 2.90
CA GLN A 86 11.63 5.00 1.97
C GLN A 86 11.07 5.31 0.57
N ASP A 87 11.97 5.34 -0.39
CA ASP A 87 11.58 5.63 -1.77
C ASP A 87 11.09 4.35 -2.43
N ASP A 88 12.03 3.45 -2.69
CA ASP A 88 11.70 2.19 -3.31
C ASP A 88 10.44 1.61 -2.67
N ILE A 89 9.47 1.29 -3.53
CA ILE A 89 8.21 0.74 -3.06
C ILE A 89 8.31 -0.79 -3.05
N THR A 90 9.50 -1.28 -3.39
CA THR A 90 9.73 -2.72 -3.42
C THR A 90 9.12 -3.38 -2.17
N ALA A 91 9.34 -2.75 -1.03
CA ALA A 91 8.83 -3.26 0.22
C ALA A 91 7.31 -3.04 0.28
N ALA A 92 6.90 -1.91 -0.26
CA ALA A 92 5.48 -1.57 -0.28
C ALA A 92 4.72 -2.64 -1.06
N ILE A 93 5.29 -3.04 -2.19
CA ILE A 93 4.68 -4.05 -3.03
C ILE A 93 4.81 -5.42 -2.34
N GLN A 94 6.03 -5.72 -1.92
CA GLN A 94 6.31 -6.98 -1.26
C GLN A 94 5.40 -7.15 -0.04
N CYS A 95 5.37 -6.11 0.78
CA CYS A 95 4.55 -6.13 1.99
C CYS A 95 3.08 -6.12 1.57
N ALA A 96 2.79 -5.28 0.57
CA ALA A 96 1.43 -5.18 0.07
C ALA A 96 0.87 -6.58 -0.22
N LYS A 97 1.67 -7.36 -0.95
CA LYS A 97 1.28 -8.70 -1.30
C LYS A 97 1.34 -9.59 -0.05
N ARG A 98 2.37 -9.37 0.74
CA ARG A 98 2.56 -10.14 1.95
C ARG A 98 1.42 -9.85 2.94
N VAL A 99 0.78 -8.71 2.74
CA VAL A 99 -0.32 -8.30 3.59
C VAL A 99 -1.63 -8.87 3.03
N VAL A 100 -1.91 -8.50 1.80
CA VAL A 100 -3.12 -8.96 1.14
C VAL A 100 -3.14 -10.49 1.11
N ARG A 101 -1.94 -11.06 1.10
CA ARG A 101 -1.80 -12.51 1.08
C ARG A 101 -2.59 -13.13 2.24
N ASP A 102 -2.91 -12.30 3.22
CA ASP A 102 -3.65 -12.75 4.37
C ASP A 102 -5.14 -12.81 4.02
N PRO A 103 -5.95 -13.29 5.00
CA PRO A 103 -7.39 -13.41 4.81
C PRO A 103 -8.05 -12.04 4.88
N GLN A 104 -7.23 -11.01 5.03
CA GLN A 104 -7.73 -9.65 5.11
C GLN A 104 -8.26 -9.20 3.74
N GLY A 105 -7.34 -9.16 2.78
CA GLY A 105 -7.70 -8.75 1.43
C GLY A 105 -7.83 -7.23 1.35
N ILE A 106 -7.77 -6.72 0.12
CA ILE A 106 -7.88 -5.30 -0.12
C ILE A 106 -8.95 -4.71 0.80
N ARG A 107 -9.92 -5.55 1.12
CA ARG A 107 -11.01 -5.12 2.00
C ARG A 107 -10.48 -4.27 3.14
N ALA A 108 -9.29 -4.65 3.61
CA ALA A 108 -8.66 -3.93 4.71
C ALA A 108 -8.80 -2.43 4.48
N TRP A 109 -8.73 -2.05 3.21
CA TRP A 109 -8.85 -0.65 2.84
C TRP A 109 -10.28 -0.41 2.34
N VAL A 110 -11.23 -0.60 3.24
CA VAL A 110 -12.63 -0.41 2.90
C VAL A 110 -12.77 0.81 1.99
N ALA A 111 -11.88 1.77 2.19
CA ALA A 111 -11.88 2.98 1.39
C ALA A 111 -12.09 2.63 -0.08
N TRP A 112 -11.26 1.70 -0.55
CA TRP A 112 -11.34 1.26 -1.93
C TRP A 112 -12.75 0.69 -2.17
N ARG A 113 -13.26 0.02 -1.16
CA ARG A 113 -14.57 -0.57 -1.24
C ARG A 113 -15.64 0.52 -1.36
N ALA A 114 -15.22 1.74 -1.06
CA ALA A 114 -16.13 2.88 -1.13
C ALA A 114 -15.53 3.94 -2.06
N HIS A 115 -14.76 3.46 -3.03
CA HIS A 115 -14.13 4.35 -3.99
C HIS A 115 -13.95 3.63 -5.33
N CYS A 116 -13.44 2.41 -5.24
CA CYS A 116 -13.21 1.61 -6.43
C CYS A 116 -14.48 0.81 -6.71
N GLN A 117 -14.93 0.09 -5.70
CA GLN A 117 -16.12 -0.73 -5.82
C GLN A 117 -17.36 0.16 -5.87
N ASN A 118 -17.37 1.07 -6.83
CA ASN A 118 -18.49 1.98 -7.00
C ASN A 118 -18.67 2.29 -8.48
N ARG A 119 -17.67 2.97 -9.04
CA ARG A 119 -17.71 3.33 -10.45
C ARG A 119 -16.48 2.79 -11.17
N ASP A 120 -16.33 3.21 -12.41
CA ASP A 120 -15.20 2.77 -13.23
C ASP A 120 -14.02 3.71 -13.00
N LEU A 121 -13.09 3.26 -12.16
CA LEU A 121 -11.92 4.06 -11.85
C LEU A 121 -10.76 3.61 -12.74
N SER A 122 -11.11 2.87 -13.78
CA SER A 122 -10.11 2.38 -14.72
C SER A 122 -9.61 3.53 -15.61
N GLN A 123 -10.43 4.56 -15.70
CA GLN A 123 -10.09 5.71 -16.51
C GLN A 123 -8.94 6.49 -15.87
N TYR A 124 -8.65 6.12 -14.63
CA TYR A 124 -7.57 6.78 -13.89
C TYR A 124 -6.21 6.24 -14.33
N ILE A 125 -6.17 4.94 -14.58
CA ILE A 125 -4.94 4.29 -15.01
C ILE A 125 -4.84 4.35 -16.54
N ARG A 126 -6.00 4.31 -17.17
CA ARG A 126 -6.06 4.37 -18.63
C ARG A 126 -5.80 5.79 -19.12
N ASN A 127 -4.55 6.05 -19.46
CA ASN A 127 -4.17 7.36 -19.95
C ASN A 127 -2.64 7.44 -20.06
N CYS A 128 -1.98 6.66 -19.21
CA CYS A 128 -0.53 6.64 -19.21
C CYS A 128 -0.06 5.86 -20.45
N GLY A 129 -0.94 5.01 -20.94
CA GLY A 129 -0.63 4.22 -22.11
C GLY A 129 -0.50 2.73 -21.75
N VAL A 130 -1.31 2.31 -20.78
CA VAL A 130 -1.29 0.94 -20.33
C VAL A 130 -2.29 0.12 -21.16
N LYS A 1 7.68 6.24 -1.65
CA LYS A 1 8.43 7.48 -1.72
C LYS A 1 7.58 8.56 -2.37
N VAL A 2 7.68 8.64 -3.69
CA VAL A 2 6.91 9.63 -4.44
C VAL A 2 6.50 9.03 -5.79
N TYR A 3 5.19 8.82 -5.93
CA TYR A 3 4.65 8.25 -7.15
C TYR A 3 3.15 8.48 -7.25
N GLU A 4 2.71 8.79 -8.46
CA GLU A 4 1.29 9.04 -8.69
C GLU A 4 0.67 7.88 -9.46
N ARG A 5 -0.63 7.97 -9.66
CA ARG A 5 -1.36 6.93 -10.38
C ARG A 5 -0.50 6.37 -11.51
N CYS A 6 -0.19 7.24 -12.47
CA CYS A 6 0.62 6.84 -13.60
C CYS A 6 1.86 6.12 -13.08
N GLU A 7 2.83 6.91 -12.66
CA GLU A 7 4.07 6.36 -12.13
C GLU A 7 3.79 5.06 -11.39
N PHE A 8 3.06 5.18 -10.30
CA PHE A 8 2.72 4.01 -9.49
C PHE A 8 2.30 2.84 -10.37
N ALA A 9 1.42 3.13 -11.31
CA ALA A 9 0.93 2.10 -12.22
C ALA A 9 2.11 1.51 -12.99
N ARG A 10 2.85 2.38 -13.65
CA ARG A 10 4.01 1.96 -14.42
C ARG A 10 4.88 1.01 -13.59
N THR A 11 5.34 1.53 -12.46
CA THR A 11 6.18 0.76 -11.57
C THR A 11 5.53 -0.58 -11.25
N LEU A 12 4.28 -0.51 -10.78
CA LEU A 12 3.55 -1.70 -10.43
C LEU A 12 3.69 -2.74 -11.56
N LYS A 13 3.36 -2.28 -12.77
CA LYS A 13 3.45 -3.15 -13.93
C LYS A 13 4.92 -3.54 -14.17
N ARG A 14 5.80 -2.64 -13.78
CA ARG A 14 7.23 -2.88 -13.94
C ARG A 14 7.71 -3.88 -12.90
N ASN A 15 6.99 -3.95 -11.79
CA ASN A 15 7.34 -4.86 -10.71
C ASN A 15 6.64 -6.20 -10.95
N GLY A 16 5.40 -6.13 -11.37
CA GLY A 16 4.62 -7.32 -11.63
C GLY A 16 3.46 -7.45 -10.64
N MET A 17 2.89 -6.31 -10.30
CA MET A 17 1.77 -6.27 -9.36
C MET A 17 0.50 -5.74 -10.05
N ALA A 18 0.71 -4.84 -10.99
CA ALA A 18 -0.39 -4.25 -11.72
C ALA A 18 -1.17 -5.35 -12.45
N GLY A 19 -2.36 -5.63 -11.93
CA GLY A 19 -3.21 -6.66 -12.51
C GLY A 19 -2.92 -8.03 -11.89
N TYR A 20 -2.51 -8.00 -10.63
CA TYR A 20 -2.21 -9.22 -9.91
C TYR A 20 -3.33 -10.25 -10.07
N TYR A 21 -3.11 -11.41 -9.48
CA TYR A 21 -4.09 -12.48 -9.55
C TYR A 21 -5.52 -11.92 -9.53
N GLY A 22 -5.80 -11.16 -8.47
CA GLY A 22 -7.12 -10.57 -8.32
C GLY A 22 -7.04 -9.04 -8.40
N VAL A 23 -6.34 -8.47 -7.43
CA VAL A 23 -6.17 -7.03 -7.36
C VAL A 23 -5.77 -6.51 -8.75
N SER A 24 -6.61 -5.63 -9.28
CA SER A 24 -6.35 -5.04 -10.59
C SER A 24 -5.51 -3.77 -10.43
N LEU A 25 -4.72 -3.50 -11.45
CA LEU A 25 -3.87 -2.32 -11.45
C LEU A 25 -4.70 -1.09 -11.08
N ALA A 26 -5.88 -1.02 -11.67
CA ALA A 26 -6.78 0.10 -11.40
C ALA A 26 -7.14 0.11 -9.91
N ASP A 27 -7.37 -1.09 -9.38
CA ASP A 27 -7.72 -1.22 -7.98
C ASP A 27 -6.54 -0.76 -7.11
N TRP A 28 -5.35 -1.12 -7.57
CA TRP A 28 -4.13 -0.76 -6.86
C TRP A 28 -4.04 0.77 -6.82
N VAL A 29 -4.00 1.35 -8.01
CA VAL A 29 -3.91 2.79 -8.14
C VAL A 29 -5.01 3.44 -7.29
N CYS A 30 -6.25 3.14 -7.66
CA CYS A 30 -7.39 3.69 -6.94
C CYS A 30 -7.13 3.56 -5.44
N LEU A 31 -6.70 2.36 -5.05
CA LEU A 31 -6.41 2.10 -3.64
C LEU A 31 -5.38 3.11 -3.14
N ALA A 32 -4.28 3.20 -3.88
CA ALA A 32 -3.22 4.12 -3.52
C ALA A 32 -3.73 5.57 -3.63
N GLN A 33 -4.80 5.72 -4.39
CA GLN A 33 -5.40 7.02 -4.58
C GLN A 33 -6.15 7.46 -3.32
N HIS A 34 -7.08 6.61 -2.90
CA HIS A 34 -7.87 6.89 -1.72
C HIS A 34 -6.99 6.77 -0.47
N GLU A 35 -5.91 6.01 -0.62
CA GLU A 35 -4.99 5.79 0.49
C GLU A 35 -4.12 7.04 0.69
N SER A 36 -3.35 7.36 -0.33
CA SER A 36 -2.47 8.52 -0.27
C SER A 36 -2.03 8.92 -1.68
N ASN A 37 -1.21 8.06 -2.26
CA ASN A 37 -0.69 8.29 -3.60
C ASN A 37 0.39 9.37 -3.54
N TYR A 38 1.06 9.55 -4.67
CA TYR A 38 2.12 10.54 -4.76
C TYR A 38 3.22 10.26 -3.74
N ASN A 39 3.31 11.15 -2.75
CA ASN A 39 4.32 11.01 -1.71
C ASN A 39 3.77 10.12 -0.59
N THR A 40 4.59 9.18 -0.16
CA THR A 40 4.19 8.27 0.91
C THR A 40 4.45 8.91 2.27
N ARG A 41 3.95 10.13 2.43
CA ARG A 41 4.11 10.84 3.68
C ARG A 41 3.12 10.35 4.72
N ALA A 42 2.10 9.64 4.23
CA ALA A 42 1.08 9.10 5.10
C ALA A 42 1.74 8.39 6.28
N THR A 43 1.72 9.07 7.42
CA THR A 43 2.31 8.53 8.63
C THR A 43 1.48 8.92 9.86
N ASN A 44 1.35 7.96 10.77
CA ASN A 44 0.58 8.20 11.98
C ASN A 44 1.14 7.31 13.11
N TYR A 45 2.02 7.90 13.89
CA TYR A 45 2.63 7.18 15.00
C TYR A 45 1.82 7.36 16.28
N ASN A 46 1.87 6.33 17.12
CA ASN A 46 1.14 6.36 18.38
C ASN A 46 1.76 5.34 19.34
N ARG A 47 2.54 5.84 20.29
CA ARG A 47 3.18 4.99 21.27
C ARG A 47 2.19 4.60 22.37
N GLY A 48 1.25 5.50 22.62
CA GLY A 48 0.25 5.26 23.65
C GLY A 48 -0.13 3.78 23.71
N ASP A 49 -0.13 3.15 22.56
CA ASP A 49 -0.47 1.73 22.47
C ASP A 49 0.53 1.03 21.53
N GLN A 50 1.75 1.54 21.53
CA GLN A 50 2.79 0.98 20.69
C GLN A 50 2.20 0.47 19.38
N SER A 51 1.60 1.39 18.64
CA SER A 51 0.99 1.04 17.37
C SER A 51 1.04 2.24 16.42
N THR A 52 1.80 2.08 15.35
CA THR A 52 1.95 3.13 14.36
C THR A 52 1.27 2.74 13.05
N ASP A 53 1.09 3.73 12.19
CA ASP A 53 0.44 3.50 10.91
C ASP A 53 0.99 4.50 9.88
N TYR A 54 1.71 3.97 8.91
CA TYR A 54 2.30 4.80 7.87
C TYR A 54 2.44 4.01 6.56
N GLY A 55 2.79 4.74 5.52
CA GLY A 55 2.96 4.13 4.20
C GLY A 55 1.92 4.65 3.22
N ILE A 56 2.24 4.53 1.93
CA ILE A 56 1.34 4.99 0.89
C ILE A 56 -0.02 4.33 1.07
N PHE A 57 0.01 3.05 1.42
CA PHE A 57 -1.21 2.30 1.63
C PHE A 57 -1.64 2.35 3.09
N GLN A 58 -0.99 3.23 3.84
CA GLN A 58 -1.29 3.38 5.26
C GLN A 58 -1.30 2.02 5.95
N ILE A 59 -0.10 1.54 6.25
CA ILE A 59 0.05 0.24 6.90
C ILE A 59 0.28 0.47 8.40
N ASN A 60 -0.26 -0.45 9.19
CA ASN A 60 -0.12 -0.37 10.63
C ASN A 60 1.15 -1.09 11.06
N SER A 61 1.85 -0.49 12.00
CA SER A 61 3.09 -1.07 12.51
C SER A 61 2.80 -1.92 13.74
N ARG A 62 1.51 -2.05 14.04
CA ARG A 62 1.09 -2.84 15.19
C ARG A 62 0.89 -4.30 14.78
N TYR A 63 0.80 -4.51 13.49
CA TYR A 63 0.61 -5.85 12.95
C TYR A 63 1.67 -6.18 11.90
N TRP A 64 1.79 -5.30 10.93
CA TRP A 64 2.76 -5.49 9.86
C TRP A 64 4.01 -4.68 10.21
N CYS A 65 5.13 -5.12 9.66
CA CYS A 65 6.39 -4.46 9.91
C CYS A 65 6.67 -4.48 11.41
N ASN A 66 7.96 -4.46 11.73
CA ASN A 66 8.37 -4.47 13.14
C ASN A 66 8.62 -3.04 13.61
N ASP A 67 9.90 -2.66 13.57
CA ASP A 67 10.28 -1.33 13.99
C ASP A 67 11.81 -1.22 13.99
N GLY A 68 12.44 -2.22 14.57
CA GLY A 68 13.89 -2.26 14.64
C GLY A 68 14.40 -1.56 15.90
N LYS A 69 13.44 -1.04 16.68
CA LYS A 69 13.78 -0.36 17.91
C LYS A 69 12.97 -0.95 19.07
N THR A 70 11.69 -1.18 18.79
CA THR A 70 10.80 -1.75 19.79
C THR A 70 10.45 -3.20 19.42
N PRO A 71 11.13 -4.14 20.13
CA PRO A 71 10.90 -5.56 19.89
C PRO A 71 9.58 -6.01 20.51
N ARG A 72 8.49 -5.55 19.90
CA ARG A 72 7.16 -5.90 20.37
C ARG A 72 6.22 -6.15 19.19
N ALA A 73 6.13 -5.14 18.33
CA ALA A 73 5.28 -5.24 17.15
C ALA A 73 5.35 -6.66 16.59
N VAL A 74 4.19 -7.17 16.22
CA VAL A 74 4.09 -8.51 15.66
C VAL A 74 4.29 -8.44 14.14
N ASN A 75 5.45 -7.93 13.75
CA ASN A 75 5.76 -7.80 12.34
C ASN A 75 5.38 -9.09 11.62
N ALA A 76 4.18 -9.08 11.05
CA ALA A 76 3.68 -10.24 10.32
C ALA A 76 4.27 -10.24 8.92
N CYS A 77 4.85 -9.11 8.54
CA CYS A 77 5.45 -8.98 7.22
C CYS A 77 6.91 -9.40 7.32
N GLY A 78 7.46 -9.28 8.53
CA GLY A 78 8.84 -9.65 8.76
C GLY A 78 9.80 -8.72 7.99
N ILE A 79 9.62 -7.42 8.21
CA ILE A 79 10.44 -6.43 7.55
C ILE A 79 10.59 -5.21 8.46
N ASN A 80 11.55 -4.36 8.10
CA ASN A 80 11.79 -3.16 8.87
C ASN A 80 10.81 -2.07 8.44
N CYS A 81 10.08 -1.55 9.41
CA CYS A 81 9.10 -0.50 9.14
C CYS A 81 9.78 0.57 8.29
N SER A 82 11.08 0.72 8.50
CA SER A 82 11.85 1.71 7.76
C SER A 82 11.64 1.51 6.26
N ALA A 83 11.39 0.26 5.88
CA ALA A 83 11.17 -0.08 4.49
C ALA A 83 9.88 0.59 4.00
N LEU A 84 9.13 1.13 4.95
CA LEU A 84 7.89 1.80 4.64
C LEU A 84 8.08 3.31 4.70
N LEU A 85 9.35 3.70 4.84
CA LEU A 85 9.70 5.11 4.91
C LEU A 85 10.94 5.37 4.07
N GLN A 86 11.30 4.37 3.28
CA GLN A 86 12.48 4.48 2.42
C GLN A 86 12.06 4.97 1.04
N ASP A 87 13.03 4.94 0.12
CA ASP A 87 12.78 5.38 -1.24
C ASP A 87 12.08 4.27 -2.01
N ASP A 88 12.81 3.20 -2.26
CA ASP A 88 12.27 2.07 -2.99
C ASP A 88 10.98 1.60 -2.30
N ILE A 89 9.96 1.38 -3.12
CA ILE A 89 8.67 0.93 -2.62
C ILE A 89 8.61 -0.59 -2.68
N THR A 90 9.70 -1.19 -3.15
CA THR A 90 9.79 -2.63 -3.26
C THR A 90 9.22 -3.30 -2.01
N ALA A 91 9.46 -2.65 -0.87
CA ALA A 91 8.98 -3.19 0.40
C ALA A 91 7.46 -2.96 0.49
N ALA A 92 7.05 -1.79 0.05
CA ALA A 92 5.63 -1.44 0.08
C ALA A 92 4.85 -2.43 -0.78
N ILE A 93 5.44 -2.79 -1.91
CA ILE A 93 4.81 -3.73 -2.82
C ILE A 93 4.86 -5.14 -2.21
N GLN A 94 6.06 -5.52 -1.80
CA GLN A 94 6.28 -6.83 -1.20
C GLN A 94 5.35 -7.02 0.00
N CYS A 95 5.36 -6.01 0.88
CA CYS A 95 4.53 -6.05 2.07
C CYS A 95 3.07 -5.97 1.64
N ALA A 96 2.81 -5.09 0.68
CA ALA A 96 1.46 -4.91 0.18
C ALA A 96 0.87 -6.27 -0.19
N LYS A 97 1.64 -7.03 -0.95
CA LYS A 97 1.21 -8.34 -1.38
C LYS A 97 1.18 -9.28 -0.18
N ARG A 98 2.22 -9.19 0.63
CA ARG A 98 2.32 -10.03 1.82
C ARG A 98 1.16 -9.73 2.77
N VAL A 99 0.61 -8.53 2.64
CA VAL A 99 -0.50 -8.12 3.48
C VAL A 99 -1.81 -8.63 2.86
N VAL A 100 -2.05 -8.22 1.63
CA VAL A 100 -3.25 -8.61 0.92
C VAL A 100 -3.27 -10.14 0.79
N ARG A 101 -2.10 -10.74 0.89
CA ARG A 101 -1.98 -12.18 0.79
C ARG A 101 -2.69 -12.86 1.95
N ASP A 102 -2.97 -12.06 2.98
CA ASP A 102 -3.64 -12.57 4.16
C ASP A 102 -5.14 -12.73 3.85
N PRO A 103 -5.87 -13.23 4.88
CA PRO A 103 -7.31 -13.43 4.74
C PRO A 103 -8.06 -12.10 4.81
N GLN A 104 -7.29 -11.03 4.94
CA GLN A 104 -7.87 -9.69 5.01
C GLN A 104 -8.47 -9.31 3.66
N GLY A 105 -7.60 -9.25 2.65
CA GLY A 105 -8.03 -8.90 1.31
C GLY A 105 -8.15 -7.38 1.17
N ILE A 106 -8.08 -6.92 -0.07
CA ILE A 106 -8.18 -5.50 -0.36
C ILE A 106 -9.30 -4.90 0.48
N ARG A 107 -10.28 -5.73 0.81
CA ARG A 107 -11.40 -5.29 1.61
C ARG A 107 -10.92 -4.40 2.76
N ALA A 108 -9.75 -4.73 3.28
CA ALA A 108 -9.17 -3.97 4.38
C ALA A 108 -9.34 -2.48 4.09
N TRP A 109 -9.24 -2.13 2.81
CA TRP A 109 -9.37 -0.75 2.40
C TRP A 109 -10.76 -0.57 1.80
N VAL A 110 -11.76 -0.74 2.65
CA VAL A 110 -13.15 -0.60 2.23
C VAL A 110 -13.28 0.65 1.36
N ALA A 111 -12.39 1.60 1.60
CA ALA A 111 -12.39 2.85 0.85
C ALA A 111 -12.52 2.53 -0.64
N TRP A 112 -11.70 1.59 -1.08
CA TRP A 112 -11.70 1.19 -2.48
C TRP A 112 -13.11 0.69 -2.83
N ARG A 113 -13.73 0.04 -1.85
CA ARG A 113 -15.07 -0.49 -2.03
C ARG A 113 -16.06 0.65 -2.24
N ALA A 114 -15.63 1.85 -1.90
CA ALA A 114 -16.46 3.03 -2.03
C ALA A 114 -15.74 4.08 -2.88
N HIS A 115 -14.93 3.58 -3.80
CA HIS A 115 -14.17 4.45 -4.68
C HIS A 115 -13.92 3.75 -6.02
N CYS A 116 -13.54 2.48 -5.92
CA CYS A 116 -13.27 1.70 -7.11
C CYS A 116 -14.57 1.05 -7.56
N GLN A 117 -15.19 0.34 -6.63
CA GLN A 117 -16.45 -0.34 -6.91
C GLN A 117 -17.52 0.67 -7.31
N ASN A 118 -17.23 1.93 -7.04
CA ASN A 118 -18.16 3.00 -7.37
C ASN A 118 -18.38 3.02 -8.89
N ARG A 119 -17.37 3.46 -9.60
CA ARG A 119 -17.43 3.53 -11.05
C ARG A 119 -16.17 2.97 -11.68
N ASP A 120 -16.02 3.24 -12.97
CA ASP A 120 -14.85 2.77 -13.70
C ASP A 120 -13.64 3.62 -13.32
N LEU A 121 -12.78 3.03 -12.49
CA LEU A 121 -11.58 3.72 -12.04
C LEU A 121 -10.39 3.27 -12.89
N SER A 122 -10.71 2.64 -14.01
CA SER A 122 -9.68 2.16 -14.91
C SER A 122 -9.19 3.30 -15.81
N GLN A 123 -9.98 4.36 -15.84
CA GLN A 123 -9.64 5.52 -16.65
C GLN A 123 -8.46 6.28 -16.02
N TYR A 124 -8.23 5.98 -14.75
CA TYR A 124 -7.14 6.63 -14.03
C TYR A 124 -5.79 6.00 -14.39
N ILE A 125 -5.84 4.72 -14.72
CA ILE A 125 -4.63 4.00 -15.08
C ILE A 125 -4.52 3.93 -16.61
N ARG A 126 -5.68 3.97 -17.26
CA ARG A 126 -5.73 3.92 -18.70
C ARG A 126 -5.37 5.28 -19.30
N ASN A 127 -4.35 5.28 -20.15
CA ASN A 127 -3.91 6.50 -20.79
C ASN A 127 -3.14 7.35 -19.78
N CYS A 128 -2.59 6.67 -18.78
CA CYS A 128 -1.83 7.35 -17.75
C CYS A 128 -0.40 7.59 -18.27
N GLY A 129 0.05 6.65 -19.08
CA GLY A 129 1.38 6.73 -19.65
C GLY A 129 2.28 5.59 -19.15
N VAL A 130 1.65 4.44 -18.99
CA VAL A 130 2.37 3.26 -18.52
C VAL A 130 2.94 2.50 -19.73
N LYS A 1 10.06 8.06 -4.03
CA LYS A 1 9.60 8.96 -2.99
C LYS A 1 8.27 9.60 -3.42
N VAL A 2 8.17 9.84 -4.73
CA VAL A 2 6.98 10.44 -5.28
C VAL A 2 6.45 9.57 -6.42
N TYR A 3 5.21 9.12 -6.26
CA TYR A 3 4.58 8.27 -7.25
C TYR A 3 3.11 8.65 -7.43
N GLU A 4 2.78 9.06 -8.65
CA GLU A 4 1.41 9.45 -8.96
C GLU A 4 0.68 8.28 -9.64
N ARG A 5 -0.64 8.42 -9.72
CA ARG A 5 -1.46 7.40 -10.34
C ARG A 5 -0.71 6.76 -11.51
N CYS A 6 -0.31 7.60 -12.46
CA CYS A 6 0.42 7.13 -13.62
C CYS A 6 1.62 6.33 -13.15
N GLU A 7 2.65 7.05 -12.75
CA GLU A 7 3.87 6.42 -12.27
C GLU A 7 3.55 5.12 -11.52
N PHE A 8 2.85 5.28 -10.41
CA PHE A 8 2.46 4.14 -9.59
C PHE A 8 2.01 2.97 -10.47
N ALA A 9 1.06 3.27 -11.34
CA ALA A 9 0.53 2.25 -12.24
C ALA A 9 1.68 1.65 -13.05
N ARG A 10 2.41 2.53 -13.74
CA ARG A 10 3.52 2.09 -14.55
C ARG A 10 4.41 1.14 -13.76
N THR A 11 4.93 1.64 -12.65
CA THR A 11 5.79 0.83 -11.80
C THR A 11 5.14 -0.52 -11.49
N LEU A 12 3.93 -0.45 -10.95
CA LEU A 12 3.20 -1.65 -10.61
C LEU A 12 3.28 -2.64 -11.77
N LYS A 13 2.90 -2.16 -12.94
CA LYS A 13 2.92 -2.99 -14.14
C LYS A 13 4.38 -3.35 -14.48
N ARG A 14 5.29 -2.48 -14.05
CA ARG A 14 6.70 -2.70 -14.29
C ARG A 14 7.25 -3.76 -13.34
N ASN A 15 6.60 -3.87 -12.19
CA ASN A 15 7.00 -4.84 -11.19
C ASN A 15 6.27 -6.16 -11.43
N GLY A 16 4.98 -6.04 -11.72
CA GLY A 16 4.15 -7.20 -11.97
C GLY A 16 3.14 -7.41 -10.84
N MET A 17 2.31 -6.41 -10.65
CA MET A 17 1.29 -6.46 -9.61
C MET A 17 -0.08 -6.10 -10.16
N ALA A 18 -0.09 -5.07 -11.01
CA ALA A 18 -1.34 -4.62 -11.60
C ALA A 18 -1.98 -5.78 -12.38
N GLY A 19 -3.22 -6.07 -12.00
CA GLY A 19 -3.95 -7.16 -12.65
C GLY A 19 -3.80 -8.46 -11.86
N TYR A 20 -3.44 -8.32 -10.60
CA TYR A 20 -3.26 -9.47 -9.73
C TYR A 20 -4.46 -10.41 -9.83
N TYR A 21 -4.39 -11.48 -9.04
CA TYR A 21 -5.47 -12.46 -9.02
C TYR A 21 -6.83 -11.80 -9.21
N GLY A 22 -7.00 -10.66 -8.53
CA GLY A 22 -8.24 -9.91 -8.62
C GLY A 22 -7.97 -8.41 -8.71
N VAL A 23 -7.39 -7.88 -7.65
CA VAL A 23 -7.08 -6.46 -7.60
C VAL A 23 -6.44 -6.04 -8.92
N SER A 24 -7.16 -5.19 -9.64
CA SER A 24 -6.68 -4.70 -10.93
C SER A 24 -5.90 -3.41 -10.73
N LEU A 25 -5.16 -3.03 -11.77
CA LEU A 25 -4.37 -1.83 -11.73
C LEU A 25 -5.21 -0.67 -11.17
N ALA A 26 -6.44 -0.59 -11.67
CA ALA A 26 -7.35 0.45 -11.24
C ALA A 26 -7.56 0.34 -9.73
N ASP A 27 -7.72 -0.89 -9.27
CA ASP A 27 -7.93 -1.15 -7.85
C ASP A 27 -6.69 -0.72 -7.08
N TRP A 28 -5.53 -1.00 -7.65
CA TRP A 28 -4.28 -0.64 -7.03
C TRP A 28 -4.18 0.88 -6.98
N VAL A 29 -4.19 1.47 -8.16
CA VAL A 29 -4.11 2.93 -8.27
C VAL A 29 -5.11 3.56 -7.31
N CYS A 30 -6.37 3.20 -7.49
CA CYS A 30 -7.43 3.72 -6.64
C CYS A 30 -7.05 3.47 -5.19
N LEU A 31 -6.64 2.23 -4.92
CA LEU A 31 -6.24 1.85 -3.58
C LEU A 31 -5.19 2.82 -3.06
N ALA A 32 -4.11 2.94 -3.81
CA ALA A 32 -3.02 3.83 -3.44
C ALA A 32 -3.55 5.27 -3.40
N GLN A 33 -4.60 5.50 -4.16
CA GLN A 33 -5.21 6.83 -4.22
C GLN A 33 -5.87 7.17 -2.88
N HIS A 34 -6.71 6.26 -2.42
CA HIS A 34 -7.41 6.46 -1.17
C HIS A 34 -6.40 6.42 0.00
N GLU A 35 -5.28 5.78 -0.27
CA GLU A 35 -4.23 5.66 0.73
C GLU A 35 -3.45 6.97 0.85
N SER A 36 -2.78 7.33 -0.25
CA SER A 36 -2.00 8.55 -0.28
C SER A 36 -1.66 8.90 -1.73
N ASN A 37 -0.83 8.08 -2.33
CA ASN A 37 -0.42 8.29 -3.70
C ASN A 37 0.44 9.57 -3.79
N TYR A 38 0.94 9.83 -4.98
CA TYR A 38 1.76 11.01 -5.20
C TYR A 38 3.04 10.94 -4.36
N ASN A 39 2.86 10.94 -3.05
CA ASN A 39 3.97 10.89 -2.13
C ASN A 39 3.94 9.55 -1.37
N THR A 40 5.12 8.96 -1.24
CA THR A 40 5.24 7.69 -0.55
C THR A 40 5.93 7.89 0.80
N ARG A 41 5.47 8.89 1.53
CA ARG A 41 6.04 9.19 2.83
C ARG A 41 4.96 9.10 3.91
N ALA A 42 3.88 8.40 3.56
CA ALA A 42 2.78 8.23 4.49
C ALA A 42 3.32 7.75 5.85
N THR A 43 3.07 8.56 6.87
CA THR A 43 3.52 8.22 8.21
C THR A 43 2.57 8.82 9.25
N ASN A 44 2.19 7.97 10.20
CA ASN A 44 1.28 8.38 11.25
C ASN A 44 1.56 7.56 12.51
N TYR A 45 2.24 8.19 13.45
CA TYR A 45 2.58 7.53 14.70
C TYR A 45 1.46 7.70 15.73
N ASN A 46 1.32 6.70 16.59
CA ASN A 46 0.29 6.73 17.62
C ASN A 46 0.65 5.72 18.71
N ARG A 47 1.14 6.23 19.83
CA ARG A 47 1.52 5.39 20.95
C ARG A 47 0.28 4.99 21.75
N GLY A 48 -0.69 5.90 21.78
CA GLY A 48 -1.92 5.67 22.50
C GLY A 48 -2.36 4.20 22.37
N ASP A 49 -2.24 3.69 21.16
CA ASP A 49 -2.62 2.31 20.89
C ASP A 49 -1.41 1.54 20.37
N GLN A 50 -0.24 1.97 20.83
CA GLN A 50 1.00 1.33 20.42
C GLN A 50 0.89 0.84 18.97
N SER A 51 0.54 1.77 18.09
CA SER A 51 0.41 1.45 16.68
C SER A 51 0.81 2.64 15.83
N THR A 52 1.31 2.34 14.64
CA THR A 52 1.75 3.37 13.71
C THR A 52 1.25 3.08 12.30
N ASP A 53 1.11 4.15 11.53
CA ASP A 53 0.63 4.02 10.16
C ASP A 53 1.66 4.65 9.21
N TYR A 54 2.47 3.78 8.62
CA TYR A 54 3.49 4.23 7.68
C TYR A 54 3.37 3.51 6.34
N GLY A 55 3.93 4.13 5.31
CA GLY A 55 3.90 3.56 3.99
C GLY A 55 2.83 4.24 3.12
N ILE A 56 3.13 4.34 1.84
CA ILE A 56 2.21 4.96 0.90
C ILE A 56 0.85 4.29 1.01
N PHE A 57 0.88 3.00 1.31
CA PHE A 57 -0.35 2.22 1.45
C PHE A 57 -0.86 2.26 2.88
N GLN A 58 -0.42 3.28 3.61
CA GLN A 58 -0.83 3.44 4.99
C GLN A 58 -0.84 2.09 5.70
N ILE A 59 0.34 1.53 5.88
CA ILE A 59 0.47 0.24 6.53
C ILE A 59 0.65 0.46 8.03
N ASN A 60 -0.10 -0.31 8.81
CA ASN A 60 -0.04 -0.21 10.25
C ASN A 60 1.21 -0.93 10.75
N SER A 61 1.93 -0.25 11.65
CA SER A 61 3.14 -0.81 12.21
C SER A 61 2.82 -1.60 13.48
N ARG A 62 1.52 -1.73 13.75
CA ARG A 62 1.06 -2.45 14.92
C ARG A 62 0.82 -3.92 14.57
N TYR A 63 0.64 -4.16 13.28
CA TYR A 63 0.39 -5.51 12.81
C TYR A 63 1.43 -5.93 11.77
N TRP A 64 1.65 -5.06 10.81
CA TRP A 64 2.62 -5.32 9.75
C TRP A 64 3.80 -4.37 9.95
N CYS A 65 4.96 -4.80 9.46
CA CYS A 65 6.16 -4.00 9.56
C CYS A 65 6.39 -3.68 11.05
N ASN A 66 7.58 -3.19 11.33
CA ASN A 66 7.94 -2.84 12.71
C ASN A 66 9.12 -1.86 12.68
N ASP A 67 9.69 -1.65 13.85
CA ASP A 67 10.82 -0.74 13.99
C ASP A 67 12.02 -1.50 14.55
N GLY A 68 11.79 -2.17 15.67
CA GLY A 68 12.84 -2.94 16.32
C GLY A 68 13.13 -2.38 17.72
N LYS A 69 12.38 -1.37 18.09
CA LYS A 69 12.55 -0.74 19.39
C LYS A 69 11.43 -1.23 20.33
N THR A 70 10.39 -1.78 19.73
CA THR A 70 9.27 -2.29 20.48
C THR A 70 9.01 -3.75 20.15
N PRO A 71 9.66 -4.65 20.93
CA PRO A 71 9.51 -6.08 20.73
C PRO A 71 8.16 -6.57 21.24
N ARG A 72 7.10 -6.15 20.55
CA ARG A 72 5.76 -6.53 20.92
C ARG A 72 4.89 -6.72 19.67
N ALA A 73 4.93 -5.71 18.80
CA ALA A 73 4.16 -5.75 17.58
C ALA A 73 4.27 -7.14 16.95
N VAL A 74 3.37 -7.41 16.02
CA VAL A 74 3.36 -8.70 15.35
C VAL A 74 3.55 -8.49 13.85
N ASN A 75 4.62 -7.77 13.52
CA ASN A 75 4.92 -7.48 12.12
C ASN A 75 4.89 -8.79 11.32
N ALA A 76 3.75 -9.03 10.68
CA ALA A 76 3.57 -10.23 9.89
C ALA A 76 4.49 -10.15 8.66
N CYS A 77 5.04 -8.96 8.44
CA CYS A 77 5.92 -8.75 7.31
C CYS A 77 7.35 -9.03 7.77
N GLY A 78 7.63 -8.65 9.01
CA GLY A 78 8.95 -8.85 9.58
C GLY A 78 10.00 -8.00 8.85
N ILE A 79 9.74 -6.71 8.82
CA ILE A 79 10.64 -5.78 8.16
C ILE A 79 10.55 -4.41 8.84
N ASN A 80 11.43 -3.51 8.42
CA ASN A 80 11.46 -2.18 8.97
C ASN A 80 10.52 -1.28 8.17
N CYS A 81 9.54 -0.72 8.87
CA CYS A 81 8.57 0.15 8.23
C CYS A 81 9.33 1.16 7.36
N SER A 82 10.54 1.47 7.80
CA SER A 82 11.37 2.41 7.07
C SER A 82 11.59 1.92 5.64
N ALA A 83 11.76 0.62 5.51
CA ALA A 83 11.98 0.02 4.21
C ALA A 83 10.76 0.28 3.32
N LEU A 84 9.68 0.70 3.96
CA LEU A 84 8.45 0.98 3.24
C LEU A 84 8.30 2.50 3.10
N LEU A 85 9.38 3.20 3.38
CA LEU A 85 9.38 4.65 3.28
C LEU A 85 10.64 5.10 2.52
N GLN A 86 11.14 4.21 1.68
CA GLN A 86 12.33 4.50 0.90
C GLN A 86 11.93 5.06 -0.47
N ASP A 87 12.90 5.08 -1.37
CA ASP A 87 12.67 5.59 -2.71
C ASP A 87 11.90 4.55 -3.52
N ASP A 88 12.48 3.35 -3.59
CA ASP A 88 11.88 2.27 -4.32
C ASP A 88 10.74 1.66 -3.49
N ILE A 89 9.63 1.39 -4.16
CA ILE A 89 8.47 0.82 -3.49
C ILE A 89 8.60 -0.70 -3.47
N THR A 90 9.73 -1.18 -3.99
CA THR A 90 9.99 -2.61 -4.04
C THR A 90 9.60 -3.27 -2.72
N ALA A 91 10.05 -2.65 -1.62
CA ALA A 91 9.75 -3.17 -0.30
C ALA A 91 8.26 -3.00 -0.01
N ALA A 92 7.71 -1.89 -0.49
CA ALA A 92 6.30 -1.61 -0.30
C ALA A 92 5.47 -2.70 -0.97
N ILE A 93 5.82 -2.99 -2.22
CA ILE A 93 5.12 -4.01 -2.97
C ILE A 93 5.32 -5.38 -2.31
N GLN A 94 6.58 -5.66 -2.00
CA GLN A 94 6.92 -6.92 -1.38
C GLN A 94 6.08 -7.13 -0.11
N CYS A 95 6.00 -6.07 0.68
CA CYS A 95 5.24 -6.12 1.92
C CYS A 95 3.75 -6.18 1.57
N ALA A 96 3.37 -5.36 0.61
CA ALA A 96 1.99 -5.30 0.17
C ALA A 96 1.52 -6.72 -0.17
N LYS A 97 2.32 -7.39 -0.98
CA LYS A 97 1.99 -8.75 -1.39
C LYS A 97 2.14 -9.69 -0.18
N ARG A 98 3.18 -9.45 0.59
CA ARG A 98 3.45 -10.26 1.76
C ARG A 98 2.31 -10.12 2.77
N VAL A 99 1.62 -8.99 2.68
CA VAL A 99 0.50 -8.73 3.58
C VAL A 99 -0.77 -9.35 3.00
N VAL A 100 -1.08 -8.97 1.77
CA VAL A 100 -2.26 -9.47 1.10
C VAL A 100 -2.22 -11.01 1.10
N ARG A 101 -1.01 -11.54 1.03
CA ARG A 101 -0.82 -12.98 1.02
C ARG A 101 -1.65 -13.63 2.12
N ASP A 102 -1.90 -12.86 3.17
CA ASP A 102 -2.70 -13.35 4.29
C ASP A 102 -4.15 -13.45 3.87
N PRO A 103 -4.99 -13.95 4.81
CA PRO A 103 -6.42 -14.11 4.55
C PRO A 103 -7.13 -12.74 4.58
N GLN A 104 -6.36 -11.71 4.87
CA GLN A 104 -6.89 -10.37 4.94
C GLN A 104 -7.40 -9.93 3.56
N GLY A 105 -6.47 -9.87 2.62
CA GLY A 105 -6.81 -9.47 1.27
C GLY A 105 -6.99 -7.95 1.16
N ILE A 106 -6.74 -7.44 -0.03
CA ILE A 106 -6.87 -6.02 -0.27
C ILE A 106 -8.11 -5.48 0.45
N ARG A 107 -9.09 -6.37 0.58
CA ARG A 107 -10.34 -6.00 1.25
C ARG A 107 -10.05 -5.12 2.46
N ALA A 108 -8.94 -5.41 3.12
CA ALA A 108 -8.54 -4.64 4.30
C ALA A 108 -8.78 -3.16 4.03
N TRP A 109 -8.56 -2.76 2.79
CA TRP A 109 -8.74 -1.38 2.40
C TRP A 109 -10.18 -1.21 1.92
N VAL A 110 -11.11 -1.55 2.81
CA VAL A 110 -12.52 -1.43 2.50
C VAL A 110 -12.77 -0.14 1.73
N ALA A 111 -11.93 0.85 2.01
CA ALA A 111 -12.05 2.14 1.35
C ALA A 111 -12.25 1.93 -0.15
N TRP A 112 -11.40 1.11 -0.72
CA TRP A 112 -11.47 0.82 -2.14
C TRP A 112 -12.87 0.26 -2.44
N ARG A 113 -13.35 -0.55 -1.52
CA ARG A 113 -14.67 -1.15 -1.66
C ARG A 113 -15.75 -0.06 -1.71
N ALA A 114 -15.34 1.13 -1.29
CA ALA A 114 -16.25 2.26 -1.27
C ALA A 114 -15.65 3.43 -2.06
N HIS A 115 -14.88 3.07 -3.08
CA HIS A 115 -14.22 4.07 -3.91
C HIS A 115 -14.04 3.51 -5.32
N CYS A 116 -13.58 2.27 -5.38
CA CYS A 116 -13.35 1.62 -6.66
C CYS A 116 -14.65 0.92 -7.07
N GLN A 117 -15.14 0.07 -6.18
CA GLN A 117 -16.37 -0.66 -6.44
C GLN A 117 -17.58 0.27 -6.31
N ASN A 118 -17.54 1.35 -7.09
CA ASN A 118 -18.62 2.31 -7.08
C ASN A 118 -18.80 2.89 -8.49
N ARG A 119 -17.74 3.54 -8.95
CA ARG A 119 -17.76 4.15 -10.28
C ARG A 119 -16.62 3.59 -11.13
N ASP A 120 -16.42 4.22 -12.28
CA ASP A 120 -15.38 3.80 -13.20
C ASP A 120 -14.08 4.52 -12.84
N LEU A 121 -13.22 3.80 -12.13
CA LEU A 121 -11.94 4.36 -11.72
C LEU A 121 -10.85 3.91 -12.70
N SER A 122 -11.31 3.43 -13.85
CA SER A 122 -10.39 2.97 -14.88
C SER A 122 -9.83 4.16 -15.65
N GLN A 123 -10.61 5.23 -15.69
CA GLN A 123 -10.21 6.43 -16.39
C GLN A 123 -8.99 7.06 -15.70
N TYR A 124 -8.74 6.61 -14.49
CA TYR A 124 -7.61 7.11 -13.71
C TYR A 124 -6.31 6.48 -14.17
N ILE A 125 -6.43 5.28 -14.72
CA ILE A 125 -5.26 4.55 -15.20
C ILE A 125 -5.18 4.68 -16.72
N ARG A 126 -6.35 4.70 -17.35
CA ARG A 126 -6.42 4.83 -18.80
C ARG A 126 -6.10 6.26 -19.23
N ASN A 127 -5.09 6.38 -20.07
CA ASN A 127 -4.67 7.67 -20.57
C ASN A 127 -3.76 8.34 -19.53
N CYS A 128 -3.05 7.51 -18.79
CA CYS A 128 -2.14 8.00 -17.78
C CYS A 128 -0.74 8.07 -18.37
N GLY A 129 -0.47 7.13 -19.27
CA GLY A 129 0.84 7.07 -19.92
C GLY A 129 1.60 5.82 -19.48
N VAL A 130 0.87 4.73 -19.33
CA VAL A 130 1.47 3.47 -18.92
C VAL A 130 1.91 2.69 -20.15
N LYS A 1 8.88 5.41 -2.50
CA LYS A 1 8.83 6.61 -1.67
C LYS A 1 7.96 7.67 -2.36
N VAL A 2 8.04 7.69 -3.68
CA VAL A 2 7.26 8.65 -4.45
C VAL A 2 6.88 8.01 -5.80
N TYR A 3 5.59 8.04 -6.08
CA TYR A 3 5.08 7.48 -7.32
C TYR A 3 3.68 8.01 -7.63
N GLU A 4 3.45 8.26 -8.92
CA GLU A 4 2.17 8.77 -9.36
C GLU A 4 1.40 7.69 -10.13
N ARG A 5 0.17 8.02 -10.49
CA ARG A 5 -0.67 7.08 -11.22
C ARG A 5 0.15 6.37 -12.30
N CYS A 6 0.55 7.15 -13.30
CA CYS A 6 1.34 6.61 -14.39
C CYS A 6 2.45 5.75 -13.81
N GLU A 7 3.44 6.43 -13.24
CA GLU A 7 4.57 5.74 -12.64
C GLU A 7 4.14 4.39 -12.07
N PHE A 8 3.34 4.46 -11.02
CA PHE A 8 2.84 3.25 -10.38
C PHE A 8 2.41 2.22 -11.42
N ALA A 9 1.46 2.62 -12.25
CA ALA A 9 0.95 1.74 -13.29
C ALA A 9 2.13 1.06 -14.00
N ARG A 10 3.07 1.90 -14.43
CA ARG A 10 4.24 1.40 -15.13
C ARG A 10 5.07 0.50 -14.20
N THR A 11 5.40 1.05 -13.04
CA THR A 11 6.18 0.31 -12.07
C THR A 11 5.51 -1.03 -11.75
N LEU A 12 4.25 -0.94 -11.36
CA LEU A 12 3.48 -2.13 -11.01
C LEU A 12 3.54 -3.11 -12.19
N LYS A 13 3.26 -2.59 -13.38
CA LYS A 13 3.26 -3.41 -14.57
C LYS A 13 4.68 -3.95 -14.80
N ARG A 14 5.65 -3.19 -14.34
CA ARG A 14 7.04 -3.59 -14.49
C ARG A 14 7.46 -4.49 -13.34
N ASN A 15 6.68 -4.43 -12.26
CA ASN A 15 6.96 -5.24 -11.09
C ASN A 15 6.27 -6.60 -11.23
N GLY A 16 5.04 -6.55 -11.74
CA GLY A 16 4.26 -7.75 -11.94
C GLY A 16 3.13 -7.85 -10.91
N MET A 17 2.49 -6.71 -10.68
CA MET A 17 1.40 -6.66 -9.73
C MET A 17 0.12 -6.14 -10.39
N ALA A 18 0.30 -5.17 -11.28
CA ALA A 18 -0.83 -4.59 -11.98
C ALA A 18 -1.66 -5.71 -12.63
N GLY A 19 -2.86 -5.88 -12.10
CA GLY A 19 -3.76 -6.90 -12.61
C GLY A 19 -3.51 -8.24 -11.91
N TYR A 20 -3.09 -8.16 -10.66
CA TYR A 20 -2.80 -9.35 -9.88
C TYR A 20 -3.96 -10.35 -9.98
N TYR A 21 -3.76 -11.48 -9.32
CA TYR A 21 -4.77 -12.54 -9.34
C TYR A 21 -6.18 -11.94 -9.39
N GLY A 22 -6.44 -11.03 -8.46
CA GLY A 22 -7.74 -10.38 -8.39
C GLY A 22 -7.59 -8.85 -8.47
N VAL A 23 -6.94 -8.31 -7.45
CA VAL A 23 -6.74 -6.87 -7.39
C VAL A 23 -6.28 -6.37 -8.76
N SER A 24 -7.04 -5.42 -9.29
CA SER A 24 -6.73 -4.85 -10.59
C SER A 24 -5.82 -3.64 -10.42
N LEU A 25 -5.02 -3.39 -11.45
CA LEU A 25 -4.09 -2.26 -11.42
C LEU A 25 -4.83 -1.02 -10.96
N ALA A 26 -6.00 -0.80 -11.54
CA ALA A 26 -6.82 0.35 -11.20
C ALA A 26 -7.17 0.30 -9.72
N ASP A 27 -7.53 -0.91 -9.27
CA ASP A 27 -7.90 -1.11 -7.88
C ASP A 27 -6.70 -0.79 -6.99
N TRP A 28 -5.52 -1.15 -7.48
CA TRP A 28 -4.29 -0.92 -6.74
C TRP A 28 -4.08 0.60 -6.65
N VAL A 29 -3.94 1.21 -7.82
CA VAL A 29 -3.74 2.64 -7.89
C VAL A 29 -4.80 3.36 -7.04
N CYS A 30 -6.05 3.05 -7.34
CA CYS A 30 -7.16 3.64 -6.63
C CYS A 30 -6.93 3.43 -5.13
N LEU A 31 -6.64 2.19 -4.78
CA LEU A 31 -6.39 1.83 -3.39
C LEU A 31 -5.39 2.83 -2.79
N ALA A 32 -4.23 2.91 -3.42
CA ALA A 32 -3.19 3.81 -2.95
C ALA A 32 -3.64 5.26 -3.18
N GLN A 33 -4.59 5.42 -4.09
CA GLN A 33 -5.11 6.73 -4.41
C GLN A 33 -5.85 7.32 -3.21
N HIS A 34 -6.79 6.55 -2.70
CA HIS A 34 -7.58 6.97 -1.55
C HIS A 34 -6.67 7.12 -0.33
N GLU A 35 -5.50 6.51 -0.43
CA GLU A 35 -4.53 6.56 0.65
C GLU A 35 -3.75 7.88 0.59
N SER A 36 -2.95 8.02 -0.45
CA SER A 36 -2.16 9.22 -0.64
C SER A 36 -1.66 9.30 -2.08
N ASN A 37 -0.78 8.37 -2.43
CA ASN A 37 -0.23 8.32 -3.77
C ASN A 37 0.79 9.46 -3.93
N TYR A 38 1.50 9.41 -5.05
CA TYR A 38 2.51 10.43 -5.33
C TYR A 38 3.70 10.30 -4.38
N ASN A 39 3.41 10.40 -3.10
CA ASN A 39 4.44 10.31 -2.08
C ASN A 39 3.92 9.47 -0.91
N THR A 40 4.75 8.51 -0.50
CA THR A 40 4.38 7.64 0.61
C THR A 40 4.54 8.37 1.95
N ARG A 41 3.90 9.52 2.02
CA ARG A 41 3.96 10.33 3.23
C ARG A 41 3.00 9.78 4.29
N ALA A 42 2.21 8.80 3.88
CA ALA A 42 1.24 8.20 4.76
C ALA A 42 1.94 7.75 6.04
N THR A 43 1.73 8.52 7.10
CA THR A 43 2.34 8.23 8.39
C THR A 43 1.42 8.67 9.52
N ASN A 44 1.09 7.71 10.39
CA ASN A 44 0.23 7.99 11.52
C ASN A 44 0.59 7.05 12.67
N TYR A 45 1.32 7.59 13.63
CA TYR A 45 1.74 6.81 14.78
C TYR A 45 0.69 6.88 15.90
N ASN A 46 0.69 5.85 16.73
CA ASN A 46 -0.26 5.78 17.83
C ASN A 46 0.27 4.81 18.89
N ARG A 47 0.79 5.38 19.97
CA ARG A 47 1.33 4.57 21.05
C ARG A 47 0.19 3.98 21.89
N GLY A 48 -0.88 4.76 22.02
CA GLY A 48 -2.03 4.32 22.79
C GLY A 48 -2.28 2.83 22.61
N ASP A 49 -2.10 2.38 21.37
CA ASP A 49 -2.31 0.98 21.04
C ASP A 49 -1.04 0.43 20.39
N GLN A 50 0.09 0.95 20.82
CA GLN A 50 1.37 0.52 20.28
C GLN A 50 1.23 0.13 18.81
N SER A 51 0.52 0.98 18.07
CA SER A 51 0.29 0.73 16.66
C SER A 51 0.57 2.01 15.86
N THR A 52 1.05 1.81 14.64
CA THR A 52 1.35 2.94 13.76
C THR A 52 0.93 2.63 12.33
N ASP A 53 0.26 3.59 11.72
CA ASP A 53 -0.21 3.44 10.36
C ASP A 53 0.69 4.26 9.43
N TYR A 54 1.67 3.57 8.85
CA TYR A 54 2.59 4.22 7.94
C TYR A 54 2.65 3.48 6.60
N GLY A 55 3.12 4.19 5.59
CA GLY A 55 3.23 3.62 4.26
C GLY A 55 2.13 4.16 3.33
N ILE A 56 2.49 4.33 2.06
CA ILE A 56 1.56 4.83 1.08
C ILE A 56 0.27 4.02 1.14
N PHE A 57 0.43 2.74 1.42
CA PHE A 57 -0.71 1.84 1.51
C PHE A 57 -1.26 1.79 2.94
N GLN A 58 -0.92 2.82 3.70
CA GLN A 58 -1.36 2.90 5.08
C GLN A 58 -1.25 1.53 5.76
N ILE A 59 -0.01 1.11 5.98
CA ILE A 59 0.24 -0.17 6.62
C ILE A 59 0.45 0.05 8.12
N ASN A 60 -0.08 -0.88 8.91
CA ASN A 60 0.04 -0.80 10.34
C ASN A 60 1.36 -1.44 10.77
N SER A 61 2.08 -0.71 11.63
CA SER A 61 3.36 -1.19 12.12
C SER A 61 3.16 -1.99 13.41
N ARG A 62 1.90 -2.30 13.68
CA ARG A 62 1.56 -3.05 14.88
C ARG A 62 1.60 -4.55 14.58
N TYR A 63 1.50 -4.88 13.29
CA TYR A 63 1.53 -6.27 12.86
C TYR A 63 2.60 -6.49 11.80
N TRP A 64 2.52 -5.70 10.74
CA TRP A 64 3.48 -5.80 9.65
C TRP A 64 4.56 -4.74 9.87
N CYS A 65 5.70 -4.95 9.22
CA CYS A 65 6.81 -4.02 9.33
C CYS A 65 7.19 -3.91 10.81
N ASN A 66 8.40 -3.42 11.03
CA ASN A 66 8.91 -3.26 12.39
C ASN A 66 9.70 -1.95 12.48
N ASP A 67 10.48 -1.84 13.54
CA ASP A 67 11.28 -0.66 13.76
C ASP A 67 12.67 -1.07 14.24
N GLY A 68 12.67 -1.91 15.27
CA GLY A 68 13.92 -2.38 15.84
C GLY A 68 14.15 -1.81 17.24
N LYS A 69 13.22 -0.94 17.64
CA LYS A 69 13.32 -0.31 18.96
C LYS A 69 12.15 -0.79 19.81
N THR A 70 11.18 -1.42 19.17
CA THR A 70 10.01 -1.92 19.85
C THR A 70 9.88 -3.43 19.64
N PRO A 71 10.57 -4.20 20.54
CA PRO A 71 10.55 -5.64 20.46
C PRO A 71 9.21 -6.20 20.97
N ARG A 72 8.14 -5.70 20.38
CA ARG A 72 6.80 -6.13 20.77
C ARG A 72 5.98 -6.47 19.53
N ALA A 73 5.97 -5.53 18.58
CA ALA A 73 5.23 -5.72 17.35
C ALA A 73 5.47 -7.15 16.82
N VAL A 74 4.65 -7.52 15.85
CA VAL A 74 4.76 -8.84 15.26
C VAL A 74 5.04 -8.71 13.75
N ASN A 75 5.99 -7.84 13.45
CA ASN A 75 6.36 -7.60 12.06
C ASN A 75 6.39 -8.93 11.31
N ALA A 76 5.29 -9.23 10.65
CA ALA A 76 5.18 -10.47 9.89
C ALA A 76 5.78 -10.26 8.49
N CYS A 77 6.10 -9.01 8.20
CA CYS A 77 6.68 -8.66 6.92
C CYS A 77 8.20 -8.77 7.04
N GLY A 78 8.69 -8.50 8.24
CA GLY A 78 10.12 -8.56 8.49
C GLY A 78 10.87 -7.50 7.69
N ILE A 79 10.40 -6.27 7.81
CA ILE A 79 11.01 -5.16 7.09
C ILE A 79 10.81 -3.88 7.89
N ASN A 80 11.89 -3.12 8.01
CA ASN A 80 11.84 -1.87 8.75
C ASN A 80 10.89 -0.91 8.05
N CYS A 81 9.86 -0.51 8.78
CA CYS A 81 8.87 0.42 8.24
C CYS A 81 9.61 1.56 7.54
N SER A 82 10.82 1.81 7.99
CA SER A 82 11.64 2.86 7.42
C SER A 82 11.77 2.67 5.91
N ALA A 83 11.85 1.40 5.53
CA ALA A 83 11.97 1.06 4.11
C ALA A 83 10.74 1.56 3.36
N LEU A 84 9.68 1.81 4.13
CA LEU A 84 8.45 2.29 3.54
C LEU A 84 8.27 3.77 3.87
N LEU A 85 9.38 4.40 4.24
CA LEU A 85 9.37 5.81 4.59
C LEU A 85 9.64 6.64 3.33
N GLN A 86 10.91 6.64 2.93
CA GLN A 86 11.31 7.39 1.75
C GLN A 86 12.41 6.63 0.99
N ASP A 87 12.32 5.30 1.07
CA ASP A 87 13.29 4.45 0.40
C ASP A 87 12.80 4.15 -1.02
N ASP A 88 11.72 3.38 -1.08
CA ASP A 88 11.14 3.00 -2.36
C ASP A 88 9.75 2.38 -2.13
N ILE A 89 9.13 1.99 -3.23
CA ILE A 89 7.80 1.40 -3.15
C ILE A 89 7.94 -0.13 -3.23
N THR A 90 9.10 -0.56 -3.71
CA THR A 90 9.37 -1.98 -3.84
C THR A 90 8.93 -2.73 -2.58
N ALA A 91 9.29 -2.16 -1.44
CA ALA A 91 8.95 -2.75 -0.15
C ALA A 91 7.43 -2.69 0.04
N ALA A 92 6.85 -1.59 -0.43
CA ALA A 92 5.42 -1.39 -0.32
C ALA A 92 4.69 -2.48 -1.12
N ILE A 93 5.27 -2.81 -2.26
CA ILE A 93 4.70 -3.82 -3.12
C ILE A 93 4.89 -5.20 -2.48
N GLN A 94 6.13 -5.50 -2.16
CA GLN A 94 6.45 -6.77 -1.53
C GLN A 94 5.61 -6.99 -0.28
N CYS A 95 5.55 -5.95 0.54
CA CYS A 95 4.79 -6.01 1.78
C CYS A 95 3.31 -6.04 1.42
N ALA A 96 2.95 -5.22 0.44
CA ALA A 96 1.57 -5.15 -0.01
C ALA A 96 1.06 -6.56 -0.32
N LYS A 97 1.86 -7.30 -1.06
CA LYS A 97 1.50 -8.66 -1.43
C LYS A 97 1.61 -9.56 -0.19
N ARG A 98 2.69 -9.36 0.55
CA ARG A 98 2.93 -10.15 1.76
C ARG A 98 1.83 -9.88 2.78
N VAL A 99 1.18 -8.73 2.63
CA VAL A 99 0.10 -8.35 3.53
C VAL A 99 -1.22 -8.91 3.01
N VAL A 100 -1.56 -8.52 1.79
CA VAL A 100 -2.79 -8.97 1.17
C VAL A 100 -2.84 -10.50 1.19
N ARG A 101 -1.65 -11.10 1.10
CA ARG A 101 -1.54 -12.54 1.11
C ARG A 101 -2.37 -13.13 2.25
N ASP A 102 -2.51 -12.34 3.30
CA ASP A 102 -3.29 -12.77 4.46
C ASP A 102 -4.77 -12.81 4.11
N PRO A 103 -5.59 -13.27 5.10
CA PRO A 103 -7.02 -13.36 4.89
C PRO A 103 -7.67 -11.98 4.95
N GLN A 104 -6.83 -10.97 5.13
CA GLN A 104 -7.31 -9.60 5.20
C GLN A 104 -7.85 -9.15 3.84
N GLY A 105 -6.96 -9.11 2.86
CA GLY A 105 -7.33 -8.71 1.52
C GLY A 105 -7.51 -7.19 1.44
N ILE A 106 -7.45 -6.69 0.20
CA ILE A 106 -7.61 -5.26 -0.02
C ILE A 106 -8.72 -4.72 0.88
N ARG A 107 -9.67 -5.58 1.19
CA ARG A 107 -10.79 -5.21 2.03
C ARG A 107 -10.29 -4.37 3.21
N ALA A 108 -9.10 -4.71 3.68
CA ALA A 108 -8.51 -4.00 4.81
C ALA A 108 -8.70 -2.50 4.61
N TRP A 109 -8.63 -2.08 3.35
CA TRP A 109 -8.79 -0.69 3.02
C TRP A 109 -10.23 -0.47 2.56
N VAL A 110 -11.15 -0.68 3.48
CA VAL A 110 -12.57 -0.51 3.18
C VAL A 110 -12.76 0.74 2.33
N ALA A 111 -11.86 1.70 2.52
CA ALA A 111 -11.91 2.95 1.79
C ALA A 111 -12.15 2.65 0.30
N TRP A 112 -11.34 1.73 -0.21
CA TRP A 112 -11.45 1.34 -1.60
C TRP A 112 -12.90 0.93 -1.88
N ARG A 113 -13.49 0.27 -0.90
CA ARG A 113 -14.87 -0.17 -1.01
C ARG A 113 -15.80 1.02 -1.20
N ALA A 114 -15.27 2.19 -0.89
CA ALA A 114 -16.05 3.42 -1.01
C ALA A 114 -15.25 4.43 -1.83
N HIS A 115 -14.49 3.92 -2.78
CA HIS A 115 -13.68 4.75 -3.65
C HIS A 115 -13.58 4.13 -5.03
N CYS A 116 -13.31 2.83 -5.05
CA CYS A 116 -13.19 2.10 -6.30
C CYS A 116 -14.57 1.57 -6.68
N GLN A 117 -15.16 0.84 -5.75
CA GLN A 117 -16.48 0.26 -5.97
C GLN A 117 -17.55 1.36 -5.94
N ASN A 118 -17.36 2.34 -6.82
CA ASN A 118 -18.30 3.45 -6.90
C ASN A 118 -18.42 3.89 -8.36
N ARG A 119 -17.29 4.27 -8.93
CA ARG A 119 -17.25 4.72 -10.31
C ARG A 119 -16.16 3.98 -11.08
N ASP A 120 -15.91 4.46 -12.29
CA ASP A 120 -14.89 3.85 -13.14
C ASP A 120 -13.58 4.61 -12.96
N LEU A 121 -12.70 4.02 -12.16
CA LEU A 121 -11.40 4.62 -11.90
C LEU A 121 -10.37 4.06 -12.89
N SER A 122 -10.90 3.44 -13.93
CA SER A 122 -10.04 2.86 -14.96
C SER A 122 -9.39 3.97 -15.79
N GLN A 123 -10.05 5.12 -15.80
CA GLN A 123 -9.54 6.26 -16.54
C GLN A 123 -8.34 6.88 -15.83
N TYR A 124 -8.15 6.45 -14.58
CA TYR A 124 -7.04 6.94 -13.79
C TYR A 124 -5.73 6.27 -14.20
N ILE A 125 -5.84 5.01 -14.59
CA ILE A 125 -4.67 4.25 -15.01
C ILE A 125 -4.56 4.31 -16.54
N ARG A 126 -5.71 4.32 -17.18
CA ARG A 126 -5.75 4.38 -18.64
C ARG A 126 -5.44 5.79 -19.12
N ASN A 127 -4.28 5.93 -19.73
CA ASN A 127 -3.86 7.23 -20.25
C ASN A 127 -2.36 7.20 -20.52
N CYS A 128 -1.67 6.36 -19.76
CA CYS A 128 -0.23 6.22 -19.90
C CYS A 128 0.06 5.45 -21.20
N GLY A 129 -0.93 4.68 -21.61
CA GLY A 129 -0.79 3.88 -22.83
C GLY A 129 -0.51 2.41 -22.50
N VAL A 130 -1.04 1.99 -21.36
CA VAL A 130 -0.86 0.61 -20.93
C VAL A 130 -1.99 -0.25 -21.48
N LYS A 1 7.94 6.27 -2.17
CA LYS A 1 8.39 7.59 -1.79
C LYS A 1 7.44 8.64 -2.39
N VAL A 2 7.49 8.75 -3.71
CA VAL A 2 6.65 9.71 -4.41
C VAL A 2 6.28 9.14 -5.78
N TYR A 3 4.97 8.95 -5.98
CA TYR A 3 4.48 8.42 -7.24
C TYR A 3 2.98 8.70 -7.39
N GLU A 4 2.61 9.08 -8.60
CA GLU A 4 1.21 9.38 -8.89
C GLU A 4 0.55 8.18 -9.58
N ARG A 5 -0.75 8.30 -9.80
CA ARG A 5 -1.50 7.24 -10.45
C ARG A 5 -0.68 6.60 -11.56
N CYS A 6 -0.38 7.40 -12.57
CA CYS A 6 0.40 6.93 -13.70
C CYS A 6 1.61 6.15 -13.15
N GLU A 7 2.58 6.91 -12.65
CA GLU A 7 3.78 6.30 -12.09
C GLU A 7 3.44 4.98 -11.40
N PHE A 8 2.68 5.09 -10.32
CA PHE A 8 2.27 3.92 -9.56
C PHE A 8 1.91 2.77 -10.49
N ALA A 9 1.04 3.06 -11.45
CA ALA A 9 0.61 2.05 -12.41
C ALA A 9 1.83 1.51 -13.14
N ARG A 10 2.57 2.41 -13.78
CA ARG A 10 3.75 2.02 -14.52
C ARG A 10 4.69 1.19 -13.64
N THR A 11 5.03 1.75 -12.49
CA THR A 11 5.91 1.08 -11.56
C THR A 11 5.40 -0.34 -11.27
N LEU A 12 4.14 -0.40 -10.88
CA LEU A 12 3.51 -1.69 -10.58
C LEU A 12 3.74 -2.64 -11.75
N LYS A 13 3.31 -2.22 -12.93
CA LYS A 13 3.46 -3.03 -14.12
C LYS A 13 4.94 -3.27 -14.39
N ARG A 14 5.76 -2.36 -13.88
CA ARG A 14 7.20 -2.46 -14.04
C ARG A 14 7.79 -3.43 -13.01
N ASN A 15 7.08 -3.56 -11.89
CA ASN A 15 7.52 -4.43 -10.83
C ASN A 15 6.94 -5.84 -11.06
N GLY A 16 5.65 -5.86 -11.41
CA GLY A 16 4.97 -7.11 -11.64
C GLY A 16 3.80 -7.29 -10.68
N MET A 17 3.07 -6.21 -10.48
CA MET A 17 1.93 -6.23 -9.58
C MET A 17 0.65 -5.77 -10.30
N ALA A 18 0.83 -4.77 -11.16
CA ALA A 18 -0.29 -4.23 -11.91
C ALA A 18 -1.06 -5.37 -12.57
N GLY A 19 -2.11 -5.81 -11.87
CA GLY A 19 -2.94 -6.89 -12.38
C GLY A 19 -2.71 -8.17 -11.57
N TYR A 20 -2.35 -7.98 -10.32
CA TYR A 20 -2.10 -9.10 -9.42
C TYR A 20 -3.22 -10.14 -9.53
N TYR A 21 -3.05 -11.23 -8.79
CA TYR A 21 -4.04 -12.29 -8.78
C TYR A 21 -5.45 -11.74 -9.01
N GLY A 22 -5.74 -10.65 -8.31
CA GLY A 22 -7.03 -10.02 -8.42
C GLY A 22 -6.91 -8.49 -8.45
N VAL A 23 -6.46 -7.94 -7.35
CA VAL A 23 -6.28 -6.50 -7.24
C VAL A 23 -5.43 -6.01 -8.41
N SER A 24 -6.07 -5.27 -9.29
CA SER A 24 -5.40 -4.72 -10.46
C SER A 24 -4.81 -3.35 -10.14
N LEU A 25 -3.94 -2.90 -11.02
CA LEU A 25 -3.31 -1.60 -10.85
C LEU A 25 -4.37 -0.55 -10.55
N ALA A 26 -5.55 -0.77 -11.13
CA ALA A 26 -6.65 0.14 -10.93
C ALA A 26 -7.01 0.21 -9.45
N ASP A 27 -7.21 -0.97 -8.87
CA ASP A 27 -7.56 -1.07 -7.46
C ASP A 27 -6.38 -0.57 -6.62
N TRP A 28 -5.18 -0.85 -7.11
CA TRP A 28 -3.97 -0.44 -6.41
C TRP A 28 -3.91 1.09 -6.43
N VAL A 29 -3.89 1.63 -7.64
CA VAL A 29 -3.83 3.06 -7.81
C VAL A 29 -4.92 3.72 -6.96
N CYS A 30 -6.16 3.34 -7.24
CA CYS A 30 -7.29 3.89 -6.50
C CYS A 30 -7.02 3.70 -5.01
N LEU A 31 -6.57 2.50 -4.66
CA LEU A 31 -6.27 2.19 -3.28
C LEU A 31 -5.29 3.22 -2.72
N ALA A 32 -4.19 3.40 -3.44
CA ALA A 32 -3.17 4.34 -3.04
C ALA A 32 -3.74 5.76 -3.11
N GLN A 33 -4.76 5.91 -3.96
CA GLN A 33 -5.39 7.20 -4.14
C GLN A 33 -6.16 7.60 -2.87
N HIS A 34 -7.03 6.70 -2.43
CA HIS A 34 -7.81 6.95 -1.24
C HIS A 34 -6.90 7.05 -0.02
N GLU A 35 -5.72 6.44 -0.15
CA GLU A 35 -4.75 6.45 0.92
C GLU A 35 -3.98 7.77 0.93
N SER A 36 -3.31 8.03 -0.18
CA SER A 36 -2.53 9.25 -0.31
C SER A 36 -2.03 9.39 -1.76
N ASN A 37 -1.18 8.46 -2.15
CA ASN A 37 -0.62 8.46 -3.50
C ASN A 37 0.25 9.70 -3.67
N TYR A 38 0.84 9.81 -4.86
CA TYR A 38 1.70 10.94 -5.16
C TYR A 38 2.91 10.97 -4.22
N ASN A 39 2.62 11.14 -2.94
CA ASN A 39 3.67 11.20 -1.94
C ASN A 39 3.35 10.20 -0.83
N THR A 40 4.42 9.61 -0.29
CA THR A 40 4.26 8.64 0.78
C THR A 40 4.50 9.30 2.14
N ARG A 41 3.73 10.35 2.39
CA ARG A 41 3.85 11.08 3.64
C ARG A 41 2.90 10.50 4.69
N ALA A 42 1.89 9.79 4.19
CA ALA A 42 0.90 9.18 5.06
C ALA A 42 1.60 8.61 6.29
N THR A 43 1.56 9.37 7.37
CA THR A 43 2.18 8.95 8.61
C THR A 43 1.27 9.26 9.80
N ASN A 44 1.06 8.25 10.62
CA ASN A 44 0.20 8.39 11.79
C ASN A 44 0.69 7.44 12.88
N TYR A 45 1.61 7.94 13.70
CA TYR A 45 2.15 7.15 14.78
C TYR A 45 1.34 7.34 16.07
N ASN A 46 1.47 6.37 16.96
CA ASN A 46 0.74 6.41 18.23
C ASN A 46 1.39 5.45 19.21
N ARG A 47 2.14 6.01 20.15
CA ARG A 47 2.82 5.21 21.15
C ARG A 47 1.81 4.70 22.18
N GLY A 48 0.78 5.50 22.42
CA GLY A 48 -0.24 5.13 23.38
C GLY A 48 -0.48 3.63 23.38
N ASP A 49 -0.38 3.05 22.19
CA ASP A 49 -0.57 1.61 22.04
C ASP A 49 0.47 1.05 21.07
N GLN A 50 1.65 1.66 21.11
CA GLN A 50 2.73 1.23 20.24
C GLN A 50 2.19 0.75 18.90
N SER A 51 1.39 1.61 18.28
CA SER A 51 0.79 1.28 16.99
C SER A 51 0.86 2.50 16.06
N THR A 52 1.61 2.33 14.98
CA THR A 52 1.76 3.40 14.00
C THR A 52 1.10 3.02 12.68
N ASP A 53 0.67 4.04 11.95
CA ASP A 53 0.01 3.83 10.68
C ASP A 53 0.56 4.82 9.65
N TYR A 54 1.40 4.30 8.77
CA TYR A 54 2.00 5.13 7.73
C TYR A 54 2.34 4.29 6.49
N GLY A 55 2.65 5.00 5.41
CA GLY A 55 2.99 4.35 4.17
C GLY A 55 2.02 4.74 3.05
N ILE A 56 2.49 4.61 1.82
CA ILE A 56 1.67 4.95 0.66
C ILE A 56 0.28 4.34 0.83
N PHE A 57 0.26 3.13 1.36
CA PHE A 57 -0.99 2.43 1.59
C PHE A 57 -1.38 2.46 3.07
N GLN A 58 -0.87 3.46 3.77
CA GLN A 58 -1.16 3.61 5.18
C GLN A 58 -1.17 2.25 5.87
N ILE A 59 0.03 1.73 6.11
CA ILE A 59 0.18 0.44 6.76
C ILE A 59 0.40 0.65 8.26
N ASN A 60 -0.05 -0.33 9.03
CA ASN A 60 0.09 -0.26 10.48
C ASN A 60 1.40 -0.93 10.88
N SER A 61 2.11 -0.26 11.78
CA SER A 61 3.39 -0.78 12.26
C SER A 61 3.17 -1.63 13.52
N ARG A 62 1.90 -1.74 13.91
CA ARG A 62 1.55 -2.51 15.08
C ARG A 62 1.32 -3.97 14.70
N TYR A 63 1.16 -4.20 13.41
CA TYR A 63 0.92 -5.54 12.90
C TYR A 63 1.98 -5.93 11.86
N TRP A 64 2.01 -5.15 10.78
CA TRP A 64 2.96 -5.39 9.71
C TRP A 64 4.21 -4.56 9.98
N CYS A 65 5.30 -4.97 9.36
CA CYS A 65 6.57 -4.27 9.54
C CYS A 65 6.94 -4.31 11.02
N ASN A 66 8.24 -4.20 11.27
CA ASN A 66 8.74 -4.22 12.64
C ASN A 66 9.77 -3.11 12.81
N ASP A 67 10.44 -3.14 13.95
CA ASP A 67 11.45 -2.15 14.26
C ASP A 67 12.75 -2.84 14.66
N GLY A 68 12.60 -3.80 15.57
CA GLY A 68 13.75 -4.55 16.05
C GLY A 68 14.14 -4.13 17.47
N LYS A 69 13.38 -3.17 18.00
CA LYS A 69 13.62 -2.67 19.34
C LYS A 69 12.31 -2.64 20.11
N THR A 70 11.31 -3.30 19.55
CA THR A 70 10.00 -3.36 20.17
C THR A 70 9.50 -4.81 20.24
N PRO A 71 9.88 -5.49 21.35
CA PRO A 71 9.48 -6.88 21.55
C PRO A 71 8.01 -6.98 21.94
N ARG A 72 7.15 -6.53 21.04
CA ARG A 72 5.73 -6.56 21.27
C ARG A 72 4.98 -6.74 19.95
N ALA A 73 5.14 -5.75 19.08
CA ALA A 73 4.48 -5.79 17.78
C ALA A 73 4.63 -7.18 17.17
N VAL A 74 3.79 -7.46 16.18
CA VAL A 74 3.82 -8.75 15.51
C VAL A 74 4.05 -8.53 14.01
N ASN A 75 5.17 -7.91 13.70
CA ASN A 75 5.51 -7.64 12.31
C ASN A 75 5.20 -8.87 11.46
N ALA A 76 4.02 -8.84 10.84
CA ALA A 76 3.59 -9.95 10.00
C ALA A 76 4.27 -9.84 8.64
N CYS A 77 4.92 -8.70 8.42
CA CYS A 77 5.61 -8.46 7.17
C CYS A 77 7.06 -8.93 7.32
N GLY A 78 7.55 -8.84 8.54
CA GLY A 78 8.92 -9.25 8.83
C GLY A 78 9.93 -8.43 8.04
N ILE A 79 9.69 -7.11 8.03
CA ILE A 79 10.57 -6.21 7.30
C ILE A 79 10.82 -4.96 8.15
N ASN A 80 11.77 -4.16 7.71
CA ASN A 80 12.11 -2.94 8.41
C ASN A 80 11.00 -1.91 8.21
N CYS A 81 10.44 -1.47 9.33
CA CYS A 81 9.37 -0.49 9.30
C CYS A 81 9.82 0.69 8.43
N SER A 82 11.13 0.91 8.43
CA SER A 82 11.70 1.99 7.64
C SER A 82 11.38 1.80 6.17
N ALA A 83 11.11 0.55 5.81
CA ALA A 83 10.79 0.21 4.43
C ALA A 83 9.45 0.86 4.06
N LEU A 84 8.78 1.39 5.07
CA LEU A 84 7.50 2.04 4.86
C LEU A 84 7.69 3.56 4.87
N LEU A 85 8.95 3.96 4.94
CA LEU A 85 9.28 5.38 4.97
C LEU A 85 10.58 5.60 4.21
N GLN A 86 10.95 4.60 3.42
CA GLN A 86 12.18 4.67 2.64
C GLN A 86 11.90 5.28 1.26
N ASP A 87 12.90 5.25 0.41
CA ASP A 87 12.78 5.79 -0.93
C ASP A 87 12.05 4.77 -1.81
N ASP A 88 12.75 3.68 -2.11
CA ASP A 88 12.18 2.64 -2.95
C ASP A 88 10.88 2.14 -2.31
N ILE A 89 9.92 1.85 -3.17
CA ILE A 89 8.63 1.35 -2.70
C ILE A 89 8.62 -0.17 -2.76
N THR A 90 9.74 -0.73 -3.20
CA THR A 90 9.87 -2.17 -3.30
C THR A 90 9.28 -2.85 -2.06
N ALA A 91 9.48 -2.21 -0.93
CA ALA A 91 8.97 -2.73 0.33
C ALA A 91 7.46 -2.55 0.39
N ALA A 92 7.03 -1.36 -0.03
CA ALA A 92 5.61 -1.04 -0.03
C ALA A 92 4.86 -2.08 -0.87
N ILE A 93 5.47 -2.45 -1.98
CA ILE A 93 4.87 -3.43 -2.88
C ILE A 93 4.98 -4.82 -2.25
N GLN A 94 6.21 -5.17 -1.89
CA GLN A 94 6.46 -6.47 -1.27
C GLN A 94 5.56 -6.66 -0.05
N CYS A 95 5.48 -5.60 0.74
CA CYS A 95 4.67 -5.64 1.95
C CYS A 95 3.20 -5.65 1.54
N ALA A 96 2.88 -4.80 0.58
CA ALA A 96 1.52 -4.71 0.08
C ALA A 96 1.01 -6.10 -0.27
N LYS A 97 1.85 -6.85 -0.97
CA LYS A 97 1.50 -8.19 -1.38
C LYS A 97 1.53 -9.12 -0.15
N ARG A 98 2.58 -8.96 0.65
CA ARG A 98 2.73 -9.77 1.84
C ARG A 98 1.56 -9.54 2.79
N VAL A 99 0.98 -8.35 2.69
CA VAL A 99 -0.15 -7.99 3.53
C VAL A 99 -1.44 -8.55 2.92
N VAL A 100 -1.67 -8.15 1.68
CA VAL A 100 -2.86 -8.60 0.97
C VAL A 100 -2.91 -10.13 0.99
N ARG A 101 -1.73 -10.73 1.01
CA ARG A 101 -1.63 -12.18 1.03
C ARG A 101 -2.59 -12.76 2.08
N ASP A 102 -2.93 -11.93 3.05
CA ASP A 102 -3.82 -12.34 4.12
C ASP A 102 -5.15 -12.82 3.51
N PRO A 103 -6.03 -13.34 4.39
CA PRO A 103 -7.33 -13.82 3.96
C PRO A 103 -8.27 -12.66 3.64
N GLN A 104 -8.13 -11.59 4.41
CA GLN A 104 -8.96 -10.41 4.23
C GLN A 104 -8.82 -9.89 2.80
N GLY A 105 -7.60 -9.49 2.46
CA GLY A 105 -7.33 -8.97 1.14
C GLY A 105 -7.52 -7.45 1.09
N ILE A 106 -7.32 -6.89 -0.09
CA ILE A 106 -7.46 -5.47 -0.28
C ILE A 106 -8.69 -4.97 0.51
N ARG A 107 -9.66 -5.86 0.64
CA ARG A 107 -10.88 -5.54 1.37
C ARG A 107 -10.54 -4.68 2.60
N ALA A 108 -9.43 -5.00 3.23
CA ALA A 108 -9.01 -4.27 4.41
C ALA A 108 -9.23 -2.78 4.19
N TRP A 109 -9.00 -2.36 2.95
CA TRP A 109 -9.18 -0.95 2.60
C TRP A 109 -10.57 -0.79 1.98
N VAL A 110 -11.58 -1.00 2.80
CA VAL A 110 -12.95 -0.88 2.36
C VAL A 110 -13.12 0.44 1.59
N ALA A 111 -12.23 1.37 1.88
CA ALA A 111 -12.27 2.67 1.22
C ALA A 111 -12.37 2.47 -0.29
N TRP A 112 -11.60 1.50 -0.77
CA TRP A 112 -11.59 1.19 -2.19
C TRP A 112 -12.97 0.68 -2.58
N ARG A 113 -13.61 0.02 -1.62
CA ARG A 113 -14.94 -0.53 -1.84
C ARG A 113 -15.96 0.59 -2.04
N ALA A 114 -15.54 1.80 -1.66
CA ALA A 114 -16.40 2.95 -1.80
C ALA A 114 -15.69 4.03 -2.61
N HIS A 115 -14.84 3.58 -3.52
CA HIS A 115 -14.09 4.49 -4.37
C HIS A 115 -13.82 3.82 -5.72
N CYS A 116 -13.41 2.57 -5.66
CA CYS A 116 -13.11 1.80 -6.86
C CYS A 116 -14.40 1.13 -7.34
N GLN A 117 -15.00 0.37 -6.43
CA GLN A 117 -16.23 -0.32 -6.73
C GLN A 117 -17.37 0.67 -7.00
N ASN A 118 -17.07 1.94 -6.72
CA ASN A 118 -18.05 3.00 -6.90
C ASN A 118 -18.27 3.20 -8.40
N ARG A 119 -17.21 3.64 -9.07
CA ARG A 119 -17.28 3.89 -10.50
C ARG A 119 -16.13 3.18 -11.22
N ASP A 120 -15.99 3.49 -12.50
CA ASP A 120 -14.94 2.89 -13.30
C ASP A 120 -13.65 3.69 -13.14
N LEU A 121 -12.76 3.16 -12.33
CA LEU A 121 -11.48 3.82 -12.08
C LEU A 121 -10.45 3.31 -13.09
N SER A 122 -10.94 2.64 -14.11
CA SER A 122 -10.07 2.09 -15.13
C SER A 122 -9.52 3.22 -16.01
N GLN A 123 -10.30 4.29 -16.10
CA GLN A 123 -9.90 5.44 -16.89
C GLN A 123 -8.74 6.17 -16.23
N TYR A 124 -8.50 5.81 -14.97
CA TYR A 124 -7.43 6.42 -14.21
C TYR A 124 -6.07 5.86 -14.64
N ILE A 125 -6.07 4.59 -15.01
CA ILE A 125 -4.84 3.93 -15.44
C ILE A 125 -4.72 4.05 -16.96
N ARG A 126 -5.85 3.90 -17.63
CA ARG A 126 -5.88 3.98 -19.08
C ARG A 126 -5.62 5.42 -19.53
N ASN A 127 -4.39 5.66 -19.96
CA ASN A 127 -4.00 6.99 -20.42
C ASN A 127 -2.47 7.09 -20.40
N CYS A 128 -1.86 6.32 -19.52
CA CYS A 128 -0.42 6.31 -19.40
C CYS A 128 0.17 5.59 -20.63
N GLY A 129 -0.65 4.73 -21.21
CA GLY A 129 -0.22 3.98 -22.38
C GLY A 129 0.10 2.53 -22.02
N VAL A 130 -0.58 2.05 -20.98
CA VAL A 130 -0.39 0.68 -20.53
C VAL A 130 -1.35 -0.24 -21.27
N LYS A 1 7.96 10.79 -0.74
CA LYS A 1 8.20 10.81 -2.17
C LYS A 1 6.91 11.14 -2.91
N VAL A 2 6.97 11.05 -4.23
CA VAL A 2 5.82 11.33 -5.07
C VAL A 2 5.48 10.10 -5.91
N TYR A 3 4.20 9.81 -6.00
CA TYR A 3 3.73 8.68 -6.77
C TYR A 3 2.29 8.88 -7.24
N GLU A 4 2.15 9.12 -8.53
CA GLU A 4 0.84 9.34 -9.12
C GLU A 4 0.39 8.07 -9.86
N ARG A 5 -0.84 8.13 -10.35
CA ARG A 5 -1.41 7.01 -11.08
C ARG A 5 -0.40 6.44 -12.07
N CYS A 6 0.20 7.34 -12.84
CA CYS A 6 1.19 6.96 -13.83
C CYS A 6 2.32 6.23 -13.11
N GLU A 7 3.16 7.00 -12.43
CA GLU A 7 4.27 6.44 -11.70
C GLU A 7 3.88 5.11 -11.07
N PHE A 8 2.96 5.19 -10.12
CA PHE A 8 2.49 4.00 -9.43
C PHE A 8 2.16 2.88 -10.43
N ALA A 9 1.37 3.23 -11.43
CA ALA A 9 0.98 2.28 -12.45
C ALA A 9 2.22 1.62 -13.03
N ARG A 10 3.17 2.46 -13.42
CA ARG A 10 4.41 1.98 -14.00
C ARG A 10 5.12 1.03 -13.02
N THR A 11 5.38 1.55 -11.84
CA THR A 11 6.05 0.77 -10.80
C THR A 11 5.33 -0.56 -10.60
N LEU A 12 4.03 -0.46 -10.30
CA LEU A 12 3.22 -1.65 -10.07
C LEU A 12 3.45 -2.64 -11.22
N LYS A 13 3.24 -2.16 -12.43
CA LYS A 13 3.42 -2.99 -13.61
C LYS A 13 4.88 -3.42 -13.70
N ARG A 14 5.74 -2.61 -13.12
CA ARG A 14 7.17 -2.90 -13.13
C ARG A 14 7.51 -3.92 -12.03
N ASN A 15 6.66 -3.96 -11.03
CA ASN A 15 6.86 -4.87 -9.91
C ASN A 15 6.18 -6.20 -10.22
N GLY A 16 4.98 -6.10 -10.78
CA GLY A 16 4.21 -7.28 -11.13
C GLY A 16 3.13 -7.57 -10.09
N MET A 17 2.34 -6.54 -9.80
CA MET A 17 1.26 -6.67 -8.83
C MET A 17 -0.08 -6.30 -9.45
N ALA A 18 -0.06 -5.27 -10.28
CA ALA A 18 -1.27 -4.81 -10.94
C ALA A 18 -1.84 -5.96 -11.79
N GLY A 19 -3.16 -6.10 -11.72
CA GLY A 19 -3.85 -7.14 -12.45
C GLY A 19 -3.82 -8.46 -11.68
N TYR A 20 -3.56 -8.36 -10.40
CA TYR A 20 -3.51 -9.54 -9.55
C TYR A 20 -4.73 -10.43 -9.75
N TYR A 21 -4.77 -11.53 -9.02
CA TYR A 21 -5.86 -12.46 -9.12
C TYR A 21 -7.17 -11.74 -9.46
N GLY A 22 -7.40 -10.63 -8.76
CA GLY A 22 -8.60 -9.85 -8.97
C GLY A 22 -8.27 -8.35 -9.03
N VAL A 23 -7.82 -7.83 -7.90
CA VAL A 23 -7.47 -6.42 -7.82
C VAL A 23 -6.70 -6.02 -9.08
N SER A 24 -7.32 -5.16 -9.87
CA SER A 24 -6.70 -4.70 -11.11
C SER A 24 -5.91 -3.42 -10.84
N LEU A 25 -5.04 -3.09 -11.77
CA LEU A 25 -4.21 -1.91 -11.66
C LEU A 25 -5.08 -0.72 -11.24
N ALA A 26 -6.24 -0.62 -11.89
CA ALA A 26 -7.17 0.45 -11.59
C ALA A 26 -7.59 0.37 -10.12
N ASP A 27 -7.86 -0.86 -9.70
CA ASP A 27 -8.28 -1.09 -8.32
C ASP A 27 -7.15 -0.69 -7.37
N TRP A 28 -5.93 -0.97 -7.80
CA TRP A 28 -4.76 -0.64 -6.99
C TRP A 28 -4.67 0.89 -6.90
N VAL A 29 -4.50 1.52 -8.05
CA VAL A 29 -4.40 2.97 -8.10
C VAL A 29 -5.51 3.58 -7.24
N CYS A 30 -6.74 3.18 -7.56
CA CYS A 30 -7.89 3.69 -6.82
C CYS A 30 -7.62 3.53 -5.32
N LEU A 31 -7.40 2.29 -4.93
CA LEU A 31 -7.13 1.98 -3.53
C LEU A 31 -5.99 2.88 -3.03
N ALA A 32 -4.99 3.04 -3.89
CA ALA A 32 -3.84 3.86 -3.55
C ALA A 32 -4.28 5.32 -3.45
N GLN A 33 -5.31 5.66 -4.21
CA GLN A 33 -5.84 7.01 -4.21
C GLN A 33 -6.58 7.30 -2.91
N HIS A 34 -7.53 6.41 -2.60
CA HIS A 34 -8.31 6.54 -1.39
C HIS A 34 -7.39 6.58 -0.18
N GLU A 35 -6.23 5.96 -0.33
CA GLU A 35 -5.26 5.91 0.74
C GLU A 35 -4.55 7.26 0.88
N SER A 36 -3.81 7.62 -0.16
CA SER A 36 -3.09 8.88 -0.16
C SER A 36 -1.96 8.83 -1.19
N ASN A 37 -2.33 8.48 -2.42
CA ASN A 37 -1.36 8.39 -3.50
C ASN A 37 -0.69 9.76 -3.69
N TYR A 38 -0.17 9.96 -4.89
CA TYR A 38 0.50 11.21 -5.21
C TYR A 38 1.71 11.43 -4.31
N ASN A 39 1.44 11.54 -3.02
CA ASN A 39 2.50 11.75 -2.06
C ASN A 39 2.70 10.47 -1.23
N THR A 40 3.95 10.25 -0.85
CA THR A 40 4.29 9.08 -0.06
C THR A 40 4.95 9.49 1.26
N ARG A 41 4.29 10.40 1.96
CA ARG A 41 4.80 10.88 3.23
C ARG A 41 3.88 10.46 4.37
N ALA A 42 2.87 9.65 4.02
CA ALA A 42 1.91 9.18 4.99
C ALA A 42 2.66 8.51 6.15
N THR A 43 2.93 9.30 7.18
CA THR A 43 3.63 8.80 8.35
C THR A 43 3.00 9.35 9.64
N ASN A 44 2.63 8.44 10.52
CA ASN A 44 2.02 8.82 11.78
C ASN A 44 2.36 7.77 12.84
N TYR A 45 3.44 8.02 13.55
CA TYR A 45 3.89 7.12 14.60
C TYR A 45 3.25 7.47 15.94
N ASN A 46 3.23 6.49 16.83
CA ASN A 46 2.65 6.68 18.15
C ASN A 46 3.15 5.58 19.08
N ARG A 47 4.04 5.97 19.98
CA ARG A 47 4.61 5.03 20.94
C ARG A 47 3.59 4.73 22.04
N GLY A 48 2.76 5.72 22.33
CA GLY A 48 1.75 5.57 23.35
C GLY A 48 1.23 4.12 23.41
N ASP A 49 1.12 3.54 22.23
CA ASP A 49 0.64 2.16 22.13
C ASP A 49 1.50 1.40 21.12
N GLN A 50 2.78 1.75 21.10
CA GLN A 50 3.71 1.10 20.19
C GLN A 50 3.02 0.76 18.87
N SER A 51 2.39 1.77 18.29
CA SER A 51 1.68 1.59 17.03
C SER A 51 1.91 2.80 16.13
N THR A 52 2.45 2.53 14.95
CA THR A 52 2.72 3.59 13.99
C THR A 52 1.91 3.37 12.71
N ASP A 53 1.24 4.44 12.28
CA ASP A 53 0.42 4.37 11.08
C ASP A 53 1.11 5.15 9.96
N TYR A 54 1.72 4.42 9.05
CA TYR A 54 2.41 5.04 7.93
C TYR A 54 2.45 4.10 6.73
N GLY A 55 2.85 4.66 5.59
CA GLY A 55 2.94 3.88 4.37
C GLY A 55 1.93 4.38 3.33
N ILE A 56 2.32 4.26 2.06
CA ILE A 56 1.46 4.70 0.98
C ILE A 56 0.04 4.17 1.21
N PHE A 57 -0.02 2.98 1.80
CA PHE A 57 -1.29 2.35 2.07
C PHE A 57 -1.64 2.44 3.56
N GLN A 58 -1.17 3.50 4.19
CA GLN A 58 -1.41 3.71 5.60
C GLN A 58 -1.44 2.37 6.34
N ILE A 59 -0.26 1.85 6.60
CA ILE A 59 -0.13 0.57 7.30
C ILE A 59 0.31 0.83 8.74
N ASN A 60 -0.23 0.03 9.64
CA ASN A 60 0.10 0.15 11.06
C ASN A 60 1.34 -0.69 11.35
N SER A 61 2.21 -0.13 12.19
CA SER A 61 3.43 -0.80 12.57
C SER A 61 3.19 -1.65 13.83
N ARG A 62 1.95 -1.63 14.30
CA ARG A 62 1.59 -2.38 15.48
C ARG A 62 1.16 -3.79 15.09
N TYR A 63 1.12 -4.04 13.79
CA TYR A 63 0.73 -5.35 13.28
C TYR A 63 1.67 -5.80 12.16
N TRP A 64 1.96 -4.87 11.26
CA TRP A 64 2.84 -5.16 10.14
C TRP A 64 4.16 -4.42 10.37
N CYS A 65 5.18 -4.85 9.66
CA CYS A 65 6.49 -4.25 9.78
C CYS A 65 6.97 -4.40 11.23
N ASN A 66 8.28 -4.57 11.37
CA ASN A 66 8.86 -4.72 12.69
C ASN A 66 9.81 -3.56 12.97
N ASP A 67 10.27 -3.48 14.21
CA ASP A 67 11.18 -2.42 14.61
C ASP A 67 12.29 -3.01 15.48
N GLY A 68 11.88 -3.63 16.58
CA GLY A 68 12.83 -4.24 17.49
C GLY A 68 12.96 -3.42 18.78
N LYS A 69 12.16 -2.37 18.85
CA LYS A 69 12.17 -1.49 20.02
C LYS A 69 11.14 -1.98 21.02
N THR A 70 10.24 -2.83 20.54
CA THR A 70 9.20 -3.37 21.40
C THR A 70 8.88 -4.81 20.98
N PRO A 71 9.34 -5.76 21.84
CA PRO A 71 9.11 -7.17 21.58
C PRO A 71 7.66 -7.56 21.88
N ARG A 72 6.74 -6.87 21.22
CA ARG A 72 5.32 -7.12 21.42
C ARG A 72 4.61 -7.17 20.07
N ALA A 73 4.91 -6.17 19.24
CA ALA A 73 4.31 -6.09 17.93
C ALA A 73 4.24 -7.48 17.29
N VAL A 74 3.38 -7.62 16.31
CA VAL A 74 3.21 -8.89 15.62
C VAL A 74 3.45 -8.69 14.12
N ASN A 75 4.61 -8.12 13.81
CA ASN A 75 4.96 -7.86 12.42
C ASN A 75 4.52 -9.06 11.56
N ALA A 76 3.38 -8.88 10.91
CA ALA A 76 2.85 -9.92 10.06
C ALA A 76 3.49 -9.83 8.66
N CYS A 77 4.19 -8.72 8.46
CA CYS A 77 4.85 -8.50 7.19
C CYS A 77 6.29 -9.03 7.29
N GLY A 78 6.87 -8.85 8.46
CA GLY A 78 8.23 -9.31 8.70
C GLY A 78 9.24 -8.51 7.86
N ILE A 79 9.17 -7.20 8.01
CA ILE A 79 10.06 -6.32 7.26
C ILE A 79 10.34 -5.06 8.09
N ASN A 80 11.52 -4.50 7.87
CA ASN A 80 11.92 -3.30 8.59
C ASN A 80 10.93 -2.17 8.28
N CYS A 81 10.38 -1.60 9.34
CA CYS A 81 9.42 -0.52 9.20
C CYS A 81 10.08 0.60 8.40
N SER A 82 11.38 0.77 8.63
CA SER A 82 12.14 1.79 7.94
C SER A 82 11.97 1.64 6.42
N ALA A 83 11.67 0.41 6.02
CA ALA A 83 11.47 0.12 4.61
C ALA A 83 10.29 0.93 4.07
N LEU A 84 9.43 1.33 4.99
CA LEU A 84 8.26 2.12 4.63
C LEU A 84 8.56 3.60 4.85
N LEU A 85 9.81 3.88 5.16
CA LEU A 85 10.24 5.24 5.40
C LEU A 85 11.34 5.62 4.41
N GLN A 86 11.40 4.85 3.32
CA GLN A 86 12.39 5.09 2.29
C GLN A 86 11.78 5.87 1.13
N ASP A 87 12.45 5.81 -0.01
CA ASP A 87 11.98 6.51 -1.19
C ASP A 87 11.08 5.57 -2.00
N ASP A 88 11.71 4.58 -2.62
CA ASP A 88 10.98 3.61 -3.43
C ASP A 88 9.86 3.00 -2.59
N ILE A 89 8.82 2.56 -3.29
CA ILE A 89 7.68 1.95 -2.61
C ILE A 89 7.81 0.42 -2.70
N THR A 90 8.94 -0.02 -3.22
CA THR A 90 9.19 -1.44 -3.35
C THR A 90 8.78 -2.18 -2.08
N ALA A 91 8.94 -1.48 -0.96
CA ALA A 91 8.59 -2.05 0.34
C ALA A 91 7.06 -2.07 0.49
N ALA A 92 6.45 -0.97 0.07
CA ALA A 92 5.00 -0.84 0.16
C ALA A 92 4.35 -1.92 -0.71
N ILE A 93 4.97 -2.16 -1.85
CA ILE A 93 4.46 -3.16 -2.79
C ILE A 93 4.74 -4.55 -2.23
N GLN A 94 6.00 -4.78 -1.87
CA GLN A 94 6.41 -6.07 -1.33
C GLN A 94 5.57 -6.41 -0.10
N CYS A 95 5.36 -5.40 0.74
CA CYS A 95 4.59 -5.58 1.95
C CYS A 95 3.12 -5.77 1.56
N ALA A 96 2.65 -4.87 0.72
CA ALA A 96 1.28 -4.92 0.26
C ALA A 96 0.94 -6.35 -0.19
N LYS A 97 1.86 -6.92 -0.95
CA LYS A 97 1.69 -8.27 -1.45
C LYS A 97 1.84 -9.26 -0.29
N ARG A 98 2.88 -9.02 0.51
CA ARG A 98 3.15 -9.88 1.64
C ARG A 98 1.96 -9.89 2.60
N VAL A 99 1.19 -8.82 2.55
CA VAL A 99 0.02 -8.69 3.39
C VAL A 99 -1.18 -9.37 2.73
N VAL A 100 -1.46 -8.94 1.51
CA VAL A 100 -2.56 -9.50 0.75
C VAL A 100 -2.39 -11.01 0.64
N ARG A 101 -1.13 -11.44 0.69
CA ARG A 101 -0.81 -12.85 0.59
C ARG A 101 -1.64 -13.65 1.61
N ASP A 102 -2.13 -12.94 2.61
CA ASP A 102 -2.93 -13.56 3.65
C ASP A 102 -4.36 -13.75 3.15
N PRO A 103 -5.19 -14.39 4.01
CA PRO A 103 -6.58 -14.64 3.67
C PRO A 103 -7.41 -13.36 3.77
N GLN A 104 -6.73 -12.28 4.14
CA GLN A 104 -7.39 -10.99 4.27
C GLN A 104 -7.80 -10.45 2.90
N GLY A 105 -6.80 -10.21 2.08
CA GLY A 105 -7.05 -9.70 0.74
C GLY A 105 -7.32 -8.19 0.76
N ILE A 106 -7.16 -7.58 -0.39
CA ILE A 106 -7.39 -6.14 -0.52
C ILE A 106 -8.65 -5.76 0.26
N ARG A 107 -9.56 -6.72 0.35
CA ARG A 107 -10.81 -6.50 1.06
C ARG A 107 -10.56 -5.69 2.34
N ALA A 108 -9.43 -5.97 2.97
CA ALA A 108 -9.06 -5.28 4.20
C ALA A 108 -9.36 -3.79 4.04
N TRP A 109 -9.16 -3.29 2.83
CA TRP A 109 -9.40 -1.89 2.55
C TRP A 109 -10.83 -1.75 2.03
N VAL A 110 -11.77 -1.98 2.93
CA VAL A 110 -13.18 -1.89 2.57
C VAL A 110 -13.41 -0.64 1.72
N ALA A 111 -12.56 0.35 1.95
CA ALA A 111 -12.66 1.59 1.21
C ALA A 111 -12.76 1.30 -0.28
N TRP A 112 -11.88 0.44 -0.74
CA TRP A 112 -11.87 0.05 -2.15
C TRP A 112 -13.26 -0.44 -2.53
N ARG A 113 -13.96 -0.96 -1.53
CA ARG A 113 -15.30 -1.47 -1.73
C ARG A 113 -16.27 -0.31 -2.00
N ALA A 114 -15.84 0.87 -1.59
CA ALA A 114 -16.66 2.06 -1.78
C ALA A 114 -15.82 3.15 -2.46
N HIS A 115 -14.90 2.70 -3.31
CA HIS A 115 -14.03 3.63 -4.01
C HIS A 115 -13.63 3.02 -5.36
N CYS A 116 -13.30 1.74 -5.32
CA CYS A 116 -12.90 1.02 -6.52
C CYS A 116 -14.16 0.46 -7.19
N GLN A 117 -14.82 -0.44 -6.46
CA GLN A 117 -16.04 -1.05 -6.97
C GLN A 117 -17.21 -0.08 -6.87
N ASN A 118 -17.03 1.08 -7.47
CA ASN A 118 -18.06 2.10 -7.45
C ASN A 118 -18.32 2.59 -8.89
N ARG A 119 -17.31 3.24 -9.44
CA ARG A 119 -17.42 3.76 -10.79
C ARG A 119 -16.23 3.29 -11.64
N ASP A 120 -16.10 3.89 -12.81
CA ASP A 120 -15.01 3.53 -13.72
C ASP A 120 -13.76 4.34 -13.34
N LEU A 121 -12.89 3.68 -12.58
CA LEU A 121 -11.66 4.32 -12.14
C LEU A 121 -10.51 3.84 -13.03
N SER A 122 -10.87 3.27 -14.16
CA SER A 122 -9.89 2.77 -15.11
C SER A 122 -9.32 3.92 -15.95
N GLN A 123 -10.13 4.97 -16.07
CA GLN A 123 -9.73 6.13 -16.84
C GLN A 123 -8.61 6.89 -16.11
N TYR A 124 -8.39 6.48 -14.87
CA TYR A 124 -7.36 7.11 -14.06
C TYR A 124 -5.96 6.62 -14.46
N ILE A 125 -5.90 5.35 -14.83
CA ILE A 125 -4.64 4.75 -15.24
C ILE A 125 -4.49 4.87 -16.75
N ARG A 126 -5.61 4.74 -17.44
CA ARG A 126 -5.62 4.84 -18.89
C ARG A 126 -5.21 6.24 -19.33
N ASN A 127 -3.97 6.35 -19.77
CA ASN A 127 -3.45 7.63 -20.23
C ASN A 127 -1.92 7.57 -20.26
N CYS A 128 -1.37 6.73 -19.39
CA CYS A 128 0.07 6.57 -19.31
C CYS A 128 0.53 5.76 -20.53
N GLY A 129 -0.39 4.97 -21.05
CA GLY A 129 -0.09 4.15 -22.21
C GLY A 129 0.13 2.68 -21.81
N VAL A 130 -0.51 2.31 -20.71
CA VAL A 130 -0.39 0.95 -20.19
C VAL A 130 -1.50 0.09 -20.81
N LYS A 1 8.13 7.87 -0.43
CA LYS A 1 8.67 8.73 -1.46
C LYS A 1 7.52 9.40 -2.22
N VAL A 2 7.71 9.52 -3.52
CA VAL A 2 6.71 10.14 -4.37
C VAL A 2 6.27 9.14 -5.45
N TYR A 3 4.98 9.13 -5.72
CA TYR A 3 4.43 8.25 -6.73
C TYR A 3 3.00 8.65 -7.10
N GLU A 4 2.80 8.89 -8.38
CA GLU A 4 1.50 9.28 -8.89
C GLU A 4 0.83 8.11 -9.60
N ARG A 5 -0.47 8.27 -9.85
CA ARG A 5 -1.24 7.24 -10.53
C ARG A 5 -0.39 6.58 -11.62
N CYS A 6 0.06 7.41 -12.55
CA CYS A 6 0.86 6.93 -13.66
C CYS A 6 2.05 6.14 -13.08
N GLU A 7 3.02 6.88 -12.57
CA GLU A 7 4.20 6.25 -11.98
C GLU A 7 3.82 4.96 -11.27
N PHE A 8 3.02 5.11 -10.22
CA PHE A 8 2.59 3.96 -9.44
C PHE A 8 2.23 2.78 -10.36
N ALA A 9 1.33 3.04 -11.29
CA ALA A 9 0.90 2.02 -12.23
C ALA A 9 2.13 1.44 -12.94
N ARG A 10 2.90 2.34 -13.54
CA ARG A 10 4.09 1.94 -14.25
C ARG A 10 4.93 0.98 -13.39
N THR A 11 5.34 1.48 -12.24
CA THR A 11 6.14 0.69 -11.32
C THR A 11 5.46 -0.65 -11.05
N LEU A 12 4.23 -0.56 -10.55
CA LEU A 12 3.46 -1.74 -10.24
C LEU A 12 3.59 -2.76 -11.39
N LYS A 13 3.37 -2.27 -12.58
CA LYS A 13 3.46 -3.11 -13.76
C LYS A 13 4.91 -3.55 -13.96
N ARG A 14 5.83 -2.68 -13.55
CA ARG A 14 7.24 -2.97 -13.68
C ARG A 14 7.67 -3.99 -12.62
N ASN A 15 6.92 -4.01 -11.53
CA ASN A 15 7.20 -4.93 -10.44
C ASN A 15 6.45 -6.24 -10.68
N GLY A 16 5.22 -6.11 -11.15
CA GLY A 16 4.39 -7.27 -11.42
C GLY A 16 3.23 -7.36 -10.42
N MET A 17 2.55 -6.25 -10.25
CA MET A 17 1.42 -6.19 -9.32
C MET A 17 0.16 -5.71 -10.04
N ALA A 18 0.34 -4.74 -10.93
CA ALA A 18 -0.77 -4.18 -11.67
C ALA A 18 -1.58 -5.33 -12.30
N GLY A 19 -2.76 -5.54 -11.76
CA GLY A 19 -3.63 -6.58 -12.25
C GLY A 19 -3.23 -7.95 -11.69
N TYR A 20 -2.77 -7.92 -10.45
CA TYR A 20 -2.36 -9.14 -9.77
C TYR A 20 -3.40 -10.24 -9.94
N TYR A 21 -3.06 -11.42 -9.42
CA TYR A 21 -3.96 -12.55 -9.50
C TYR A 21 -5.42 -12.11 -9.37
N GLY A 22 -5.67 -11.28 -8.38
CA GLY A 22 -7.01 -10.77 -8.15
C GLY A 22 -7.03 -9.24 -8.15
N VAL A 23 -6.21 -8.66 -7.29
CA VAL A 23 -6.13 -7.21 -7.18
C VAL A 23 -5.93 -6.63 -8.58
N SER A 24 -6.82 -5.72 -8.93
CA SER A 24 -6.76 -5.07 -10.24
C SER A 24 -5.92 -3.79 -10.13
N LEU A 25 -5.21 -3.51 -11.22
CA LEU A 25 -4.37 -2.32 -11.28
C LEU A 25 -5.17 -1.11 -10.80
N ALA A 26 -6.40 -1.01 -11.29
CA ALA A 26 -7.27 0.09 -10.91
C ALA A 26 -7.45 0.10 -9.39
N ASP A 27 -7.70 -1.07 -8.85
CA ASP A 27 -7.89 -1.22 -7.42
C ASP A 27 -6.60 -0.83 -6.70
N TRP A 28 -5.49 -1.15 -7.34
CA TRP A 28 -4.19 -0.85 -6.77
C TRP A 28 -4.05 0.67 -6.67
N VAL A 29 -4.09 1.31 -7.83
CA VAL A 29 -3.98 2.76 -7.89
C VAL A 29 -5.04 3.39 -6.97
N CYS A 30 -6.30 3.08 -7.29
CA CYS A 30 -7.40 3.60 -6.51
C CYS A 30 -7.04 3.49 -5.02
N LEU A 31 -6.76 2.27 -4.60
CA LEU A 31 -6.40 2.03 -3.22
C LEU A 31 -5.31 3.01 -2.79
N ALA A 32 -4.29 3.13 -3.64
CA ALA A 32 -3.19 4.03 -3.35
C ALA A 32 -3.70 5.47 -3.37
N GLN A 33 -4.81 5.67 -4.07
CA GLN A 33 -5.41 6.98 -4.18
C GLN A 33 -6.14 7.34 -2.88
N HIS A 34 -7.09 6.49 -2.52
CA HIS A 34 -7.87 6.69 -1.32
C HIS A 34 -6.94 6.76 -0.11
N GLU A 35 -5.79 6.12 -0.25
CA GLU A 35 -4.80 6.10 0.82
C GLU A 35 -4.08 7.46 0.90
N SER A 36 -3.43 7.80 -0.21
CA SER A 36 -2.70 9.07 -0.27
C SER A 36 -2.16 9.27 -1.69
N ASN A 37 -1.27 8.38 -2.08
CA ASN A 37 -0.67 8.46 -3.40
C ASN A 37 0.19 9.72 -3.50
N TYR A 38 0.72 9.95 -4.68
CA TYR A 38 1.57 11.10 -4.91
C TYR A 38 2.83 11.06 -4.03
N ASN A 39 2.60 11.04 -2.74
CA ASN A 39 3.69 10.99 -1.78
C ASN A 39 3.33 10.03 -0.64
N THR A 40 4.36 9.50 -0.01
CA THR A 40 4.18 8.57 1.10
C THR A 40 4.42 9.29 2.43
N ARG A 41 3.75 10.42 2.59
CA ARG A 41 3.88 11.20 3.80
C ARG A 41 2.97 10.64 4.89
N ALA A 42 1.97 9.89 4.46
CA ALA A 42 1.02 9.28 5.38
C ALA A 42 1.78 8.67 6.56
N THR A 43 1.87 9.43 7.63
CA THR A 43 2.56 8.96 8.83
C THR A 43 1.76 9.33 10.08
N ASN A 44 1.40 8.31 10.84
CA ASN A 44 0.65 8.52 12.06
C ASN A 44 1.17 7.56 13.14
N TYR A 45 2.15 8.03 13.88
CA TYR A 45 2.74 7.22 14.95
C TYR A 45 2.01 7.45 16.27
N ASN A 46 2.07 6.43 17.12
CA ASN A 46 1.42 6.51 18.42
C ASN A 46 2.02 5.45 19.34
N ARG A 47 2.87 5.91 20.24
CA ARG A 47 3.52 5.02 21.19
C ARG A 47 2.53 4.61 22.29
N GLY A 48 1.63 5.52 22.60
CA GLY A 48 0.63 5.26 23.63
C GLY A 48 0.19 3.79 23.61
N ASP A 49 0.18 3.22 22.42
CA ASP A 49 -0.22 1.84 22.25
C ASP A 49 0.74 1.15 21.28
N GLN A 50 1.99 1.59 21.32
CA GLN A 50 3.01 1.03 20.45
C GLN A 50 2.41 0.68 19.08
N SER A 51 1.77 1.69 18.49
CA SER A 51 1.15 1.51 17.18
C SER A 51 1.41 2.74 16.31
N THR A 52 1.67 2.48 15.04
CA THR A 52 1.93 3.55 14.09
C THR A 52 1.30 3.22 12.73
N ASP A 53 0.57 4.20 12.22
CA ASP A 53 -0.10 4.03 10.93
C ASP A 53 0.54 4.98 9.92
N TYR A 54 1.33 4.40 9.02
CA TYR A 54 2.00 5.16 7.99
C TYR A 54 2.29 4.31 6.76
N GLY A 55 2.63 4.98 5.67
CA GLY A 55 2.93 4.29 4.43
C GLY A 55 1.96 4.71 3.33
N ILE A 56 2.43 4.61 2.10
CA ILE A 56 1.61 4.97 0.95
C ILE A 56 0.25 4.27 1.07
N PHE A 57 0.28 3.08 1.64
CA PHE A 57 -0.94 2.31 1.82
C PHE A 57 -1.42 2.36 3.29
N GLN A 58 -0.96 3.39 3.98
CA GLN A 58 -1.32 3.56 5.38
C GLN A 58 -1.37 2.20 6.10
N ILE A 59 -0.19 1.75 6.50
CA ILE A 59 -0.08 0.47 7.19
C ILE A 59 0.22 0.72 8.67
N ASN A 60 -0.29 -0.16 9.51
CA ASN A 60 -0.08 -0.05 10.94
C ASN A 60 1.18 -0.83 11.33
N SER A 61 1.95 -0.23 12.21
CA SER A 61 3.19 -0.85 12.67
C SER A 61 2.91 -1.68 13.93
N ARG A 62 1.64 -1.72 14.31
CA ARG A 62 1.24 -2.47 15.48
C ARG A 62 0.89 -3.92 15.09
N TYR A 63 1.19 -4.25 13.84
CA TYR A 63 0.91 -5.58 13.34
C TYR A 63 1.92 -5.97 12.25
N TRP A 64 2.11 -5.05 11.31
CA TRP A 64 3.04 -5.29 10.22
C TRP A 64 4.25 -4.39 10.42
N CYS A 65 5.32 -4.71 9.71
CA CYS A 65 6.55 -3.95 9.81
C CYS A 65 7.05 -4.03 11.25
N ASN A 66 8.37 -4.14 11.38
CA ASN A 66 8.99 -4.23 12.68
C ASN A 66 9.97 -3.07 12.86
N ASP A 67 10.62 -3.05 14.01
CA ASP A 67 11.60 -2.01 14.32
C ASP A 67 12.87 -2.65 14.87
N GLY A 68 12.68 -3.56 15.81
CA GLY A 68 13.80 -4.24 16.43
C GLY A 68 14.12 -3.64 17.80
N LYS A 69 13.37 -2.61 18.15
CA LYS A 69 13.56 -1.95 19.43
C LYS A 69 12.33 -2.16 20.30
N THR A 70 11.32 -2.77 19.70
CA THR A 70 10.07 -3.04 20.41
C THR A 70 9.67 -4.51 20.25
N PRO A 71 10.15 -5.34 21.21
CA PRO A 71 9.85 -6.76 21.18
C PRO A 71 8.40 -7.03 21.62
N ARG A 72 7.48 -6.37 20.94
CA ARG A 72 6.06 -6.51 21.25
C ARG A 72 5.26 -6.69 19.96
N ALA A 73 5.39 -5.71 19.08
CA ALA A 73 4.69 -5.73 17.81
C ALA A 73 4.73 -7.15 17.24
N VAL A 74 3.81 -7.42 16.33
CA VAL A 74 3.73 -8.73 15.69
C VAL A 74 3.90 -8.58 14.18
N ASN A 75 4.97 -7.90 13.81
CA ASN A 75 5.26 -7.67 12.40
C ASN A 75 4.90 -8.93 11.61
N ALA A 76 3.71 -8.90 11.01
CA ALA A 76 3.24 -10.02 10.23
C ALA A 76 3.79 -9.91 8.81
N CYS A 77 4.35 -8.74 8.51
CA CYS A 77 4.93 -8.50 7.19
C CYS A 77 6.40 -8.91 7.23
N GLY A 78 7.03 -8.62 8.36
CA GLY A 78 8.44 -8.96 8.53
C GLY A 78 9.31 -8.10 7.62
N ILE A 79 9.17 -6.79 7.77
CA ILE A 79 9.95 -5.86 6.97
C ILE A 79 10.26 -4.61 7.80
N ASN A 80 11.40 -4.02 7.50
CA ASN A 80 11.84 -2.82 8.21
C ASN A 80 10.76 -1.75 8.09
N CYS A 81 10.32 -1.27 9.24
CA CYS A 81 9.30 -0.24 9.28
C CYS A 81 9.73 0.91 8.36
N SER A 82 11.04 1.13 8.33
CA SER A 82 11.59 2.19 7.50
C SER A 82 11.24 1.94 6.04
N ALA A 83 10.99 0.67 5.72
CA ALA A 83 10.66 0.29 4.37
C ALA A 83 9.34 0.95 3.97
N LEU A 84 8.64 1.46 4.98
CA LEU A 84 7.36 2.12 4.75
C LEU A 84 7.58 3.63 4.73
N LEU A 85 8.84 4.02 4.87
CA LEU A 85 9.20 5.43 4.88
C LEU A 85 10.45 5.64 4.04
N GLN A 86 10.82 4.60 3.31
CA GLN A 86 12.00 4.65 2.46
C GLN A 86 11.62 5.15 1.06
N ASP A 87 12.61 5.09 0.16
CA ASP A 87 12.40 5.53 -1.21
C ASP A 87 11.72 4.42 -2.00
N ASP A 88 12.51 3.38 -2.26
CA ASP A 88 12.00 2.23 -3.02
C ASP A 88 10.73 1.72 -2.36
N ILE A 89 9.67 1.62 -3.17
CA ILE A 89 8.39 1.14 -2.67
C ILE A 89 8.37 -0.39 -2.74
N THR A 90 9.49 -0.95 -3.18
CA THR A 90 9.59 -2.40 -3.29
C THR A 90 9.01 -3.07 -2.06
N ALA A 91 9.20 -2.43 -0.92
CA ALA A 91 8.70 -2.96 0.34
C ALA A 91 7.19 -2.74 0.42
N ALA A 92 6.78 -1.56 -0.05
CA ALA A 92 5.36 -1.21 -0.04
C ALA A 92 4.58 -2.23 -0.88
N ILE A 93 5.18 -2.60 -2.00
CA ILE A 93 4.56 -3.56 -2.89
C ILE A 93 4.67 -4.96 -2.29
N GLN A 94 5.90 -5.33 -1.94
CA GLN A 94 6.17 -6.63 -1.36
C GLN A 94 5.31 -6.84 -0.11
N CYS A 95 5.25 -5.79 0.70
CA CYS A 95 4.47 -5.84 1.92
C CYS A 95 2.98 -5.87 1.55
N ALA A 96 2.58 -4.89 0.75
CA ALA A 96 1.21 -4.79 0.32
C ALA A 96 0.70 -6.18 -0.07
N LYS A 97 1.50 -6.86 -0.88
CA LYS A 97 1.15 -8.20 -1.34
C LYS A 97 1.28 -9.18 -0.18
N ARG A 98 2.34 -8.98 0.60
CA ARG A 98 2.59 -9.84 1.75
C ARG A 98 1.45 -9.72 2.76
N VAL A 99 0.76 -8.60 2.69
CA VAL A 99 -0.35 -8.35 3.60
C VAL A 99 -1.64 -8.90 2.99
N VAL A 100 -1.94 -8.43 1.79
CA VAL A 100 -3.14 -8.86 1.09
C VAL A 100 -3.10 -10.38 0.92
N ARG A 101 -1.88 -10.91 0.90
CA ARG A 101 -1.69 -12.34 0.73
C ARG A 101 -2.49 -13.10 1.80
N ASP A 102 -2.84 -12.38 2.86
CA ASP A 102 -3.61 -12.97 3.95
C ASP A 102 -5.06 -13.14 3.51
N PRO A 103 -5.87 -13.72 4.44
CA PRO A 103 -7.28 -13.95 4.16
C PRO A 103 -8.07 -12.63 4.24
N GLN A 104 -7.34 -11.56 4.51
CA GLN A 104 -7.96 -10.24 4.62
C GLN A 104 -8.44 -9.77 3.24
N GLY A 105 -7.49 -9.63 2.33
CA GLY A 105 -7.80 -9.18 0.99
C GLY A 105 -7.91 -7.65 0.92
N ILE A 106 -7.74 -7.13 -0.29
CA ILE A 106 -7.81 -5.70 -0.49
C ILE A 106 -8.96 -5.12 0.34
N ARG A 107 -9.95 -5.96 0.58
CA ARG A 107 -11.11 -5.55 1.35
C ARG A 107 -10.69 -4.57 2.45
N ALA A 108 -9.50 -4.81 2.99
CA ALA A 108 -8.97 -3.96 4.05
C ALA A 108 -9.22 -2.49 3.68
N TRP A 109 -9.12 -2.20 2.39
CA TRP A 109 -9.33 -0.85 1.91
C TRP A 109 -10.71 -0.80 1.24
N VAL A 110 -11.70 -1.29 1.96
CA VAL A 110 -13.06 -1.30 1.46
C VAL A 110 -13.36 0.04 0.76
N ALA A 111 -12.61 1.05 1.17
CA ALA A 111 -12.79 2.38 0.61
C ALA A 111 -12.91 2.27 -0.92
N TRP A 112 -11.97 1.53 -1.50
CA TRP A 112 -11.96 1.33 -2.93
C TRP A 112 -13.28 0.68 -3.34
N ARG A 113 -13.77 -0.19 -2.46
CA ARG A 113 -15.01 -0.88 -2.71
C ARG A 113 -16.20 0.05 -2.48
N ALA A 114 -15.89 1.22 -1.92
CA ALA A 114 -16.92 2.21 -1.64
C ALA A 114 -16.50 3.55 -2.24
N HIS A 115 -15.74 3.47 -3.33
CA HIS A 115 -15.27 4.66 -4.01
C HIS A 115 -15.04 4.36 -5.48
N CYS A 116 -14.37 3.25 -5.72
CA CYS A 116 -14.08 2.83 -7.09
C CYS A 116 -15.24 1.95 -7.59
N GLN A 117 -15.59 0.98 -6.77
CA GLN A 117 -16.66 0.06 -7.11
C GLN A 117 -17.99 0.83 -7.21
N ASN A 118 -18.01 1.79 -8.10
CA ASN A 118 -19.20 2.60 -8.30
C ASN A 118 -19.18 3.20 -9.72
N ARG A 119 -18.01 3.72 -10.08
CA ARG A 119 -17.84 4.33 -11.39
C ARG A 119 -16.68 3.67 -12.13
N ASP A 120 -16.31 4.27 -13.25
CA ASP A 120 -15.22 3.75 -14.06
C ASP A 120 -13.93 4.49 -13.70
N LEU A 121 -13.13 3.84 -12.87
CA LEU A 121 -11.86 4.43 -12.43
C LEU A 121 -10.72 3.81 -13.24
N SER A 122 -11.09 3.20 -14.36
CA SER A 122 -10.12 2.57 -15.23
C SER A 122 -9.35 3.64 -16.02
N GLN A 123 -9.99 4.79 -16.16
CA GLN A 123 -9.39 5.90 -16.88
C GLN A 123 -8.25 6.51 -16.08
N TYR A 124 -8.20 6.14 -14.80
CA TYR A 124 -7.16 6.64 -13.90
C TYR A 124 -5.83 5.93 -14.17
N ILE A 125 -5.93 4.68 -14.59
CA ILE A 125 -4.75 3.89 -14.86
C ILE A 125 -4.49 3.88 -16.38
N ARG A 126 -5.58 3.90 -17.12
CA ARG A 126 -5.49 3.88 -18.58
C ARG A 126 -5.24 5.31 -19.10
N ASN A 127 -4.04 5.51 -19.61
CA ASN A 127 -3.67 6.81 -20.14
C ASN A 127 -2.15 6.92 -20.21
N CYS A 128 -1.49 6.16 -19.33
CA CYS A 128 -0.05 6.16 -19.28
C CYS A 128 0.48 5.36 -20.47
N GLY A 129 -0.37 4.48 -20.97
CA GLY A 129 -0.01 3.65 -22.12
C GLY A 129 0.21 2.20 -21.69
N VAL A 130 -0.55 1.78 -20.68
CA VAL A 130 -0.45 0.43 -20.19
C VAL A 130 -1.41 -0.47 -20.95
N LYS A 1 10.45 9.58 -3.44
CA LYS A 1 9.31 8.82 -2.96
C LYS A 1 8.03 9.56 -3.32
N VAL A 2 7.97 10.01 -4.57
CA VAL A 2 6.80 10.72 -5.05
C VAL A 2 6.36 10.13 -6.39
N TYR A 3 5.09 9.74 -6.43
CA TYR A 3 4.53 9.14 -7.64
C TYR A 3 3.00 9.26 -7.65
N GLU A 4 2.44 9.21 -8.85
CA GLU A 4 1.01 9.31 -9.01
C GLU A 4 0.47 8.06 -9.71
N ARG A 5 -0.84 8.07 -9.94
CA ARG A 5 -1.49 6.94 -10.59
C ARG A 5 -0.62 6.41 -11.73
N CYS A 6 -0.43 7.25 -12.73
CA CYS A 6 0.39 6.87 -13.87
C CYS A 6 1.65 6.18 -13.36
N GLU A 7 2.61 7.01 -12.97
CA GLU A 7 3.87 6.50 -12.46
C GLU A 7 3.65 5.16 -11.74
N PHE A 8 2.92 5.25 -10.63
CA PHE A 8 2.63 4.06 -9.84
C PHE A 8 2.21 2.89 -10.73
N ALA A 9 1.19 3.14 -11.54
CA ALA A 9 0.68 2.12 -12.44
C ALA A 9 1.86 1.52 -13.23
N ARG A 10 2.64 2.40 -13.83
CA ARG A 10 3.79 1.98 -14.61
C ARG A 10 4.70 1.09 -13.77
N THR A 11 5.15 1.65 -12.65
CA THR A 11 6.03 0.92 -11.75
C THR A 11 5.39 -0.42 -11.36
N LEU A 12 4.18 -0.33 -10.84
CA LEU A 12 3.45 -1.51 -10.41
C LEU A 12 3.54 -2.59 -11.51
N LYS A 13 3.20 -2.17 -12.72
CA LYS A 13 3.22 -3.07 -13.86
C LYS A 13 4.68 -3.46 -14.15
N ARG A 14 5.58 -2.55 -13.81
CA ARG A 14 7.00 -2.79 -14.04
C ARG A 14 7.54 -3.76 -12.98
N ASN A 15 6.86 -3.78 -11.84
CA ASN A 15 7.26 -4.65 -10.75
C ASN A 15 6.57 -6.01 -10.91
N GLY A 16 5.31 -5.95 -11.30
CA GLY A 16 4.53 -7.17 -11.50
C GLY A 16 3.40 -7.27 -10.47
N MET A 17 2.71 -6.14 -10.30
CA MET A 17 1.61 -6.08 -9.35
C MET A 17 0.32 -5.65 -10.04
N ALA A 18 0.46 -4.71 -10.97
CA ALA A 18 -0.69 -4.21 -11.71
C ALA A 18 -1.49 -5.38 -12.26
N GLY A 19 -2.67 -5.56 -11.69
CA GLY A 19 -3.55 -6.65 -12.11
C GLY A 19 -3.18 -7.95 -11.42
N TYR A 20 -2.70 -7.83 -10.19
CA TYR A 20 -2.32 -8.99 -9.41
C TYR A 20 -3.40 -10.06 -9.43
N TYR A 21 -3.13 -11.17 -8.76
CA TYR A 21 -4.07 -12.27 -8.69
C TYR A 21 -5.51 -11.76 -8.64
N GLY A 22 -5.74 -10.83 -7.72
CA GLY A 22 -7.06 -10.25 -7.55
C GLY A 22 -7.01 -8.73 -7.70
N VAL A 23 -6.24 -8.10 -6.81
CA VAL A 23 -6.10 -6.66 -6.83
C VAL A 23 -5.80 -6.20 -8.26
N SER A 24 -6.67 -5.34 -8.78
CA SER A 24 -6.50 -4.82 -10.12
C SER A 24 -5.68 -3.53 -10.09
N LEU A 25 -4.89 -3.33 -11.14
CA LEU A 25 -4.06 -2.15 -11.25
C LEU A 25 -4.88 -0.91 -10.86
N ALA A 26 -6.08 -0.85 -11.41
CA ALA A 26 -6.97 0.27 -11.13
C ALA A 26 -7.26 0.33 -9.62
N ASP A 27 -7.44 -0.85 -9.04
CA ASP A 27 -7.71 -0.94 -7.62
C ASP A 27 -6.50 -0.45 -6.84
N TRP A 28 -5.32 -0.80 -7.35
CA TRP A 28 -4.07 -0.40 -6.72
C TRP A 28 -3.99 1.13 -6.73
N VAL A 29 -4.05 1.67 -7.94
CA VAL A 29 -3.98 3.12 -8.12
C VAL A 29 -5.03 3.78 -7.22
N CYS A 30 -6.29 3.46 -7.51
CA CYS A 30 -7.39 4.02 -6.75
C CYS A 30 -7.08 3.84 -5.25
N LEU A 31 -6.63 2.64 -4.92
CA LEU A 31 -6.30 2.33 -3.54
C LEU A 31 -5.28 3.33 -3.02
N ALA A 32 -4.18 3.45 -3.76
CA ALA A 32 -3.12 4.38 -3.39
C ALA A 32 -3.64 5.82 -3.51
N GLN A 33 -4.72 5.95 -4.26
CA GLN A 33 -5.33 7.26 -4.46
C GLN A 33 -6.04 7.72 -3.18
N HIS A 34 -6.97 6.89 -2.73
CA HIS A 34 -7.73 7.20 -1.53
C HIS A 34 -6.80 7.17 -0.31
N GLU A 35 -5.66 6.51 -0.49
CA GLU A 35 -4.68 6.40 0.58
C GLU A 35 -3.88 7.70 0.69
N SER A 36 -3.09 7.97 -0.34
CA SER A 36 -2.27 9.17 -0.38
C SER A 36 -1.89 9.51 -1.81
N ASN A 37 -1.03 8.67 -2.38
CA ASN A 37 -0.58 8.88 -3.75
C ASN A 37 0.26 10.15 -3.82
N TYR A 38 0.87 10.35 -4.98
CA TYR A 38 1.71 11.53 -5.19
C TYR A 38 3.03 11.40 -4.41
N ASN A 39 2.89 11.25 -3.10
CA ASN A 39 4.05 11.13 -2.24
C ASN A 39 3.82 9.97 -1.25
N THR A 40 4.93 9.35 -0.86
CA THR A 40 4.85 8.24 0.07
C THR A 40 5.46 8.63 1.41
N ARG A 41 4.79 9.55 2.09
CA ARG A 41 5.25 10.01 3.39
C ARG A 41 4.28 9.57 4.50
N ALA A 42 3.22 8.90 4.07
CA ALA A 42 2.22 8.42 5.00
C ALA A 42 2.92 7.87 6.25
N THR A 43 2.88 8.67 7.31
CA THR A 43 3.50 8.28 8.56
C THR A 43 2.71 8.83 9.75
N ASN A 44 2.16 7.91 10.52
CA ASN A 44 1.36 8.29 11.68
C ASN A 44 1.53 7.24 12.77
N TYR A 45 2.45 7.53 13.69
CA TYR A 45 2.71 6.61 14.79
C TYR A 45 1.76 6.88 15.97
N ASN A 46 1.57 5.84 16.77
CA ASN A 46 0.70 5.95 17.93
C ASN A 46 1.00 4.81 18.91
N ARG A 47 1.68 5.16 19.98
CA ARG A 47 2.05 4.18 20.99
C ARG A 47 0.82 3.79 21.81
N GLY A 48 -0.08 4.75 21.96
CA GLY A 48 -1.31 4.52 22.72
C GLY A 48 -1.82 3.09 22.52
N ASP A 49 -1.65 2.61 21.29
CA ASP A 49 -2.09 1.26 20.95
C ASP A 49 -0.95 0.51 20.25
N GLN A 50 0.27 0.85 20.65
CA GLN A 50 1.45 0.23 20.08
C GLN A 50 1.22 -0.06 18.60
N SER A 51 0.85 0.99 17.87
CA SER A 51 0.60 0.86 16.45
C SER A 51 1.03 2.14 15.73
N THR A 52 1.35 2.00 14.46
CA THR A 52 1.78 3.12 13.65
C THR A 52 1.31 2.96 12.20
N ASP A 53 0.70 4.02 11.69
CA ASP A 53 0.19 4.00 10.33
C ASP A 53 1.23 4.64 9.40
N TYR A 54 2.08 3.79 8.84
CA TYR A 54 3.12 4.25 7.94
C TYR A 54 3.00 3.58 6.56
N GLY A 55 3.53 4.25 5.56
CA GLY A 55 3.49 3.72 4.21
C GLY A 55 2.39 4.40 3.39
N ILE A 56 2.67 4.60 2.12
CA ILE A 56 1.72 5.23 1.22
C ILE A 56 0.37 4.50 1.33
N PHE A 57 0.45 3.21 1.59
CA PHE A 57 -0.74 2.39 1.73
C PHE A 57 -1.24 2.38 3.18
N GLN A 58 -0.82 3.40 3.92
CA GLN A 58 -1.22 3.51 5.31
C GLN A 58 -1.23 2.14 5.98
N ILE A 59 -0.04 1.57 6.12
CA ILE A 59 0.09 0.26 6.73
C ILE A 59 0.36 0.43 8.23
N ASN A 60 -0.32 -0.39 9.02
CA ASN A 60 -0.16 -0.34 10.47
C ASN A 60 1.09 -1.12 10.86
N SER A 61 1.91 -0.49 11.69
CA SER A 61 3.14 -1.11 12.15
C SER A 61 2.84 -2.03 13.34
N ARG A 62 1.55 -2.20 13.61
CA ARG A 62 1.13 -3.05 14.72
C ARG A 62 0.89 -4.48 14.22
N TYR A 63 1.33 -4.73 13.00
CA TYR A 63 1.19 -6.04 12.41
C TYR A 63 2.31 -6.33 11.40
N TRP A 64 2.53 -5.36 10.53
CA TRP A 64 3.57 -5.49 9.51
C TRP A 64 4.57 -4.35 9.72
N CYS A 65 5.79 -4.59 9.26
CA CYS A 65 6.85 -3.60 9.38
C CYS A 65 7.10 -3.35 10.86
N ASN A 66 8.37 -3.36 11.24
CA ASN A 66 8.75 -3.13 12.62
C ASN A 66 10.22 -2.75 12.68
N ASP A 67 10.77 -2.78 13.89
CA ASP A 67 12.16 -2.45 14.09
C ASP A 67 12.90 -3.66 14.67
N GLY A 68 12.35 -4.18 15.76
CA GLY A 68 12.96 -5.34 16.41
C GLY A 68 13.43 -4.99 17.82
N LYS A 69 13.27 -3.72 18.17
CA LYS A 69 13.69 -3.24 19.48
C LYS A 69 12.47 -3.17 20.40
N THR A 70 11.30 -3.38 19.79
CA THR A 70 10.06 -3.34 20.55
C THR A 70 9.47 -4.74 20.68
N PRO A 71 9.64 -5.31 21.91
CA PRO A 71 9.14 -6.65 22.18
C PRO A 71 7.62 -6.64 22.36
N ARG A 72 6.94 -6.11 21.35
CA ARG A 72 5.49 -6.03 21.39
C ARG A 72 4.91 -6.35 20.01
N ALA A 73 5.14 -5.44 19.07
CA ALA A 73 4.65 -5.61 17.71
C ALA A 73 5.13 -6.96 17.18
N VAL A 74 4.86 -7.18 15.90
CA VAL A 74 5.25 -8.41 15.25
C VAL A 74 5.50 -8.14 13.77
N ASN A 75 6.77 -7.95 13.43
CA ASN A 75 7.16 -7.69 12.06
C ASN A 75 6.91 -8.94 11.22
N ALA A 76 5.63 -9.31 11.13
CA ALA A 76 5.25 -10.48 10.35
C ALA A 76 5.77 -10.34 8.93
N CYS A 77 6.11 -9.11 8.57
CA CYS A 77 6.63 -8.83 7.24
C CYS A 77 8.15 -9.01 7.26
N GLY A 78 8.72 -8.75 8.43
CA GLY A 78 10.16 -8.89 8.60
C GLY A 78 10.90 -7.84 7.77
N ILE A 79 10.52 -6.59 7.99
CA ILE A 79 11.15 -5.49 7.27
C ILE A 79 11.07 -4.22 8.13
N ASN A 80 12.06 -3.36 7.95
CA ASN A 80 12.12 -2.11 8.70
C ASN A 80 11.10 -1.13 8.10
N CYS A 81 10.22 -0.66 8.96
CA CYS A 81 9.19 0.29 8.54
C CYS A 81 9.87 1.37 7.67
N SER A 82 11.15 1.57 7.93
CA SER A 82 11.90 2.56 7.19
C SER A 82 11.81 2.28 5.69
N ALA A 83 11.86 0.98 5.37
CA ALA A 83 11.78 0.57 3.97
C ALA A 83 10.48 1.08 3.36
N LEU A 84 9.55 1.42 4.24
CA LEU A 84 8.26 1.94 3.79
C LEU A 84 8.25 3.46 3.91
N LEU A 85 9.44 4.01 4.08
CA LEU A 85 9.58 5.45 4.21
C LEU A 85 10.68 5.94 3.26
N GLN A 86 10.92 5.14 2.23
CA GLN A 86 11.93 5.47 1.24
C GLN A 86 11.30 5.60 -0.14
N ASP A 87 12.16 5.66 -1.15
CA ASP A 87 11.70 5.78 -2.53
C ASP A 87 11.20 4.44 -3.02
N ASP A 88 12.11 3.47 -3.05
CA ASP A 88 11.77 2.13 -3.49
C ASP A 88 10.56 1.62 -2.70
N ILE A 89 9.45 1.47 -3.40
CA ILE A 89 8.23 0.99 -2.77
C ILE A 89 8.21 -0.54 -2.79
N THR A 90 9.30 -1.09 -3.30
CA THR A 90 9.42 -2.55 -3.37
C THR A 90 8.93 -3.19 -2.08
N ALA A 91 9.22 -2.52 -0.97
CA ALA A 91 8.81 -3.01 0.33
C ALA A 91 7.30 -2.86 0.48
N ALA A 92 6.80 -1.72 0.03
CA ALA A 92 5.37 -1.45 0.10
C ALA A 92 4.61 -2.50 -0.69
N ILE A 93 5.18 -2.86 -1.84
CA ILE A 93 4.56 -3.85 -2.70
C ILE A 93 4.68 -5.23 -2.05
N GLN A 94 5.90 -5.55 -1.62
CA GLN A 94 6.16 -6.82 -0.98
C GLN A 94 5.25 -7.01 0.23
N CYS A 95 5.20 -5.98 1.06
CA CYS A 95 4.37 -6.02 2.26
C CYS A 95 2.91 -6.01 1.82
N ALA A 96 2.62 -5.18 0.82
CA ALA A 96 1.27 -5.07 0.30
C ALA A 96 0.73 -6.47 -0.01
N LYS A 97 1.52 -7.22 -0.76
CA LYS A 97 1.13 -8.57 -1.13
C LYS A 97 1.16 -9.47 0.10
N ARG A 98 2.22 -9.31 0.88
CA ARG A 98 2.38 -10.09 2.10
C ARG A 98 1.23 -9.81 3.07
N VAL A 99 0.62 -8.65 2.89
CA VAL A 99 -0.49 -8.25 3.74
C VAL A 99 -1.79 -8.83 3.18
N VAL A 100 -2.06 -8.48 1.93
CA VAL A 100 -3.26 -8.95 1.26
C VAL A 100 -3.28 -10.47 1.28
N ARG A 101 -2.09 -11.05 1.32
CA ARG A 101 -1.95 -12.50 1.33
C ARG A 101 -2.80 -13.10 2.46
N ASP A 102 -3.13 -12.25 3.42
CA ASP A 102 -3.93 -12.68 4.56
C ASP A 102 -5.40 -12.75 4.13
N PRO A 103 -6.24 -13.21 5.10
CA PRO A 103 -7.67 -13.34 4.83
C PRO A 103 -8.35 -11.97 4.84
N GLN A 104 -7.55 -10.94 5.05
CA GLN A 104 -8.06 -9.58 5.09
C GLN A 104 -8.55 -9.17 3.70
N GLY A 105 -7.63 -9.18 2.75
CA GLY A 105 -7.97 -8.81 1.38
C GLY A 105 -8.10 -7.29 1.24
N ILE A 106 -7.94 -6.83 0.02
CA ILE A 106 -8.04 -5.41 -0.27
C ILE A 106 -9.18 -4.81 0.56
N ARG A 107 -10.18 -5.63 0.82
CA ARG A 107 -11.33 -5.20 1.60
C ARG A 107 -10.87 -4.31 2.76
N ALA A 108 -9.73 -4.66 3.31
CA ALA A 108 -9.17 -3.91 4.42
C ALA A 108 -9.32 -2.40 4.14
N TRP A 109 -9.17 -2.06 2.88
CA TRP A 109 -9.28 -0.67 2.46
C TRP A 109 -10.70 -0.45 1.92
N VAL A 110 -11.67 -0.64 2.80
CA VAL A 110 -13.06 -0.47 2.42
C VAL A 110 -13.20 0.75 1.51
N ALA A 111 -12.30 1.71 1.74
CA ALA A 111 -12.32 2.94 0.94
C ALA A 111 -12.48 2.58 -0.53
N TRP A 112 -11.64 1.65 -0.98
CA TRP A 112 -11.68 1.22 -2.36
C TRP A 112 -13.09 0.71 -2.66
N ARG A 113 -13.65 0.01 -1.68
CA ARG A 113 -14.99 -0.53 -1.83
C ARG A 113 -16.01 0.60 -1.99
N ALA A 114 -15.57 1.81 -1.65
CA ALA A 114 -16.42 2.98 -1.75
C ALA A 114 -15.73 4.04 -2.61
N HIS A 115 -14.93 3.56 -3.55
CA HIS A 115 -14.21 4.46 -4.44
C HIS A 115 -13.99 3.77 -5.79
N CYS A 116 -13.52 2.54 -5.72
CA CYS A 116 -13.27 1.76 -6.92
C CYS A 116 -14.54 1.01 -7.29
N GLN A 117 -15.05 0.26 -6.32
CA GLN A 117 -16.27 -0.50 -6.53
C GLN A 117 -17.49 0.42 -6.54
N ASN A 118 -17.44 1.40 -7.43
CA ASN A 118 -18.53 2.36 -7.55
C ASN A 118 -18.73 2.70 -9.03
N ARG A 119 -17.71 3.29 -9.61
CA ARG A 119 -17.75 3.68 -11.01
C ARG A 119 -16.58 3.06 -11.78
N ASP A 120 -16.42 3.51 -13.01
CA ASP A 120 -15.35 3.02 -13.86
C ASP A 120 -14.10 3.86 -13.63
N LEU A 121 -13.19 3.33 -12.82
CA LEU A 121 -11.95 4.02 -12.52
C LEU A 121 -10.82 3.42 -13.36
N SER A 122 -11.21 2.77 -14.44
CA SER A 122 -10.24 2.15 -15.33
C SER A 122 -9.51 3.23 -16.14
N GLN A 123 -10.19 4.36 -16.29
CA GLN A 123 -9.62 5.47 -17.03
C GLN A 123 -8.52 6.14 -16.22
N TYR A 124 -8.47 5.79 -14.95
CA TYR A 124 -7.46 6.35 -14.05
C TYR A 124 -6.09 5.71 -14.29
N ILE A 125 -6.13 4.47 -14.75
CA ILE A 125 -4.90 3.74 -15.02
C ILE A 125 -4.69 3.64 -16.54
N ARG A 126 -5.80 3.60 -17.26
CA ARG A 126 -5.76 3.52 -18.70
C ARG A 126 -5.45 4.88 -19.32
N ASN A 127 -4.50 4.89 -20.23
CA ASN A 127 -4.10 6.13 -20.88
C ASN A 127 -3.33 7.00 -19.89
N CYS A 128 -2.77 6.35 -18.88
CA CYS A 128 -2.01 7.05 -17.86
C CYS A 128 -0.55 7.12 -18.32
N GLY A 129 -0.12 6.06 -18.98
CA GLY A 129 1.25 5.97 -19.46
C GLY A 129 1.53 4.61 -20.09
N VAL A 130 0.89 3.59 -19.52
CA VAL A 130 1.07 2.23 -20.00
C VAL A 130 0.03 1.95 -21.09
N LYS A 1 8.24 10.19 -1.07
CA LYS A 1 8.66 10.75 -2.35
C LYS A 1 7.42 11.06 -3.18
N VAL A 2 7.65 11.17 -4.49
CA VAL A 2 6.56 11.47 -5.41
C VAL A 2 6.03 10.16 -6.01
N TYR A 3 4.72 10.01 -5.92
CA TYR A 3 4.07 8.82 -6.45
C TYR A 3 2.56 9.03 -6.59
N GLU A 4 2.15 9.25 -7.83
CA GLU A 4 0.74 9.46 -8.12
C GLU A 4 0.16 8.27 -8.87
N ARG A 5 -1.16 8.29 -9.03
CA ARG A 5 -1.84 7.22 -9.73
C ARG A 5 -0.99 6.71 -10.89
N CYS A 6 -0.64 7.63 -11.78
CA CYS A 6 0.18 7.29 -12.93
C CYS A 6 1.45 6.61 -12.44
N GLU A 7 2.40 7.45 -12.02
CA GLU A 7 3.67 6.95 -11.52
C GLU A 7 3.47 5.63 -10.79
N PHE A 8 2.74 5.70 -9.69
CA PHE A 8 2.48 4.51 -8.89
C PHE A 8 2.11 3.32 -9.78
N ALA A 9 1.18 3.56 -10.69
CA ALA A 9 0.73 2.53 -11.60
C ALA A 9 1.94 2.01 -12.40
N ARG A 10 2.62 2.94 -13.05
CA ARG A 10 3.79 2.58 -13.84
C ARG A 10 4.72 1.67 -13.03
N THR A 11 5.12 2.16 -11.87
CA THR A 11 6.01 1.40 -11.00
C THR A 11 5.43 0.01 -10.73
N LEU A 12 4.20 0.00 -10.25
CA LEU A 12 3.53 -1.25 -9.93
C LEU A 12 3.70 -2.22 -11.11
N LYS A 13 3.35 -1.74 -12.29
CA LYS A 13 3.46 -2.55 -13.49
C LYS A 13 4.94 -2.79 -13.80
N ARG A 14 5.77 -1.87 -13.34
CA ARG A 14 7.20 -1.96 -13.55
C ARG A 14 7.81 -2.99 -12.61
N ASN A 15 7.12 -3.21 -11.49
CA ASN A 15 7.58 -4.15 -10.50
C ASN A 15 7.03 -5.54 -10.83
N GLY A 16 5.77 -5.56 -11.24
CA GLY A 16 5.11 -6.81 -11.58
C GLY A 16 4.20 -7.28 -10.45
N MET A 17 3.36 -6.37 -10.00
CA MET A 17 2.43 -6.67 -8.92
C MET A 17 0.97 -6.54 -9.39
N ALA A 18 0.76 -5.55 -10.25
CA ALA A 18 -0.58 -5.30 -10.77
C ALA A 18 -1.03 -6.53 -11.59
N GLY A 19 -2.34 -6.70 -11.63
CA GLY A 19 -2.92 -7.82 -12.37
C GLY A 19 -2.96 -9.08 -11.51
N TYR A 20 -2.71 -8.89 -10.23
CA TYR A 20 -2.71 -10.00 -9.28
C TYR A 20 -3.97 -10.87 -9.47
N TYR A 21 -4.03 -11.93 -8.70
CA TYR A 21 -5.15 -12.84 -8.77
C TYR A 21 -6.45 -12.08 -9.04
N GLY A 22 -6.74 -11.12 -8.17
CA GLY A 22 -7.95 -10.32 -8.32
C GLY A 22 -7.61 -8.83 -8.42
N VAL A 23 -7.07 -8.30 -7.34
CA VAL A 23 -6.68 -6.90 -7.29
C VAL A 23 -5.95 -6.54 -8.58
N SER A 24 -6.66 -5.82 -9.44
CA SER A 24 -6.08 -5.40 -10.71
C SER A 24 -5.41 -4.04 -10.56
N LEU A 25 -4.55 -3.72 -11.51
CA LEU A 25 -3.83 -2.46 -11.49
C LEU A 25 -4.79 -1.33 -11.11
N ALA A 26 -5.96 -1.36 -11.74
CA ALA A 26 -6.97 -0.36 -11.49
C ALA A 26 -7.36 -0.39 -10.00
N ASP A 27 -7.50 -1.61 -9.49
CA ASP A 27 -7.87 -1.79 -8.10
C ASP A 27 -6.77 -1.22 -7.21
N TRP A 28 -5.53 -1.45 -7.63
CA TRP A 28 -4.38 -0.96 -6.89
C TRP A 28 -4.41 0.57 -6.92
N VAL A 29 -4.35 1.10 -8.13
CA VAL A 29 -4.37 2.54 -8.32
C VAL A 29 -5.46 3.16 -7.44
N CYS A 30 -6.67 2.68 -7.63
CA CYS A 30 -7.81 3.16 -6.87
C CYS A 30 -7.51 2.95 -5.38
N LEU A 31 -7.08 1.73 -5.07
CA LEU A 31 -6.76 1.39 -3.70
C LEU A 31 -5.83 2.45 -3.11
N ALA A 32 -4.78 2.76 -3.85
CA ALA A 32 -3.82 3.76 -3.41
C ALA A 32 -4.41 5.15 -3.61
N GLN A 33 -5.41 5.21 -4.48
CA GLN A 33 -6.08 6.48 -4.77
C GLN A 33 -6.83 6.98 -3.53
N HIS A 34 -7.67 6.10 -3.00
CA HIS A 34 -8.45 6.45 -1.82
C HIS A 34 -7.50 6.88 -0.69
N GLU A 35 -6.26 6.45 -0.80
CA GLU A 35 -5.25 6.78 0.20
C GLU A 35 -4.70 8.18 -0.06
N SER A 36 -4.06 8.33 -1.22
CA SER A 36 -3.48 9.60 -1.59
C SER A 36 -2.38 9.39 -2.63
N ASN A 37 -2.81 9.06 -3.84
CA ASN A 37 -1.87 8.83 -4.93
C ASN A 37 -1.27 10.16 -5.37
N TYR A 38 -0.01 10.35 -5.02
CA TYR A 38 0.69 11.57 -5.37
C TYR A 38 2.09 11.59 -4.75
N ASN A 39 2.19 11.02 -3.57
CA ASN A 39 3.45 10.97 -2.86
C ASN A 39 3.50 9.71 -1.97
N THR A 40 4.71 9.34 -1.60
CA THR A 40 4.90 8.16 -0.76
C THR A 40 5.58 8.55 0.56
N ARG A 41 5.09 9.62 1.14
CA ARG A 41 5.63 10.11 2.39
C ARG A 41 4.59 10.01 3.50
N ALA A 42 3.33 9.93 3.08
CA ALA A 42 2.24 9.82 4.03
C ALA A 42 2.64 8.90 5.19
N THR A 43 2.89 9.52 6.33
CA THR A 43 3.29 8.77 7.51
C THR A 43 2.58 9.31 8.75
N ASN A 44 2.29 8.41 9.67
CA ASN A 44 1.62 8.79 10.90
C ASN A 44 2.02 7.82 12.02
N TYR A 45 3.04 8.23 12.77
CA TYR A 45 3.54 7.42 13.86
C TYR A 45 2.86 7.79 15.18
N ASN A 46 2.96 6.88 16.14
CA ASN A 46 2.36 7.10 17.44
C ASN A 46 2.99 6.15 18.46
N ARG A 47 3.85 6.72 19.29
CA ARG A 47 4.54 5.93 20.31
C ARG A 47 3.58 5.64 21.48
N GLY A 48 2.66 6.57 21.69
CA GLY A 48 1.69 6.43 22.76
C GLY A 48 1.35 4.96 23.01
N ASP A 49 1.28 4.21 21.91
CA ASP A 49 0.97 2.79 21.98
C ASP A 49 1.87 2.02 21.02
N GLN A 50 3.09 2.51 20.89
CA GLN A 50 4.06 1.87 20.00
C GLN A 50 3.35 1.31 18.76
N SER A 51 2.65 2.20 18.08
CA SER A 51 1.92 1.81 16.88
C SER A 51 1.96 2.94 15.85
N THR A 52 2.71 2.70 14.78
CA THR A 52 2.84 3.69 13.72
C THR A 52 2.03 3.27 12.50
N ASP A 53 1.82 4.23 11.61
CA ASP A 53 1.06 3.98 10.40
C ASP A 53 1.52 4.94 9.30
N TYR A 54 2.12 4.36 8.27
CA TYR A 54 2.61 5.15 7.15
C TYR A 54 2.60 4.33 5.86
N GLY A 55 2.98 5.00 4.77
CA GLY A 55 3.01 4.35 3.48
C GLY A 55 1.83 4.78 2.61
N ILE A 56 2.01 4.66 1.31
CA ILE A 56 0.97 5.03 0.36
C ILE A 56 -0.36 4.44 0.82
N PHE A 57 -0.31 3.16 1.19
CA PHE A 57 -1.50 2.47 1.65
C PHE A 57 -1.68 2.62 3.16
N GLN A 58 -0.97 3.60 3.71
CA GLN A 58 -1.04 3.86 5.14
C GLN A 58 -1.07 2.54 5.92
N ILE A 59 0.08 1.87 5.93
CA ILE A 59 0.20 0.60 6.63
C ILE A 59 0.60 0.87 8.08
N ASN A 60 0.05 0.04 8.97
CA ASN A 60 0.34 0.17 10.39
C ASN A 60 1.61 -0.60 10.72
N SER A 61 2.43 0.00 11.57
CA SER A 61 3.68 -0.62 11.97
C SER A 61 3.47 -1.42 13.26
N ARG A 62 2.24 -1.39 13.74
CA ARG A 62 1.90 -2.11 14.96
C ARG A 62 1.46 -3.53 14.64
N TYR A 63 0.89 -3.68 13.45
CA TYR A 63 0.42 -4.99 13.00
C TYR A 63 1.35 -5.56 11.92
N TRP A 64 1.37 -4.88 10.79
CA TRP A 64 2.20 -5.31 9.67
C TRP A 64 3.66 -5.07 10.05
N CYS A 65 4.35 -4.34 9.19
CA CYS A 65 5.75 -4.04 9.44
C CYS A 65 5.96 -3.84 10.94
N ASN A 66 7.16 -4.16 11.39
CA ASN A 66 7.49 -4.02 12.80
C ASN A 66 8.86 -3.36 12.93
N ASP A 67 9.28 -3.16 14.17
CA ASP A 67 10.57 -2.54 14.46
C ASP A 67 11.53 -3.59 14.99
N GLY A 68 11.11 -4.24 16.07
CA GLY A 68 11.93 -5.27 16.69
C GLY A 68 12.43 -4.82 18.07
N LYS A 69 12.12 -3.57 18.39
CA LYS A 69 12.53 -3.00 19.67
C LYS A 69 11.38 -3.14 20.67
N THR A 70 10.23 -3.52 20.15
CA THR A 70 9.05 -3.69 21.00
C THR A 70 8.39 -5.04 20.72
N PRO A 71 8.82 -6.05 21.54
CA PRO A 71 8.28 -7.39 21.39
C PRO A 71 6.85 -7.48 21.96
N ARG A 72 5.99 -6.61 21.45
CA ARG A 72 4.61 -6.57 21.91
C ARG A 72 3.67 -6.68 20.71
N ALA A 73 3.96 -5.89 19.68
CA ALA A 73 3.15 -5.89 18.47
C ALA A 73 3.10 -7.30 17.89
N VAL A 74 2.67 -7.39 16.65
CA VAL A 74 2.57 -8.67 15.96
C VAL A 74 2.77 -8.46 14.47
N ASN A 75 4.04 -8.44 14.07
CA ASN A 75 4.38 -8.24 12.67
C ASN A 75 3.68 -9.31 11.83
N ALA A 76 2.58 -8.91 11.22
CA ALA A 76 1.81 -9.83 10.40
C ALA A 76 2.46 -9.92 9.01
N CYS A 77 3.23 -8.91 8.69
CA CYS A 77 3.92 -8.86 7.41
C CYS A 77 5.29 -9.52 7.57
N GLY A 78 5.85 -9.36 8.76
CA GLY A 78 7.15 -9.93 9.07
C GLY A 78 8.25 -9.26 8.22
N ILE A 79 8.35 -7.95 8.37
CA ILE A 79 9.35 -7.19 7.64
C ILE A 79 9.77 -5.98 8.48
N ASN A 80 10.91 -5.42 8.11
CA ASN A 80 11.44 -4.26 8.81
C ASN A 80 10.59 -3.04 8.49
N CYS A 81 10.19 -2.34 9.54
CA CYS A 81 9.37 -1.15 9.37
C CYS A 81 10.19 -0.11 8.61
N SER A 82 11.48 -0.07 8.91
CA SER A 82 12.37 0.87 8.25
C SER A 82 12.19 0.79 6.73
N ALA A 83 11.76 -0.38 6.28
CA ALA A 83 11.55 -0.59 4.86
C ALA A 83 10.45 0.35 4.36
N LEU A 84 9.58 0.72 5.28
CA LEU A 84 8.48 1.62 4.95
C LEU A 84 8.92 3.06 5.20
N LEU A 85 10.20 3.22 5.51
CA LEU A 85 10.75 4.53 5.77
C LEU A 85 11.88 4.81 4.78
N GLN A 86 11.81 4.14 3.65
CA GLN A 86 12.83 4.30 2.62
C GLN A 86 12.30 5.21 1.50
N ASP A 87 13.00 5.18 0.38
CA ASP A 87 12.63 5.99 -0.77
C ASP A 87 11.67 5.19 -1.66
N ASP A 88 12.16 4.07 -2.15
CA ASP A 88 11.36 3.22 -3.02
C ASP A 88 10.18 2.66 -2.23
N ILE A 89 9.19 2.18 -2.96
CA ILE A 89 8.00 1.63 -2.34
C ILE A 89 8.06 0.10 -2.40
N THR A 90 9.21 -0.40 -2.87
CA THR A 90 9.41 -1.83 -2.98
C THR A 90 8.89 -2.55 -1.73
N ALA A 91 9.05 -1.87 -0.60
CA ALA A 91 8.60 -2.44 0.66
C ALA A 91 7.08 -2.40 0.72
N ALA A 92 6.52 -1.30 0.24
CA ALA A 92 5.08 -1.13 0.23
C ALA A 92 4.45 -2.17 -0.68
N ILE A 93 5.14 -2.44 -1.79
CA ILE A 93 4.66 -3.42 -2.75
C ILE A 93 4.81 -4.83 -2.17
N GLN A 94 5.99 -5.09 -1.64
CA GLN A 94 6.27 -6.38 -1.05
C GLN A 94 5.25 -6.70 0.04
N CYS A 95 5.05 -5.74 0.93
CA CYS A 95 4.10 -5.90 2.01
C CYS A 95 2.69 -5.94 1.42
N ALA A 96 2.45 -5.03 0.49
CA ALA A 96 1.15 -4.95 -0.16
C ALA A 96 0.77 -6.34 -0.69
N LYS A 97 1.70 -6.95 -1.41
CA LYS A 97 1.47 -8.27 -1.97
C LYS A 97 1.40 -9.29 -0.84
N ARG A 98 2.29 -9.11 0.13
CA ARG A 98 2.35 -10.02 1.27
C ARG A 98 1.08 -9.89 2.11
N VAL A 99 0.41 -8.76 1.94
CA VAL A 99 -0.82 -8.49 2.67
C VAL A 99 -2.01 -9.09 1.91
N VAL A 100 -2.12 -8.69 0.66
CA VAL A 100 -3.20 -9.17 -0.19
C VAL A 100 -3.12 -10.70 -0.28
N ARG A 101 -1.90 -11.20 -0.28
CA ARG A 101 -1.67 -12.63 -0.36
C ARG A 101 -2.18 -13.33 0.91
N ASP A 102 -2.40 -12.51 1.94
CA ASP A 102 -2.88 -13.02 3.21
C ASP A 102 -4.41 -13.18 3.15
N PRO A 103 -4.98 -13.67 4.29
CA PRO A 103 -6.41 -13.86 4.37
C PRO A 103 -7.14 -12.53 4.54
N GLN A 104 -6.36 -11.46 4.50
CA GLN A 104 -6.91 -10.12 4.65
C GLN A 104 -7.57 -9.67 3.35
N GLY A 105 -6.75 -9.58 2.31
CA GLY A 105 -7.24 -9.16 1.01
C GLY A 105 -7.48 -7.65 0.97
N ILE A 106 -7.32 -7.09 -0.21
CA ILE A 106 -7.51 -5.66 -0.40
C ILE A 106 -8.75 -5.21 0.37
N ARG A 107 -9.69 -6.15 0.50
CA ARG A 107 -10.93 -5.88 1.21
C ARG A 107 -10.65 -5.00 2.44
N ALA A 108 -9.51 -5.27 3.07
CA ALA A 108 -9.13 -4.52 4.26
C ALA A 108 -9.43 -3.03 4.04
N TRP A 109 -9.23 -2.60 2.80
CA TRP A 109 -9.46 -1.21 2.45
C TRP A 109 -10.86 -1.11 1.84
N VAL A 110 -11.85 -1.38 2.68
CA VAL A 110 -13.24 -1.31 2.24
C VAL A 110 -13.43 -0.11 1.31
N ALA A 111 -12.62 0.92 1.56
CA ALA A 111 -12.69 2.13 0.76
C ALA A 111 -12.81 1.75 -0.71
N TRP A 112 -11.91 0.88 -1.16
CA TRP A 112 -11.91 0.43 -2.54
C TRP A 112 -13.29 -0.14 -2.85
N ARG A 113 -13.83 -0.88 -1.88
CA ARG A 113 -15.13 -1.49 -2.04
C ARG A 113 -16.20 -0.41 -2.25
N ALA A 114 -15.82 0.82 -1.95
CA ALA A 114 -16.73 1.95 -2.11
C ALA A 114 -16.04 3.03 -2.94
N HIS A 115 -15.22 2.59 -3.88
CA HIS A 115 -14.51 3.51 -4.75
C HIS A 115 -14.26 2.86 -6.11
N CYS A 116 -13.80 1.61 -6.05
CA CYS A 116 -13.52 0.86 -7.26
C CYS A 116 -14.80 0.14 -7.69
N GLN A 117 -15.34 -0.63 -6.75
CA GLN A 117 -16.55 -1.38 -7.01
C GLN A 117 -17.77 -0.44 -7.05
N ASN A 118 -17.68 0.55 -7.93
CA ASN A 118 -18.74 1.52 -8.08
C ASN A 118 -18.80 1.99 -9.54
N ARG A 119 -17.68 2.54 -10.00
CA ARG A 119 -17.59 3.03 -11.36
C ARG A 119 -16.34 2.47 -12.05
N ASP A 120 -16.05 3.02 -13.21
CA ASP A 120 -14.89 2.58 -13.97
C ASP A 120 -13.68 3.42 -13.57
N LEU A 121 -12.84 2.82 -12.75
CA LEU A 121 -11.64 3.50 -12.29
C LEU A 121 -10.48 3.19 -13.23
N SER A 122 -10.83 2.57 -14.35
CA SER A 122 -9.83 2.21 -15.35
C SER A 122 -9.42 3.46 -16.14
N GLN A 123 -10.31 4.44 -16.16
CA GLN A 123 -10.06 5.67 -16.87
C GLN A 123 -8.95 6.47 -16.17
N TYR A 124 -8.65 6.06 -14.94
CA TYR A 124 -7.63 6.72 -14.17
C TYR A 124 -6.22 6.30 -14.62
N ILE A 125 -6.13 5.05 -15.06
CA ILE A 125 -4.86 4.52 -15.53
C ILE A 125 -4.76 4.72 -17.05
N ARG A 126 -5.90 4.59 -17.71
CA ARG A 126 -5.96 4.75 -19.15
C ARG A 126 -5.50 6.16 -19.54
N ASN A 127 -4.32 6.22 -20.15
CA ASN A 127 -3.76 7.48 -20.58
C ASN A 127 -3.09 8.17 -19.39
N CYS A 128 -2.68 7.36 -18.43
CA CYS A 128 -2.03 7.87 -17.24
C CYS A 128 -0.52 7.83 -17.46
N GLY A 129 -0.08 6.80 -18.19
CA GLY A 129 1.33 6.64 -18.47
C GLY A 129 1.60 5.30 -19.14
N VAL A 130 0.81 4.30 -18.74
CA VAL A 130 0.95 2.97 -19.29
C VAL A 130 0.06 2.83 -20.54
N LYS A 1 10.51 8.99 -4.54
CA LYS A 1 9.71 9.07 -3.34
C LYS A 1 8.28 9.48 -3.72
N VAL A 2 8.18 10.24 -4.81
CA VAL A 2 6.90 10.70 -5.29
C VAL A 2 6.32 9.67 -6.27
N TYR A 3 5.09 9.26 -6.01
CA TYR A 3 4.42 8.30 -6.86
C TYR A 3 2.99 8.73 -7.17
N GLU A 4 2.74 8.97 -8.45
CA GLU A 4 1.42 9.39 -8.88
C GLU A 4 0.71 8.26 -9.62
N ARG A 5 -0.58 8.46 -9.87
CA ARG A 5 -1.37 7.46 -10.56
C ARG A 5 -0.56 6.83 -11.69
N CYS A 6 -0.28 7.63 -12.71
CA CYS A 6 0.48 7.16 -13.84
C CYS A 6 1.69 6.37 -13.32
N GLU A 7 2.66 7.11 -12.81
CA GLU A 7 3.87 6.50 -12.27
C GLU A 7 3.53 5.16 -11.60
N PHE A 8 2.78 5.25 -10.52
CA PHE A 8 2.39 4.05 -9.79
C PHE A 8 1.98 2.93 -10.74
N ALA A 9 1.12 3.28 -11.69
CA ALA A 9 0.65 2.31 -12.67
C ALA A 9 1.86 1.75 -13.44
N ARG A 10 2.61 2.66 -14.04
CA ARG A 10 3.77 2.28 -14.81
C ARG A 10 4.66 1.33 -14.00
N THR A 11 5.07 1.80 -12.83
CA THR A 11 5.91 1.02 -11.96
C THR A 11 5.30 -0.37 -11.74
N LEU A 12 4.04 -0.38 -11.32
CA LEU A 12 3.35 -1.62 -11.07
C LEU A 12 3.53 -2.55 -12.28
N LYS A 13 3.11 -2.05 -13.44
CA LYS A 13 3.23 -2.82 -14.66
C LYS A 13 4.71 -3.08 -14.96
N ARG A 14 5.55 -2.22 -14.42
CA ARG A 14 6.98 -2.35 -14.61
C ARG A 14 7.56 -3.42 -13.69
N ASN A 15 6.85 -3.63 -12.58
CA ASN A 15 7.29 -4.62 -11.59
C ASN A 15 6.68 -5.98 -11.95
N GLY A 16 5.40 -5.94 -12.32
CA GLY A 16 4.70 -7.16 -12.68
C GLY A 16 3.57 -7.46 -11.69
N MET A 17 2.88 -6.39 -11.30
CA MET A 17 1.78 -6.53 -10.36
C MET A 17 0.47 -6.01 -10.98
N ALA A 18 0.60 -4.94 -11.74
CA ALA A 18 -0.56 -4.34 -12.38
C ALA A 18 -1.44 -5.44 -12.97
N GLY A 19 -2.55 -5.69 -12.29
CA GLY A 19 -3.48 -6.71 -12.72
C GLY A 19 -3.26 -8.03 -11.96
N TYR A 20 -2.82 -7.88 -10.72
CA TYR A 20 -2.57 -9.04 -9.88
C TYR A 20 -3.69 -10.06 -10.00
N TYR A 21 -3.49 -11.20 -9.35
CA TYR A 21 -4.47 -12.27 -9.38
C TYR A 21 -5.89 -11.70 -9.38
N GLY A 22 -6.04 -10.57 -8.72
CA GLY A 22 -7.34 -9.91 -8.64
C GLY A 22 -7.18 -8.39 -8.52
N VAL A 23 -6.24 -7.99 -7.68
CA VAL A 23 -5.98 -6.57 -7.47
C VAL A 23 -5.40 -5.97 -8.75
N SER A 24 -6.17 -5.06 -9.34
CA SER A 24 -5.75 -4.42 -10.56
C SER A 24 -4.98 -3.13 -10.23
N LEU A 25 -4.14 -2.72 -11.18
CA LEU A 25 -3.35 -1.51 -10.99
C LEU A 25 -4.28 -0.33 -10.66
N ALA A 26 -5.44 -0.34 -11.30
CA ALA A 26 -6.41 0.70 -11.09
C ALA A 26 -6.75 0.79 -9.60
N ASP A 27 -7.12 -0.35 -9.04
CA ASP A 27 -7.47 -0.41 -7.63
C ASP A 27 -6.23 -0.10 -6.80
N TRP A 28 -5.08 -0.54 -7.30
CA TRP A 28 -3.83 -0.31 -6.61
C TRP A 28 -3.66 1.20 -6.41
N VAL A 29 -3.76 1.92 -7.52
CA VAL A 29 -3.63 3.37 -7.48
C VAL A 29 -4.72 3.96 -6.58
N CYS A 30 -5.96 3.61 -6.91
CA CYS A 30 -7.09 4.10 -6.13
C CYS A 30 -6.82 3.81 -4.66
N LEU A 31 -6.37 2.60 -4.39
CA LEU A 31 -6.07 2.19 -3.03
C LEU A 31 -4.98 3.10 -2.45
N ALA A 32 -3.83 3.06 -3.10
CA ALA A 32 -2.70 3.88 -2.67
C ALA A 32 -3.14 5.34 -2.57
N GLN A 33 -4.13 5.68 -3.38
CA GLN A 33 -4.65 7.04 -3.40
C GLN A 33 -5.40 7.34 -2.10
N HIS A 34 -6.36 6.47 -1.80
CA HIS A 34 -7.16 6.63 -0.59
C HIS A 34 -6.24 6.70 0.63
N GLU A 35 -5.07 6.08 0.48
CA GLU A 35 -4.10 6.06 1.56
C GLU A 35 -3.31 7.38 1.59
N SER A 36 -2.56 7.61 0.51
CA SER A 36 -1.76 8.82 0.41
C SER A 36 -1.28 8.99 -1.02
N ASN A 37 -0.40 8.09 -1.43
CA ASN A 37 0.16 8.14 -2.78
C ASN A 37 0.84 9.48 -3.00
N TYR A 38 1.09 9.79 -4.27
CA TYR A 38 1.74 11.04 -4.62
C TYR A 38 3.15 11.11 -4.03
N ASN A 39 3.21 11.09 -2.71
CA ASN A 39 4.48 11.15 -2.01
C ASN A 39 4.50 10.10 -0.89
N THR A 40 5.55 9.29 -0.90
CA THR A 40 5.70 8.25 0.10
C THR A 40 5.99 8.86 1.47
N ARG A 41 5.08 9.73 1.90
CA ARG A 41 5.23 10.39 3.19
C ARG A 41 4.19 9.85 4.17
N ALA A 42 3.42 8.89 3.71
CA ALA A 42 2.40 8.28 4.54
C ALA A 42 3.03 7.79 5.86
N THR A 43 2.88 8.61 6.89
CA THR A 43 3.43 8.27 8.19
C THR A 43 2.56 8.86 9.30
N ASN A 44 2.11 7.98 10.18
CA ASN A 44 1.27 8.40 11.29
C ASN A 44 1.50 7.46 12.48
N TYR A 45 2.31 7.93 13.42
CA TYR A 45 2.60 7.14 14.60
C TYR A 45 1.58 7.40 15.71
N ASN A 46 1.43 6.41 16.58
CA ASN A 46 0.49 6.51 17.68
C ASN A 46 0.85 5.48 18.74
N ARG A 47 1.43 5.96 19.83
CA ARG A 47 1.82 5.10 20.92
C ARG A 47 0.61 4.71 21.75
N GLY A 48 -0.36 5.61 21.80
CA GLY A 48 -1.58 5.38 22.55
C GLY A 48 -2.02 3.91 22.43
N ASP A 49 -1.96 3.40 21.21
CA ASP A 49 -2.34 2.03 20.94
C ASP A 49 -1.17 1.28 20.34
N GLN A 50 0.03 1.70 20.72
CA GLN A 50 1.25 1.08 20.22
C GLN A 50 1.07 0.68 18.75
N SER A 51 0.55 1.62 17.97
CA SER A 51 0.33 1.39 16.56
C SER A 51 0.81 2.58 15.74
N THR A 52 1.23 2.30 14.53
CA THR A 52 1.71 3.35 13.63
C THR A 52 1.28 3.06 12.20
N ASP A 53 0.74 4.09 11.55
CA ASP A 53 0.30 3.97 10.18
C ASP A 53 1.31 4.62 9.25
N TYR A 54 2.15 3.78 8.67
CA TYR A 54 3.18 4.25 7.75
C TYR A 54 3.12 3.51 6.42
N GLY A 55 3.69 4.13 5.40
CA GLY A 55 3.71 3.54 4.07
C GLY A 55 2.64 4.15 3.18
N ILE A 56 2.94 4.21 1.89
CA ILE A 56 2.02 4.78 0.92
C ILE A 56 0.65 4.11 1.08
N PHE A 57 0.69 2.84 1.45
CA PHE A 57 -0.54 2.09 1.64
C PHE A 57 -1.01 2.17 3.09
N GLN A 58 -0.53 3.19 3.79
CA GLN A 58 -0.89 3.39 5.18
C GLN A 58 -0.97 2.04 5.90
N ILE A 59 0.20 1.41 6.04
CA ILE A 59 0.27 0.13 6.71
C ILE A 59 0.50 0.35 8.21
N ASN A 60 -0.22 -0.43 9.01
CA ASN A 60 -0.11 -0.32 10.45
C ASN A 60 1.12 -1.10 10.91
N SER A 61 1.90 -0.46 11.76
CA SER A 61 3.11 -1.07 12.28
C SER A 61 2.80 -1.81 13.59
N ARG A 62 1.51 -2.02 13.82
CA ARG A 62 1.06 -2.71 15.01
C ARG A 62 1.01 -4.22 14.76
N TYR A 63 0.96 -4.58 13.49
CA TYR A 63 0.92 -5.98 13.10
C TYR A 63 1.90 -6.27 11.97
N TRP A 64 1.86 -5.42 10.96
CA TRP A 64 2.74 -5.58 9.81
C TRP A 64 3.99 -4.73 10.05
N CYS A 65 5.05 -5.07 9.34
CA CYS A 65 6.30 -4.34 9.47
C CYS A 65 6.68 -4.30 10.94
N ASN A 66 7.84 -3.71 11.21
CA ASN A 66 8.32 -3.59 12.58
C ASN A 66 9.22 -2.35 12.68
N ASP A 67 9.89 -2.25 13.82
CA ASP A 67 10.78 -1.12 14.06
C ASP A 67 12.15 -1.63 14.51
N GLY A 68 12.12 -2.52 15.50
CA GLY A 68 13.33 -3.09 16.02
C GLY A 68 13.47 -2.81 17.52
N LYS A 69 12.47 -2.12 18.05
CA LYS A 69 12.47 -1.78 19.47
C LYS A 69 11.04 -1.80 19.99
N THR A 70 10.26 -2.73 19.46
CA THR A 70 8.87 -2.86 19.85
C THR A 70 8.53 -4.32 20.14
N PRO A 71 8.87 -4.76 21.40
CA PRO A 71 8.61 -6.12 21.81
C PRO A 71 7.13 -6.34 22.10
N ARG A 72 6.30 -5.99 21.11
CA ARG A 72 4.86 -6.13 21.24
C ARG A 72 4.23 -6.39 19.89
N ALA A 73 4.59 -5.53 18.93
CA ALA A 73 4.06 -5.65 17.59
C ALA A 73 4.25 -7.08 17.09
N VAL A 74 3.48 -7.43 16.07
CA VAL A 74 3.56 -8.76 15.49
C VAL A 74 3.93 -8.65 14.01
N ASN A 75 4.99 -7.88 13.76
CA ASN A 75 5.46 -7.68 12.39
C ASN A 75 5.31 -9.00 11.62
N ALA A 76 4.26 -9.06 10.81
CA ALA A 76 4.00 -10.25 10.01
C ALA A 76 4.86 -10.19 8.75
N CYS A 77 5.31 -8.99 8.42
CA CYS A 77 6.14 -8.80 7.24
C CYS A 77 7.60 -8.99 7.65
N GLY A 78 7.90 -8.62 8.89
CA GLY A 78 9.25 -8.75 9.40
C GLY A 78 10.21 -7.83 8.65
N ILE A 79 9.83 -6.56 8.55
CA ILE A 79 10.65 -5.58 7.86
C ILE A 79 10.40 -4.20 8.47
N ASN A 80 11.46 -3.41 8.51
CA ASN A 80 11.37 -2.07 9.07
C ASN A 80 10.43 -1.23 8.21
N CYS A 81 9.42 -0.66 8.86
CA CYS A 81 8.45 0.17 8.18
C CYS A 81 9.20 1.22 7.36
N SER A 82 10.41 1.52 7.82
CA SER A 82 11.24 2.51 7.15
C SER A 82 11.52 2.07 5.71
N ALA A 83 11.60 0.76 5.54
CA ALA A 83 11.86 0.19 4.21
C ALA A 83 10.68 0.52 3.29
N LEU A 84 9.60 0.98 3.89
CA LEU A 84 8.41 1.32 3.15
C LEU A 84 8.36 2.85 2.96
N LEU A 85 9.39 3.50 3.46
CA LEU A 85 9.48 4.96 3.35
C LEU A 85 10.67 5.33 2.47
N GLN A 86 11.10 4.37 1.68
CA GLN A 86 12.24 4.58 0.78
C GLN A 86 11.74 4.98 -0.61
N ASP A 87 12.65 4.87 -1.57
CA ASP A 87 12.32 5.21 -2.94
C ASP A 87 11.73 3.99 -3.64
N ASP A 88 12.43 2.88 -3.52
CA ASP A 88 11.97 1.64 -4.15
C ASP A 88 10.78 1.08 -3.35
N ILE A 89 9.66 0.99 -4.03
CA ILE A 89 8.44 0.48 -3.40
C ILE A 89 8.48 -1.05 -3.42
N THR A 90 9.58 -1.59 -3.91
CA THR A 90 9.75 -3.03 -3.99
C THR A 90 9.28 -3.69 -2.70
N ALA A 91 9.61 -3.04 -1.59
CA ALA A 91 9.23 -3.55 -0.28
C ALA A 91 7.72 -3.35 -0.08
N ALA A 92 7.24 -2.21 -0.56
CA ALA A 92 5.84 -1.88 -0.44
C ALA A 92 5.00 -2.92 -1.20
N ILE A 93 5.52 -3.33 -2.35
CA ILE A 93 4.85 -4.32 -3.17
C ILE A 93 4.99 -5.70 -2.53
N GLN A 94 6.23 -6.05 -2.22
CA GLN A 94 6.51 -7.33 -1.60
C GLN A 94 5.70 -7.49 -0.32
N CYS A 95 5.66 -6.42 0.46
CA CYS A 95 4.93 -6.42 1.71
C CYS A 95 3.43 -6.40 1.40
N ALA A 96 3.08 -5.55 0.43
CA ALA A 96 1.69 -5.42 0.03
C ALA A 96 1.12 -6.79 -0.32
N LYS A 97 1.96 -7.59 -0.99
CA LYS A 97 1.56 -8.92 -1.38
C LYS A 97 1.64 -9.86 -0.17
N ARG A 98 2.73 -9.73 0.57
CA ARG A 98 2.94 -10.54 1.76
C ARG A 98 1.80 -10.33 2.75
N VAL A 99 1.20 -9.15 2.68
CA VAL A 99 0.10 -8.81 3.57
C VAL A 99 -1.22 -9.23 2.93
N VAL A 100 -1.44 -8.71 1.73
CA VAL A 100 -2.66 -9.03 1.00
C VAL A 100 -2.83 -10.55 0.92
N ARG A 101 -1.71 -11.24 0.96
CA ARG A 101 -1.72 -12.70 0.91
C ARG A 101 -2.78 -13.26 1.85
N ASP A 102 -3.12 -12.45 2.85
CA ASP A 102 -4.12 -12.86 3.82
C ASP A 102 -5.49 -12.94 3.15
N PRO A 103 -6.50 -13.37 3.94
CA PRO A 103 -7.85 -13.50 3.42
C PRO A 103 -8.52 -12.13 3.27
N GLN A 104 -8.05 -11.18 4.08
CA GLN A 104 -8.59 -9.83 4.05
C GLN A 104 -7.84 -8.99 3.02
N GLY A 105 -6.55 -8.81 3.28
CA GLY A 105 -5.70 -8.03 2.40
C GLY A 105 -6.39 -6.72 2.01
N ILE A 106 -6.67 -6.59 0.72
CA ILE A 106 -7.32 -5.40 0.20
C ILE A 106 -8.47 -5.00 1.14
N ARG A 107 -9.20 -6.01 1.57
CA ARG A 107 -10.32 -5.78 2.47
C ARG A 107 -9.92 -4.84 3.60
N ALA A 108 -8.65 -4.94 3.97
CA ALA A 108 -8.12 -4.10 5.05
C ALA A 108 -8.42 -2.63 4.73
N TRP A 109 -8.38 -2.31 3.44
CA TRP A 109 -8.64 -0.96 2.99
C TRP A 109 -10.09 -0.88 2.51
N VAL A 110 -10.99 -1.12 3.45
CA VAL A 110 -12.42 -1.08 3.16
C VAL A 110 -12.69 0.07 2.18
N ALA A 111 -11.95 1.16 2.38
CA ALA A 111 -12.11 2.33 1.53
C ALA A 111 -12.33 1.88 0.08
N TRP A 112 -11.42 1.04 -0.38
CA TRP A 112 -11.50 0.53 -1.75
C TRP A 112 -12.93 0.05 -1.98
N ARG A 113 -13.34 -0.92 -1.18
CA ARG A 113 -14.68 -1.47 -1.29
C ARG A 113 -15.72 -0.36 -1.29
N ALA A 114 -15.29 0.81 -0.82
CA ALA A 114 -16.17 1.96 -0.77
C ALA A 114 -15.51 3.15 -1.47
N HIS A 115 -14.75 2.83 -2.51
CA HIS A 115 -14.06 3.86 -3.27
C HIS A 115 -13.90 3.40 -4.72
N CYS A 116 -13.30 2.23 -4.88
CA CYS A 116 -13.07 1.67 -6.20
C CYS A 116 -14.32 0.86 -6.59
N GLN A 117 -14.71 -0.04 -5.71
CA GLN A 117 -15.86 -0.88 -5.94
C GLN A 117 -17.15 -0.03 -5.89
N ASN A 118 -17.19 0.98 -6.74
CA ASN A 118 -18.34 1.86 -6.80
C ASN A 118 -18.50 2.39 -8.22
N ARG A 119 -17.40 2.91 -8.75
CA ARG A 119 -17.41 3.45 -10.10
C ARG A 119 -16.28 2.82 -10.93
N ASP A 120 -16.08 3.39 -12.11
CA ASP A 120 -15.04 2.90 -13.00
C ASP A 120 -13.74 3.66 -12.74
N LEU A 121 -12.83 2.98 -12.05
CA LEU A 121 -11.55 3.59 -11.72
C LEU A 121 -10.55 3.31 -12.85
N SER A 122 -11.09 2.85 -13.97
CA SER A 122 -10.27 2.55 -15.13
C SER A 122 -9.91 3.84 -15.87
N GLN A 123 -10.65 4.89 -15.56
CA GLN A 123 -10.42 6.18 -16.19
C GLN A 123 -9.22 6.87 -15.54
N TYR A 124 -8.80 6.33 -14.41
CA TYR A 124 -7.67 6.89 -13.69
C TYR A 124 -6.35 6.41 -14.28
N ILE A 125 -6.34 5.14 -14.68
CA ILE A 125 -5.15 4.55 -15.26
C ILE A 125 -5.15 4.78 -16.78
N ARG A 126 -6.35 4.67 -17.34
CA ARG A 126 -6.51 4.86 -18.78
C ARG A 126 -6.14 6.30 -19.17
N ASN A 127 -4.93 6.45 -19.67
CA ASN A 127 -4.44 7.76 -20.08
C ASN A 127 -2.92 7.73 -20.18
N CYS A 128 -2.32 6.84 -19.39
CA CYS A 128 -0.88 6.69 -19.39
C CYS A 128 -0.46 6.00 -20.68
N GLY A 129 -1.40 5.24 -21.24
CA GLY A 129 -1.13 4.51 -22.47
C GLY A 129 -0.85 3.04 -22.19
N VAL A 130 -1.44 2.56 -21.10
CA VAL A 130 -1.26 1.18 -20.71
C VAL A 130 -2.34 0.32 -21.37
N LYS A 1 8.59 10.46 -0.94
CA LYS A 1 8.73 10.94 -2.31
C LYS A 1 7.34 11.31 -2.84
N VAL A 2 7.21 11.19 -4.16
CA VAL A 2 5.95 11.51 -4.81
C VAL A 2 5.71 10.51 -5.94
N TYR A 3 4.45 10.11 -6.08
CA TYR A 3 4.06 9.17 -7.11
C TYR A 3 2.67 9.48 -7.64
N GLU A 4 2.54 9.43 -8.96
CA GLU A 4 1.26 9.70 -9.60
C GLU A 4 0.68 8.40 -10.18
N ARG A 5 -0.63 8.44 -10.41
CA ARG A 5 -1.32 7.27 -10.95
C ARG A 5 -0.45 6.58 -12.00
N CYS A 6 -0.21 7.30 -13.09
CA CYS A 6 0.61 6.77 -14.17
C CYS A 6 1.85 6.11 -13.55
N GLU A 7 2.80 6.96 -13.20
CA GLU A 7 4.04 6.48 -12.61
C GLU A 7 3.79 5.17 -11.85
N PHE A 8 3.05 5.29 -10.75
CA PHE A 8 2.74 4.14 -9.92
C PHE A 8 2.32 2.95 -10.79
N ALA A 9 1.34 3.20 -11.65
CA ALA A 9 0.83 2.16 -12.53
C ALA A 9 2.01 1.50 -13.26
N ARG A 10 2.84 2.34 -13.86
CA ARG A 10 4.00 1.85 -14.59
C ARG A 10 4.90 1.03 -13.67
N THR A 11 5.24 1.63 -12.53
CA THR A 11 6.09 0.97 -11.57
C THR A 11 5.46 -0.35 -11.12
N LEU A 12 4.23 -0.26 -10.64
CA LEU A 12 3.52 -1.44 -10.18
C LEU A 12 3.60 -2.53 -11.25
N LYS A 13 3.29 -2.15 -12.47
CA LYS A 13 3.33 -3.08 -13.58
C LYS A 13 4.77 -3.52 -13.82
N ARG A 14 5.69 -2.61 -13.52
CA ARG A 14 7.10 -2.90 -13.69
C ARG A 14 7.62 -3.79 -12.56
N ASN A 15 6.90 -3.74 -11.44
CA ASN A 15 7.26 -4.53 -10.29
C ASN A 15 6.60 -5.90 -10.38
N GLY A 16 5.35 -5.89 -10.83
CA GLY A 16 4.59 -7.12 -10.97
C GLY A 16 3.53 -7.25 -9.88
N MET A 17 2.57 -6.33 -9.92
CA MET A 17 1.49 -6.33 -8.95
C MET A 17 0.20 -5.79 -9.55
N ALA A 18 0.35 -4.73 -10.33
CA ALA A 18 -0.80 -4.11 -10.98
C ALA A 18 -1.54 -5.16 -11.81
N GLY A 19 -2.80 -5.39 -11.43
CA GLY A 19 -3.62 -6.36 -12.13
C GLY A 19 -3.36 -7.78 -11.60
N TYR A 20 -2.93 -7.84 -10.35
CA TYR A 20 -2.65 -9.11 -9.72
C TYR A 20 -3.80 -10.10 -9.93
N TYR A 21 -3.60 -11.31 -9.40
CA TYR A 21 -4.61 -12.34 -9.53
C TYR A 21 -6.02 -11.75 -9.44
N GLY A 22 -6.25 -10.99 -8.37
CA GLY A 22 -7.54 -10.37 -8.16
C GLY A 22 -7.41 -8.84 -8.18
N VAL A 23 -6.58 -8.33 -7.29
CA VAL A 23 -6.37 -6.90 -7.20
C VAL A 23 -6.14 -6.33 -8.60
N SER A 24 -7.01 -5.40 -8.96
CA SER A 24 -6.92 -4.77 -10.27
C SER A 24 -6.03 -3.53 -10.20
N LEU A 25 -5.24 -3.32 -11.24
CA LEU A 25 -4.34 -2.19 -11.30
C LEU A 25 -5.09 -0.94 -10.83
N ALA A 26 -6.34 -0.81 -11.29
CA ALA A 26 -7.15 0.33 -10.93
C ALA A 26 -7.35 0.34 -9.41
N ASP A 27 -7.60 -0.84 -8.87
CA ASP A 27 -7.81 -0.97 -7.43
C ASP A 27 -6.52 -0.60 -6.70
N TRP A 28 -5.40 -1.01 -7.28
CA TRP A 28 -4.10 -0.72 -6.69
C TRP A 28 -3.94 0.80 -6.64
N VAL A 29 -3.99 1.42 -7.81
CA VAL A 29 -3.85 2.85 -7.91
C VAL A 29 -4.92 3.53 -7.05
N CYS A 30 -6.17 3.24 -7.38
CA CYS A 30 -7.29 3.81 -6.64
C CYS A 30 -7.00 3.66 -5.15
N LEU A 31 -6.78 2.42 -4.74
CA LEU A 31 -6.50 2.13 -3.34
C LEU A 31 -5.44 3.09 -2.83
N ALA A 32 -4.34 3.15 -3.57
CA ALA A 32 -3.24 4.02 -3.20
C ALA A 32 -3.70 5.49 -3.27
N GLN A 33 -4.73 5.70 -4.07
CA GLN A 33 -5.28 7.04 -4.24
C GLN A 33 -6.02 7.47 -2.96
N HIS A 34 -6.94 6.63 -2.54
CA HIS A 34 -7.72 6.91 -1.35
C HIS A 34 -6.80 6.93 -0.13
N GLU A 35 -5.67 6.24 -0.26
CA GLU A 35 -4.70 6.17 0.82
C GLU A 35 -3.91 7.48 0.90
N SER A 36 -3.17 7.76 -0.16
CA SER A 36 -2.37 8.97 -0.22
C SER A 36 -2.13 9.37 -1.67
N ASN A 37 -1.31 8.59 -2.35
CA ASN A 37 -1.00 8.85 -3.74
C ASN A 37 -0.33 10.22 -3.86
N TYR A 38 0.25 10.47 -5.03
CA TYR A 38 0.92 11.73 -5.27
C TYR A 38 2.13 11.90 -4.36
N ASN A 39 1.85 11.91 -3.07
CA ASN A 39 2.91 12.07 -2.08
C ASN A 39 3.06 10.77 -1.28
N THR A 40 4.29 10.49 -0.89
CA THR A 40 4.57 9.29 -0.13
C THR A 40 5.22 9.65 1.21
N ARG A 41 4.57 10.54 1.92
CA ARG A 41 5.06 10.98 3.22
C ARG A 41 4.05 10.65 4.32
N ALA A 42 3.04 9.89 3.93
CA ALA A 42 2.00 9.50 4.87
C ALA A 42 2.65 8.80 6.07
N THR A 43 2.66 9.51 7.20
CA THR A 43 3.24 8.98 8.41
C THR A 43 2.43 9.43 9.64
N ASN A 44 2.08 8.45 10.46
CA ASN A 44 1.32 8.72 11.66
C ASN A 44 1.69 7.70 12.75
N TYR A 45 2.66 8.07 13.55
CA TYR A 45 3.12 7.21 14.63
C TYR A 45 2.32 7.45 15.90
N ASN A 46 2.28 6.43 16.75
CA ASN A 46 1.56 6.52 18.00
C ASN A 46 2.10 5.46 18.98
N ARG A 47 2.88 5.94 19.93
CA ARG A 47 3.46 5.04 20.92
C ARG A 47 2.42 4.68 21.99
N GLY A 48 1.52 5.62 22.22
CA GLY A 48 0.46 5.42 23.20
C GLY A 48 0.03 3.95 23.25
N ASP A 49 0.01 3.33 22.07
CA ASP A 49 -0.37 1.94 21.96
C ASP A 49 0.60 1.21 21.05
N GLN A 50 1.86 1.64 21.12
CA GLN A 50 2.90 1.04 20.30
C GLN A 50 2.33 0.61 18.95
N SER A 51 1.74 1.57 18.25
CA SER A 51 1.15 1.31 16.95
C SER A 51 1.34 2.51 16.04
N THR A 52 2.30 2.39 15.13
CA THR A 52 2.58 3.46 14.19
C THR A 52 1.90 3.18 12.85
N ASP A 53 1.18 4.19 12.37
CA ASP A 53 0.47 4.07 11.11
C ASP A 53 1.14 4.99 10.08
N TYR A 54 1.86 4.35 9.16
CA TYR A 54 2.55 5.09 8.11
C TYR A 54 2.75 4.23 6.86
N GLY A 55 3.10 4.89 5.77
CA GLY A 55 3.32 4.19 4.51
C GLY A 55 2.32 4.67 3.45
N ILE A 56 2.75 4.57 2.21
CA ILE A 56 1.91 4.98 1.09
C ILE A 56 0.54 4.30 1.22
N PHE A 57 0.55 3.13 1.83
CA PHE A 57 -0.68 2.37 2.02
C PHE A 57 -1.15 2.45 3.47
N GLN A 58 -0.59 3.42 4.19
CA GLN A 58 -0.95 3.62 5.58
C GLN A 58 -1.05 2.27 6.30
N ILE A 59 0.10 1.79 6.75
CA ILE A 59 0.17 0.52 7.45
C ILE A 59 0.52 0.76 8.91
N ASN A 60 -0.03 -0.08 9.78
CA ASN A 60 0.22 0.03 11.20
C ASN A 60 1.42 -0.85 11.58
N SER A 61 2.23 -0.33 12.49
CA SER A 61 3.40 -1.05 12.95
C SER A 61 3.06 -1.91 14.17
N ARG A 62 1.77 -1.90 14.51
CA ARG A 62 1.30 -2.67 15.64
C ARG A 62 0.92 -4.09 15.21
N TYR A 63 0.87 -4.28 13.91
CA TYR A 63 0.53 -5.57 13.35
C TYR A 63 1.52 -5.99 12.26
N TRP A 64 1.86 -5.03 11.42
CA TRP A 64 2.80 -5.27 10.33
C TRP A 64 4.11 -4.56 10.67
N CYS A 65 5.14 -4.92 9.92
CA CYS A 65 6.45 -4.32 10.13
C CYS A 65 6.87 -4.58 11.58
N ASN A 66 8.17 -4.46 11.83
CA ASN A 66 8.71 -4.67 13.15
C ASN A 66 9.90 -3.73 13.38
N ASP A 67 10.61 -3.97 14.46
CA ASP A 67 11.76 -3.16 14.80
C ASP A 67 12.94 -4.07 15.17
N GLY A 68 12.70 -4.92 16.15
CA GLY A 68 13.72 -5.85 16.61
C GLY A 68 14.23 -5.46 18.00
N LYS A 69 13.67 -4.38 18.52
CA LYS A 69 14.06 -3.88 19.83
C LYS A 69 12.83 -3.87 20.75
N THR A 70 11.74 -4.38 20.22
CA THR A 70 10.50 -4.44 20.98
C THR A 70 9.69 -5.68 20.60
N PRO A 71 9.92 -6.77 21.38
CA PRO A 71 9.23 -8.02 21.15
C PRO A 71 7.78 -7.95 21.63
N ARG A 72 7.00 -7.13 20.94
CA ARG A 72 5.60 -6.96 21.29
C ARG A 72 4.73 -6.98 20.02
N ALA A 73 5.13 -6.17 19.06
CA ALA A 73 4.40 -6.09 17.81
C ALA A 73 4.43 -7.47 17.11
N VAL A 74 3.34 -7.76 16.42
CA VAL A 74 3.22 -9.02 15.73
C VAL A 74 3.40 -8.79 14.22
N ASN A 75 4.56 -8.23 13.88
CA ASN A 75 4.87 -7.96 12.50
C ASN A 75 4.39 -9.12 11.62
N ALA A 76 3.22 -8.92 11.03
CA ALA A 76 2.64 -9.94 10.17
C ALA A 76 3.26 -9.84 8.78
N CYS A 77 3.94 -8.73 8.55
CA CYS A 77 4.58 -8.50 7.26
C CYS A 77 6.00 -9.05 7.33
N GLY A 78 6.60 -8.92 8.51
CA GLY A 78 7.95 -9.39 8.72
C GLY A 78 8.96 -8.57 7.92
N ILE A 79 8.91 -7.26 8.13
CA ILE A 79 9.81 -6.35 7.43
C ILE A 79 10.15 -5.18 8.35
N ASN A 80 11.29 -4.56 8.07
CA ASN A 80 11.74 -3.43 8.86
C ASN A 80 10.73 -2.27 8.70
N CYS A 81 10.33 -1.72 9.84
CA CYS A 81 9.38 -0.62 9.84
C CYS A 81 9.95 0.50 8.96
N SER A 82 11.23 0.77 9.16
CA SER A 82 11.89 1.81 8.38
C SER A 82 11.71 1.55 6.88
N ALA A 83 11.44 0.29 6.57
CA ALA A 83 11.24 -0.10 5.18
C ALA A 83 10.02 0.63 4.62
N LEU A 84 9.15 1.05 5.53
CA LEU A 84 7.95 1.75 5.13
C LEU A 84 8.18 3.26 5.25
N LEU A 85 9.44 3.62 5.43
CA LEU A 85 9.81 5.02 5.55
C LEU A 85 11.01 5.31 4.64
N GLN A 86 11.08 4.55 3.56
CA GLN A 86 12.17 4.71 2.60
C GLN A 86 11.73 5.60 1.44
N ASP A 87 12.49 5.54 0.36
CA ASP A 87 12.18 6.33 -0.82
C ASP A 87 11.28 5.53 -1.75
N ASP A 88 11.82 4.43 -2.24
CA ASP A 88 11.07 3.56 -3.15
C ASP A 88 9.92 2.91 -2.38
N ILE A 89 8.89 2.53 -3.13
CA ILE A 89 7.73 1.89 -2.52
C ILE A 89 7.88 0.37 -2.63
N THR A 90 9.04 -0.05 -3.08
CA THR A 90 9.33 -1.47 -3.23
C THR A 90 8.84 -2.24 -2.00
N ALA A 91 9.05 -1.63 -0.85
CA ALA A 91 8.63 -2.25 0.40
C ALA A 91 7.11 -2.18 0.52
N ALA A 92 6.56 -1.07 0.07
CA ALA A 92 5.12 -0.86 0.11
C ALA A 92 4.43 -1.93 -0.74
N ILE A 93 5.07 -2.26 -1.85
CA ILE A 93 4.54 -3.25 -2.77
C ILE A 93 4.75 -4.64 -2.17
N GLN A 94 6.00 -4.93 -1.84
CA GLN A 94 6.35 -6.21 -1.26
C GLN A 94 5.50 -6.49 -0.02
N CYS A 95 5.38 -5.47 0.81
CA CYS A 95 4.60 -5.59 2.03
C CYS A 95 3.12 -5.69 1.65
N ALA A 96 2.68 -4.73 0.86
CA ALA A 96 1.30 -4.69 0.41
C ALA A 96 0.87 -6.10 -0.01
N LYS A 97 1.74 -6.75 -0.76
CA LYS A 97 1.47 -8.10 -1.24
C LYS A 97 1.63 -9.08 -0.08
N ARG A 98 2.66 -8.85 0.72
CA ARG A 98 2.93 -9.70 1.86
C ARG A 98 1.78 -9.63 2.87
N VAL A 99 1.05 -8.53 2.80
CA VAL A 99 -0.08 -8.33 3.69
C VAL A 99 -1.34 -8.92 3.06
N VAL A 100 -1.66 -8.41 1.87
CA VAL A 100 -2.83 -8.88 1.15
C VAL A 100 -2.78 -10.40 1.02
N ARG A 101 -1.55 -10.91 0.94
CA ARG A 101 -1.35 -12.35 0.82
C ARG A 101 -2.25 -13.09 1.81
N ASP A 102 -2.55 -12.42 2.91
CA ASP A 102 -3.39 -13.02 3.94
C ASP A 102 -4.69 -13.50 3.30
N PRO A 103 -5.55 -14.13 4.16
CA PRO A 103 -6.83 -14.64 3.69
C PRO A 103 -7.82 -13.51 3.47
N GLN A 104 -7.61 -12.42 4.18
CA GLN A 104 -8.48 -11.26 4.07
C GLN A 104 -8.61 -10.84 2.59
N GLY A 105 -7.75 -9.93 2.20
CA GLY A 105 -7.76 -9.44 0.83
C GLY A 105 -7.87 -7.91 0.80
N ILE A 106 -7.55 -7.35 -0.36
CA ILE A 106 -7.61 -5.91 -0.54
C ILE A 106 -8.85 -5.36 0.17
N ARG A 107 -9.87 -6.21 0.25
CA ARG A 107 -11.11 -5.82 0.91
C ARG A 107 -10.82 -4.96 2.14
N ALA A 108 -9.74 -5.31 2.82
CA ALA A 108 -9.34 -4.58 4.02
C ALA A 108 -9.47 -3.08 3.75
N TRP A 109 -9.17 -2.69 2.53
CA TRP A 109 -9.25 -1.29 2.13
C TRP A 109 -10.61 -1.07 1.46
N VAL A 110 -11.65 -1.54 2.13
CA VAL A 110 -13.00 -1.39 1.62
C VAL A 110 -13.16 -0.02 0.98
N ALA A 111 -12.40 0.93 1.52
CA ALA A 111 -12.44 2.30 1.01
C ALA A 111 -12.52 2.26 -0.51
N TRP A 112 -11.60 1.51 -1.11
CA TRP A 112 -11.55 1.39 -2.56
C TRP A 112 -12.91 0.86 -3.03
N ARG A 113 -13.37 -0.18 -2.35
CA ARG A 113 -14.64 -0.79 -2.69
C ARG A 113 -15.79 0.16 -2.35
N ALA A 114 -15.44 1.25 -1.70
CA ALA A 114 -16.43 2.25 -1.32
C ALA A 114 -16.02 3.61 -1.88
N HIS A 115 -15.37 3.57 -3.05
CA HIS A 115 -14.93 4.78 -3.70
C HIS A 115 -14.88 4.55 -5.21
N CYS A 116 -14.19 3.49 -5.60
CA CYS A 116 -14.05 3.15 -7.00
C CYS A 116 -15.23 2.26 -7.40
N GLN A 117 -15.36 1.16 -6.67
CA GLN A 117 -16.43 0.21 -6.94
C GLN A 117 -17.69 0.95 -7.38
N ASN A 118 -17.86 2.15 -6.85
CA ASN A 118 -19.02 2.97 -7.18
C ASN A 118 -19.15 3.05 -8.70
N ARG A 119 -18.06 3.47 -9.35
CA ARG A 119 -18.05 3.59 -10.79
C ARG A 119 -16.81 2.90 -11.37
N ASP A 120 -16.58 3.15 -12.65
CA ASP A 120 -15.44 2.56 -13.33
C ASP A 120 -14.27 3.53 -13.30
N LEU A 121 -13.32 3.24 -12.42
CA LEU A 121 -12.14 4.08 -12.28
C LEU A 121 -10.99 3.48 -13.07
N SER A 122 -11.36 2.60 -14.00
CA SER A 122 -10.36 1.95 -14.84
C SER A 122 -9.73 2.96 -15.80
N GLN A 123 -10.43 4.08 -15.96
CA GLN A 123 -9.95 5.12 -16.85
C GLN A 123 -8.81 5.91 -16.18
N TYR A 124 -8.60 5.61 -14.91
CA TYR A 124 -7.55 6.27 -14.15
C TYR A 124 -6.17 5.72 -14.53
N ILE A 125 -6.17 4.47 -14.97
CA ILE A 125 -4.93 3.83 -15.37
C ILE A 125 -4.86 3.76 -16.90
N ARG A 126 -6.03 3.71 -17.51
CA ARG A 126 -6.13 3.64 -18.96
C ARG A 126 -5.74 5.00 -19.57
N ASN A 127 -4.70 4.97 -20.39
CA ASN A 127 -4.22 6.18 -21.04
C ASN A 127 -3.33 6.95 -20.08
N CYS A 128 -2.72 6.22 -19.16
CA CYS A 128 -1.83 6.82 -18.18
C CYS A 128 -0.39 6.65 -18.66
N GLY A 129 -0.17 5.55 -19.37
CA GLY A 129 1.16 5.25 -19.89
C GLY A 129 1.73 3.98 -19.24
N VAL A 130 0.84 3.04 -19.00
CA VAL A 130 1.25 1.78 -18.38
C VAL A 130 1.64 0.79 -19.48
N LYS A 1 9.91 11.03 -2.24
CA LYS A 1 9.56 10.91 -3.65
C LYS A 1 8.05 11.15 -3.82
N VAL A 2 7.63 11.20 -5.06
CA VAL A 2 6.23 11.43 -5.37
C VAL A 2 5.72 10.31 -6.28
N TYR A 3 4.59 9.74 -5.88
CA TYR A 3 3.98 8.66 -6.65
C TYR A 3 2.52 8.97 -6.95
N GLU A 4 2.27 9.29 -8.22
CA GLU A 4 0.92 9.60 -8.66
C GLU A 4 0.31 8.40 -9.39
N ARG A 5 -1.00 8.47 -9.56
CA ARG A 5 -1.71 7.40 -10.24
C ARG A 5 -0.88 6.85 -11.39
N CYS A 6 -0.51 7.75 -12.30
CA CYS A 6 0.28 7.37 -13.45
C CYS A 6 1.55 6.69 -12.95
N GLU A 7 2.51 7.50 -12.54
CA GLU A 7 3.78 7.00 -12.04
C GLU A 7 3.56 5.66 -11.31
N PHE A 8 2.83 5.76 -10.21
CA PHE A 8 2.54 4.57 -9.40
C PHE A 8 2.11 3.40 -10.30
N ALA A 9 1.17 3.67 -11.17
CA ALA A 9 0.67 2.65 -12.08
C ALA A 9 1.84 2.08 -12.89
N ARG A 10 2.60 2.98 -13.49
CA ARG A 10 3.74 2.59 -14.29
C ARG A 10 4.65 1.64 -13.50
N THR A 11 5.05 2.10 -12.33
CA THR A 11 5.91 1.32 -11.47
C THR A 11 5.27 -0.04 -11.17
N LEU A 12 4.06 0.02 -10.63
CA LEU A 12 3.33 -1.19 -10.29
C LEU A 12 3.43 -2.17 -11.46
N LYS A 13 3.10 -1.68 -12.64
CA LYS A 13 3.13 -2.50 -13.84
C LYS A 13 4.60 -2.81 -14.18
N ARG A 14 5.48 -1.92 -13.76
CA ARG A 14 6.90 -2.09 -14.01
C ARG A 14 7.47 -3.18 -13.11
N ASN A 15 6.82 -3.37 -11.97
CA ASN A 15 7.25 -4.37 -11.02
C ASN A 15 6.57 -5.71 -11.34
N GLY A 16 5.30 -5.63 -11.71
CA GLY A 16 4.53 -6.81 -12.04
C GLY A 16 3.39 -7.02 -11.05
N MET A 17 2.71 -5.93 -10.74
CA MET A 17 1.60 -5.97 -9.81
C MET A 17 0.32 -5.42 -10.45
N ALA A 18 0.50 -4.37 -11.24
CA ALA A 18 -0.62 -3.75 -11.92
C ALA A 18 -1.46 -4.81 -12.61
N GLY A 19 -2.60 -5.10 -12.02
CA GLY A 19 -3.50 -6.10 -12.56
C GLY A 19 -3.15 -7.50 -12.05
N TYR A 20 -2.70 -7.53 -10.80
CA TYR A 20 -2.33 -8.80 -10.18
C TYR A 20 -3.41 -9.86 -10.40
N TYR A 21 -3.14 -11.05 -9.88
CA TYR A 21 -4.08 -12.15 -10.01
C TYR A 21 -5.53 -11.64 -10.03
N GLY A 22 -5.86 -10.87 -9.00
CA GLY A 22 -7.20 -10.31 -8.89
C GLY A 22 -7.16 -8.79 -8.87
N VAL A 23 -6.56 -8.25 -7.82
CA VAL A 23 -6.45 -6.81 -7.67
C VAL A 23 -6.12 -6.19 -9.03
N SER A 24 -6.90 -5.18 -9.38
CA SER A 24 -6.71 -4.49 -10.64
C SER A 24 -5.75 -3.31 -10.46
N LEU A 25 -5.12 -2.92 -11.56
CA LEU A 25 -4.18 -1.81 -11.52
C LEU A 25 -4.90 -0.55 -11.09
N ALA A 26 -6.07 -0.33 -11.69
CA ALA A 26 -6.86 0.84 -11.38
C ALA A 26 -7.14 0.87 -9.87
N ASP A 27 -7.55 -0.28 -9.36
CA ASP A 27 -7.85 -0.39 -7.94
C ASP A 27 -6.57 -0.23 -7.13
N TRP A 28 -5.48 -0.74 -7.69
CA TRP A 28 -4.19 -0.65 -7.04
C TRP A 28 -3.87 0.83 -6.82
N VAL A 29 -4.00 1.60 -7.89
CA VAL A 29 -3.74 3.02 -7.82
C VAL A 29 -4.72 3.69 -6.85
N CYS A 30 -6.00 3.53 -7.16
CA CYS A 30 -7.05 4.10 -6.34
C CYS A 30 -6.76 3.72 -4.88
N LEU A 31 -6.52 2.44 -4.67
CA LEU A 31 -6.24 1.93 -3.35
C LEU A 31 -5.10 2.74 -2.73
N ALA A 32 -4.00 2.80 -3.46
CA ALA A 32 -2.83 3.52 -3.00
C ALA A 32 -3.20 5.00 -2.80
N GLN A 33 -4.19 5.44 -3.57
CA GLN A 33 -4.65 6.81 -3.49
C GLN A 33 -5.34 7.06 -2.15
N HIS A 34 -6.32 6.23 -1.85
CA HIS A 34 -7.06 6.36 -0.62
C HIS A 34 -6.11 6.18 0.57
N GLU A 35 -5.00 5.51 0.30
CA GLU A 35 -4.01 5.26 1.33
C GLU A 35 -3.17 6.51 1.56
N SER A 36 -2.51 6.96 0.50
CA SER A 36 -1.68 8.13 0.58
C SER A 36 -1.23 8.56 -0.83
N ASN A 37 -0.44 7.70 -1.45
CA ASN A 37 0.06 7.97 -2.79
C ASN A 37 0.56 9.41 -2.85
N TYR A 38 0.65 9.92 -4.08
CA TYR A 38 1.12 11.27 -4.29
C TYR A 38 2.52 11.47 -3.74
N ASN A 39 2.61 11.60 -2.42
CA ASN A 39 3.89 11.79 -1.76
C ASN A 39 4.25 10.51 -0.99
N THR A 40 5.52 10.16 -1.04
CA THR A 40 6.00 8.98 -0.36
C THR A 40 6.48 9.34 1.05
N ARG A 41 5.60 10.02 1.78
CA ARG A 41 5.92 10.43 3.14
C ARG A 41 4.86 9.90 4.11
N ALA A 42 4.12 8.91 3.64
CA ALA A 42 3.08 8.31 4.45
C ALA A 42 3.69 7.82 5.78
N THR A 43 3.62 8.70 6.77
CA THR A 43 4.16 8.38 8.08
C THR A 43 3.31 9.02 9.18
N ASN A 44 2.69 8.16 9.99
CA ASN A 44 1.85 8.63 11.07
C ASN A 44 1.89 7.61 12.21
N TYR A 45 2.67 7.93 13.23
CA TYR A 45 2.80 7.05 14.38
C TYR A 45 1.72 7.35 15.42
N ASN A 46 1.50 6.38 16.31
CA ASN A 46 0.51 6.54 17.35
C ASN A 46 0.82 5.56 18.49
N ARG A 47 1.37 6.10 19.56
CA ARG A 47 1.71 5.28 20.72
C ARG A 47 0.45 4.86 21.46
N GLY A 48 -0.55 5.73 21.42
CA GLY A 48 -1.80 5.46 22.09
C GLY A 48 -2.16 3.97 22.01
N ASP A 49 -1.80 3.37 20.88
CA ASP A 49 -2.07 1.96 20.67
C ASP A 49 -0.84 1.30 20.04
N GLN A 50 0.32 1.79 20.44
CA GLN A 50 1.57 1.25 19.94
C GLN A 50 1.43 0.88 18.46
N SER A 51 0.74 1.75 17.73
CA SER A 51 0.52 1.52 16.31
C SER A 51 1.05 2.72 15.51
N THR A 52 1.45 2.43 14.28
CA THR A 52 1.98 3.46 13.41
C THR A 52 1.55 3.20 11.96
N ASP A 53 1.04 4.26 11.33
CA ASP A 53 0.59 4.16 9.96
C ASP A 53 1.64 4.76 9.04
N TYR A 54 2.47 3.88 8.48
CA TYR A 54 3.53 4.30 7.58
C TYR A 54 3.43 3.57 6.24
N GLY A 55 4.07 4.16 5.23
CA GLY A 55 4.07 3.57 3.90
C GLY A 55 2.97 4.20 3.04
N ILE A 56 3.30 4.35 1.75
CA ILE A 56 2.35 4.94 0.81
C ILE A 56 1.01 4.21 0.92
N PHE A 57 1.10 2.93 1.29
CA PHE A 57 -0.10 2.13 1.44
C PHE A 57 -0.65 2.21 2.87
N GLN A 58 -0.26 3.27 3.55
CA GLN A 58 -0.71 3.49 4.91
C GLN A 58 -0.80 2.16 5.66
N ILE A 59 0.36 1.54 5.84
CA ILE A 59 0.43 0.27 6.53
C ILE A 59 0.67 0.51 8.02
N ASN A 60 -0.05 -0.24 8.84
CA ASN A 60 0.06 -0.11 10.28
C ASN A 60 1.28 -0.90 10.76
N SER A 61 2.01 -0.30 11.67
CA SER A 61 3.20 -0.94 12.21
C SER A 61 2.84 -1.73 13.47
N ARG A 62 1.55 -1.76 13.76
CA ARG A 62 1.05 -2.48 14.92
C ARG A 62 0.76 -3.94 14.56
N TYR A 63 0.91 -4.24 13.29
CA TYR A 63 0.67 -5.59 12.80
C TYR A 63 1.66 -5.96 11.70
N TRP A 64 1.71 -5.12 10.68
CA TRP A 64 2.61 -5.35 9.56
C TRP A 64 3.78 -4.38 9.69
N CYS A 65 4.98 -4.91 9.48
CA CYS A 65 6.18 -4.09 9.57
C CYS A 65 6.30 -3.56 11.00
N ASN A 66 7.50 -3.69 11.54
CA ASN A 66 7.77 -3.23 12.90
C ASN A 66 9.27 -3.06 13.09
N ASP A 67 9.66 -2.83 14.34
CA ASP A 67 11.05 -2.64 14.66
C ASP A 67 11.38 -1.15 14.68
N GLY A 68 10.44 -0.36 14.17
CA GLY A 68 10.61 1.08 14.12
C GLY A 68 10.58 1.69 15.51
N LYS A 69 10.35 0.84 16.50
CA LYS A 69 10.30 1.28 17.88
C LYS A 69 10.74 0.13 18.79
N THR A 70 9.91 -0.90 18.85
CA THR A 70 10.21 -2.05 19.67
C THR A 70 9.60 -3.32 19.07
N PRO A 71 10.41 -4.41 19.09
CA PRO A 71 9.97 -5.69 18.54
C PRO A 71 8.97 -6.36 19.48
N ARG A 72 7.87 -5.65 19.73
CA ARG A 72 6.84 -6.18 20.60
C ARG A 72 5.58 -6.50 19.79
N ALA A 73 5.29 -5.62 18.84
CA ALA A 73 4.12 -5.81 17.99
C ALA A 73 4.16 -7.21 17.38
N VAL A 74 3.20 -7.46 16.48
CA VAL A 74 3.12 -8.74 15.82
C VAL A 74 3.35 -8.56 14.33
N ASN A 75 4.60 -8.30 13.98
CA ASN A 75 4.96 -8.10 12.58
C ASN A 75 4.51 -9.32 11.76
N ALA A 76 3.38 -9.14 11.08
CA ALA A 76 2.83 -10.21 10.26
C ALA A 76 3.64 -10.30 8.96
N CYS A 77 4.33 -9.23 8.64
CA CYS A 77 5.14 -9.18 7.44
C CYS A 77 6.55 -9.63 7.78
N GLY A 78 6.93 -9.38 9.03
CA GLY A 78 8.25 -9.76 9.51
C GLY A 78 9.35 -8.97 8.77
N ILE A 79 9.20 -7.66 8.79
CA ILE A 79 10.16 -6.79 8.14
C ILE A 79 10.21 -5.45 8.87
N ASN A 80 11.25 -4.69 8.59
CA ASN A 80 11.43 -3.38 9.21
C ASN A 80 10.64 -2.33 8.42
N CYS A 81 9.83 -1.58 9.14
CA CYS A 81 9.02 -0.55 8.53
C CYS A 81 9.94 0.34 7.70
N SER A 82 11.17 0.46 8.15
CA SER A 82 12.16 1.28 7.47
C SER A 82 12.24 0.87 6.00
N ALA A 83 12.11 -0.43 5.77
CA ALA A 83 12.17 -0.97 4.43
C ALA A 83 11.05 -0.35 3.58
N LEU A 84 9.97 0.01 4.26
CA LEU A 84 8.83 0.62 3.60
C LEU A 84 8.90 2.14 3.76
N LEU A 85 10.04 2.60 4.24
CA LEU A 85 10.24 4.02 4.46
C LEU A 85 11.36 4.51 3.54
N GLN A 86 11.53 3.81 2.43
CA GLN A 86 12.57 4.16 1.46
C GLN A 86 11.93 4.52 0.13
N ASP A 87 12.78 4.60 -0.89
CA ASP A 87 12.32 4.94 -2.23
C ASP A 87 11.68 3.70 -2.88
N ASP A 88 12.51 2.70 -3.08
CA ASP A 88 12.05 1.46 -3.68
C ASP A 88 10.84 0.93 -2.90
N ILE A 89 9.71 0.89 -3.58
CA ILE A 89 8.49 0.41 -2.97
C ILE A 89 8.47 -1.12 -2.99
N THR A 90 9.55 -1.68 -3.50
CA THR A 90 9.68 -3.13 -3.59
C THR A 90 9.17 -3.79 -2.29
N ALA A 91 9.44 -3.11 -1.18
CA ALA A 91 9.02 -3.61 0.11
C ALA A 91 7.51 -3.43 0.27
N ALA A 92 7.04 -2.28 -0.18
CA ALA A 92 5.62 -1.97 -0.09
C ALA A 92 4.83 -3.01 -0.90
N ILE A 93 5.38 -3.36 -2.04
CA ILE A 93 4.74 -4.33 -2.91
C ILE A 93 4.88 -5.73 -2.29
N GLN A 94 6.11 -6.06 -1.93
CA GLN A 94 6.39 -7.35 -1.33
C GLN A 94 5.53 -7.55 -0.08
N CYS A 95 5.47 -6.51 0.73
CA CYS A 95 4.68 -6.57 1.95
C CYS A 95 3.20 -6.58 1.58
N ALA A 96 2.86 -5.74 0.61
CA ALA A 96 1.49 -5.64 0.14
C ALA A 96 0.98 -7.05 -0.23
N LYS A 97 1.82 -7.77 -0.96
CA LYS A 97 1.47 -9.12 -1.38
C LYS A 97 1.51 -10.05 -0.16
N ARG A 98 2.55 -9.90 0.62
CA ARG A 98 2.72 -10.72 1.82
C ARG A 98 1.57 -10.47 2.80
N VAL A 99 0.95 -9.31 2.65
CA VAL A 99 -0.16 -8.94 3.51
C VAL A 99 -1.45 -9.51 2.94
N VAL A 100 -1.73 -9.14 1.69
CA VAL A 100 -2.93 -9.61 1.02
C VAL A 100 -2.96 -11.13 1.03
N ARG A 101 -1.77 -11.71 1.00
CA ARG A 101 -1.64 -13.16 1.01
C ARG A 101 -2.46 -13.76 2.15
N ASP A 102 -2.65 -12.95 3.19
CA ASP A 102 -3.41 -13.39 4.34
C ASP A 102 -4.89 -13.48 3.97
N PRO A 103 -5.71 -13.93 4.97
CA PRO A 103 -7.14 -14.07 4.75
C PRO A 103 -7.83 -12.70 4.76
N GLN A 104 -7.02 -11.67 4.95
CA GLN A 104 -7.53 -10.30 4.98
C GLN A 104 -8.09 -9.92 3.60
N GLY A 105 -7.20 -9.92 2.63
CA GLY A 105 -7.59 -9.57 1.27
C GLY A 105 -7.75 -8.06 1.13
N ILE A 106 -7.69 -7.60 -0.12
CA ILE A 106 -7.84 -6.19 -0.41
C ILE A 106 -8.93 -5.60 0.49
N ARG A 107 -9.89 -6.45 0.84
CA ARG A 107 -10.98 -6.02 1.69
C ARG A 107 -10.47 -5.14 2.82
N ALA A 108 -9.31 -5.50 3.33
CA ALA A 108 -8.69 -4.75 4.41
C ALA A 108 -8.86 -3.25 4.15
N TRP A 109 -8.74 -2.89 2.88
CA TRP A 109 -8.88 -1.50 2.49
C TRP A 109 -10.35 -1.26 2.12
N VAL A 110 -11.22 -1.55 3.07
CA VAL A 110 -12.65 -1.37 2.86
C VAL A 110 -12.88 -0.15 1.98
N ALA A 111 -12.05 0.86 2.19
CA ALA A 111 -12.15 2.09 1.44
C ALA A 111 -12.41 1.76 -0.04
N TRP A 112 -11.50 0.97 -0.59
CA TRP A 112 -11.62 0.57 -1.99
C TRP A 112 -13.02 0.01 -2.20
N ARG A 113 -13.35 -1.02 -1.44
CA ARG A 113 -14.65 -1.64 -1.53
C ARG A 113 -15.75 -0.60 -1.47
N ALA A 114 -15.38 0.58 -0.97
CA ALA A 114 -16.32 1.67 -0.85
C ALA A 114 -15.72 2.94 -1.49
N HIS A 115 -14.97 2.72 -2.55
CA HIS A 115 -14.34 3.82 -3.25
C HIS A 115 -14.16 3.45 -4.73
N CYS A 116 -13.51 2.32 -4.95
CA CYS A 116 -13.27 1.85 -6.31
C CYS A 116 -14.48 1.03 -6.74
N GLN A 117 -14.87 0.10 -5.87
CA GLN A 117 -16.01 -0.76 -6.16
C GLN A 117 -17.31 0.06 -6.14
N ASN A 118 -17.35 1.07 -6.99
CA ASN A 118 -18.51 1.93 -7.07
C ASN A 118 -18.67 2.44 -8.51
N ARG A 119 -17.60 3.03 -9.00
CA ARG A 119 -17.59 3.57 -10.35
C ARG A 119 -16.41 3.01 -11.14
N ASP A 120 -16.21 3.58 -12.32
CA ASP A 120 -15.12 3.16 -13.18
C ASP A 120 -13.91 4.06 -12.94
N LEU A 121 -12.97 3.56 -12.16
CA LEU A 121 -11.76 4.31 -11.85
C LEU A 121 -10.61 3.79 -12.71
N SER A 122 -10.97 3.14 -13.81
CA SER A 122 -9.98 2.59 -14.71
C SER A 122 -9.31 3.72 -15.51
N GLN A 123 -10.07 4.78 -15.69
CA GLN A 123 -9.56 5.93 -16.43
C GLN A 123 -8.44 6.62 -15.65
N TYR A 124 -8.30 6.20 -14.39
CA TYR A 124 -7.28 6.76 -13.52
C TYR A 124 -5.90 6.18 -13.87
N ILE A 125 -5.92 4.98 -14.41
CA ILE A 125 -4.68 4.31 -14.78
C ILE A 125 -4.62 4.18 -16.30
N ARG A 126 -5.79 4.01 -16.90
CA ARG A 126 -5.88 3.86 -18.33
C ARG A 126 -5.72 5.22 -19.02
N ASN A 127 -4.69 5.31 -19.84
CA ASN A 127 -4.41 6.55 -20.56
C ASN A 127 -3.67 7.52 -19.63
N CYS A 128 -2.97 6.94 -18.66
CA CYS A 128 -2.23 7.74 -17.70
C CYS A 128 -0.88 8.10 -18.32
N GLY A 129 -0.42 7.23 -19.19
CA GLY A 129 0.86 7.43 -19.85
C GLY A 129 1.87 6.36 -19.45
N VAL A 130 1.36 5.15 -19.24
CA VAL A 130 2.20 4.04 -18.84
C VAL A 130 2.71 3.32 -20.09
N LYS A 1 9.72 6.98 -3.62
CA LYS A 1 9.61 8.27 -2.96
C LYS A 1 8.31 8.95 -3.40
N VAL A 2 8.43 9.72 -4.48
CA VAL A 2 7.28 10.43 -5.01
C VAL A 2 6.59 9.56 -6.08
N TYR A 3 5.44 9.02 -5.71
CA TYR A 3 4.69 8.17 -6.61
C TYR A 3 3.18 8.50 -6.54
N GLU A 4 2.60 8.68 -7.71
CA GLU A 4 1.18 8.99 -7.80
C GLU A 4 0.45 7.93 -8.63
N ARG A 5 -0.86 8.08 -8.69
CA ARG A 5 -1.68 7.15 -9.44
C ARG A 5 -0.92 6.63 -10.66
N CYS A 6 -0.55 7.56 -11.53
CA CYS A 6 0.18 7.20 -12.73
C CYS A 6 1.39 6.35 -12.33
N GLU A 7 2.43 7.05 -11.89
CA GLU A 7 3.65 6.37 -11.47
C GLU A 7 3.32 5.02 -10.84
N PHE A 8 2.65 5.09 -9.69
CA PHE A 8 2.26 3.88 -8.98
C PHE A 8 1.82 2.79 -9.95
N ALA A 9 0.91 3.17 -10.83
CA ALA A 9 0.40 2.23 -11.82
C ALA A 9 1.54 1.73 -12.70
N ARG A 10 2.24 2.68 -13.30
CA ARG A 10 3.36 2.35 -14.16
C ARG A 10 4.28 1.34 -13.47
N THR A 11 4.77 1.75 -12.31
CA THR A 11 5.66 0.89 -11.54
C THR A 11 5.03 -0.49 -11.33
N LEU A 12 3.81 -0.48 -10.83
CA LEU A 12 3.10 -1.72 -10.58
C LEU A 12 3.21 -2.62 -11.81
N LYS A 13 2.83 -2.07 -12.95
CA LYS A 13 2.88 -2.81 -14.19
C LYS A 13 4.34 -3.10 -14.55
N ARG A 14 5.22 -2.23 -14.08
CA ARG A 14 6.64 -2.38 -14.34
C ARG A 14 7.22 -3.47 -13.44
N ASN A 15 6.56 -3.68 -12.31
CA ASN A 15 7.01 -4.69 -11.36
C ASN A 15 6.36 -6.03 -11.70
N GLY A 16 5.07 -5.96 -12.03
CA GLY A 16 4.34 -7.16 -12.39
C GLY A 16 3.47 -7.63 -11.22
N MET A 17 2.82 -6.67 -10.58
CA MET A 17 1.95 -6.96 -9.45
C MET A 17 0.49 -6.71 -9.80
N ALA A 18 0.28 -5.73 -10.67
CA ALA A 18 -1.06 -5.38 -11.10
C ALA A 18 -1.66 -6.52 -11.91
N GLY A 19 -2.98 -6.64 -11.84
CA GLY A 19 -3.68 -7.68 -12.56
C GLY A 19 -3.71 -8.98 -11.75
N TYR A 20 -3.34 -8.86 -10.49
CA TYR A 20 -3.32 -10.01 -9.60
C TYR A 20 -4.60 -10.83 -9.75
N TYR A 21 -4.63 -11.95 -9.03
CA TYR A 21 -5.78 -12.82 -9.06
C TYR A 21 -7.08 -12.03 -9.20
N GLY A 22 -7.28 -11.12 -8.26
CA GLY A 22 -8.47 -10.27 -8.27
C GLY A 22 -8.10 -8.80 -8.37
N VAL A 23 -7.45 -8.30 -7.34
CA VAL A 23 -7.03 -6.90 -7.31
C VAL A 23 -6.40 -6.55 -8.66
N SER A 24 -7.11 -5.72 -9.40
CA SER A 24 -6.63 -5.28 -10.70
C SER A 24 -5.82 -3.99 -10.56
N LEU A 25 -5.08 -3.67 -11.61
CA LEU A 25 -4.26 -2.47 -11.61
C LEU A 25 -5.11 -1.28 -11.17
N ALA A 26 -6.32 -1.21 -11.71
CA ALA A 26 -7.23 -0.14 -11.38
C ALA A 26 -7.53 -0.17 -9.87
N ASP A 27 -7.73 -1.37 -9.37
CA ASP A 27 -8.03 -1.55 -7.96
C ASP A 27 -6.83 -1.08 -7.13
N TRP A 28 -5.64 -1.38 -7.62
CA TRP A 28 -4.42 -0.99 -6.95
C TRP A 28 -4.34 0.53 -6.97
N VAL A 29 -4.30 1.08 -8.17
CA VAL A 29 -4.22 2.53 -8.34
C VAL A 29 -5.31 3.19 -7.50
N CYS A 30 -6.55 2.80 -7.79
CA CYS A 30 -7.68 3.36 -7.07
C CYS A 30 -7.43 3.21 -5.57
N LEU A 31 -6.92 2.04 -5.20
CA LEU A 31 -6.62 1.75 -3.81
C LEU A 31 -5.61 2.77 -3.29
N ALA A 32 -4.45 2.78 -3.94
CA ALA A 32 -3.39 3.71 -3.56
C ALA A 32 -3.90 5.14 -3.67
N GLN A 33 -4.93 5.31 -4.48
CA GLN A 33 -5.52 6.63 -4.68
C GLN A 33 -6.29 7.06 -3.43
N HIS A 34 -7.24 6.21 -3.04
CA HIS A 34 -8.05 6.49 -1.87
C HIS A 34 -7.15 6.60 -0.63
N GLU A 35 -6.00 5.95 -0.73
CA GLU A 35 -5.05 5.96 0.37
C GLU A 35 -4.38 7.33 0.48
N SER A 36 -3.65 7.68 -0.56
CA SER A 36 -2.95 8.96 -0.61
C SER A 36 -1.75 8.87 -1.54
N ASN A 37 -2.04 8.76 -2.82
CA ASN A 37 -1.00 8.68 -3.83
C ASN A 37 -0.14 9.94 -3.79
N TYR A 38 1.16 9.75 -3.87
CA TYR A 38 2.09 10.87 -3.84
C TYR A 38 3.46 10.43 -3.31
N ASN A 39 3.91 11.13 -2.28
CA ASN A 39 5.21 10.82 -1.69
C ASN A 39 5.00 9.85 -0.52
N THR A 40 5.92 8.89 -0.44
CA THR A 40 5.86 7.89 0.61
C THR A 40 6.18 8.52 1.97
N ARG A 41 5.46 9.59 2.28
CA ARG A 41 5.67 10.28 3.54
C ARG A 41 4.60 9.88 4.56
N ALA A 42 3.72 8.99 4.12
CA ALA A 42 2.64 8.51 4.98
C ALA A 42 3.23 7.99 6.28
N THR A 43 3.19 8.84 7.30
CA THR A 43 3.71 8.47 8.60
C THR A 43 2.82 9.04 9.71
N ASN A 44 2.28 8.14 10.52
CA ASN A 44 1.43 8.54 11.61
C ASN A 44 1.55 7.52 12.75
N TYR A 45 2.38 7.86 13.72
CA TYR A 45 2.60 6.99 14.86
C TYR A 45 1.59 7.28 15.96
N ASN A 46 1.44 6.30 16.85
CA ASN A 46 0.50 6.44 17.96
C ASN A 46 0.85 5.40 19.04
N ARG A 47 1.44 5.89 20.11
CA ARG A 47 1.83 5.03 21.21
C ARG A 47 0.59 4.61 22.02
N GLY A 48 -0.35 5.54 22.11
CA GLY A 48 -1.58 5.28 22.84
C GLY A 48 -2.07 3.85 22.59
N ASP A 49 -1.95 3.42 21.36
CA ASP A 49 -2.37 2.08 20.98
C ASP A 49 -1.17 1.30 20.43
N GLN A 50 0.00 1.63 20.96
CA GLN A 50 1.22 0.98 20.54
C GLN A 50 1.13 0.57 19.07
N SER A 51 0.68 1.52 18.26
CA SER A 51 0.54 1.28 16.83
C SER A 51 0.94 2.53 16.04
N THR A 52 1.36 2.31 14.81
CA THR A 52 1.78 3.40 13.95
C THR A 52 1.33 3.14 12.51
N ASP A 53 0.73 4.16 11.92
CA ASP A 53 0.26 4.06 10.55
C ASP A 53 1.27 4.72 9.61
N TYR A 54 2.13 3.88 9.04
CA TYR A 54 3.15 4.36 8.13
C TYR A 54 3.08 3.64 6.79
N GLY A 55 3.65 4.26 5.77
CA GLY A 55 3.66 3.68 4.44
C GLY A 55 2.63 4.36 3.54
N ILE A 56 2.93 4.35 2.25
CA ILE A 56 2.04 4.96 1.27
C ILE A 56 0.64 4.36 1.43
N PHE A 57 0.60 3.07 1.70
CA PHE A 57 -0.66 2.37 1.87
C PHE A 57 -1.12 2.42 3.34
N GLN A 58 -0.62 3.42 4.05
CA GLN A 58 -0.97 3.59 5.45
C GLN A 58 -1.04 2.23 6.14
N ILE A 59 0.12 1.60 6.26
CA ILE A 59 0.21 0.31 6.92
C ILE A 59 0.53 0.50 8.40
N ASN A 60 -0.14 -0.31 9.22
CA ASN A 60 0.05 -0.23 10.66
C ASN A 60 1.34 -0.99 11.02
N SER A 61 2.19 -0.30 11.76
CA SER A 61 3.45 -0.89 12.19
C SER A 61 3.26 -1.64 13.51
N ARG A 62 2.00 -1.88 13.84
CA ARG A 62 1.66 -2.58 15.07
C ARG A 62 1.62 -4.08 14.82
N TYR A 63 1.65 -4.45 13.55
CA TYR A 63 1.61 -5.85 13.17
C TYR A 63 2.57 -6.12 11.99
N TRP A 64 2.47 -5.27 10.99
CA TRP A 64 3.32 -5.42 9.81
C TRP A 64 4.55 -4.53 10.01
N CYS A 65 5.68 -5.04 9.52
CA CYS A 65 6.93 -4.31 9.64
C CYS A 65 7.20 -4.05 11.13
N ASN A 66 8.46 -3.77 11.42
CA ASN A 66 8.86 -3.50 12.79
C ASN A 66 9.98 -2.46 12.80
N ASP A 67 10.55 -2.25 13.99
CA ASP A 67 11.62 -1.28 14.13
C ASP A 67 12.70 -1.87 15.04
N GLY A 68 12.27 -2.26 16.23
CA GLY A 68 13.18 -2.85 17.21
C GLY A 68 13.24 -2.00 18.49
N LYS A 69 12.51 -0.89 18.45
CA LYS A 69 12.46 0.00 19.59
C LYS A 69 11.29 -0.38 20.49
N THR A 70 10.35 -1.12 19.90
CA THR A 70 9.18 -1.55 20.64
C THR A 70 9.03 -3.08 20.55
N PRO A 71 9.57 -3.77 21.59
CA PRO A 71 9.51 -5.22 21.64
C PRO A 71 8.10 -5.69 22.00
N ARG A 72 7.15 -5.28 21.19
CA ARG A 72 5.75 -5.66 21.42
C ARG A 72 5.08 -6.03 20.10
N ALA A 73 5.31 -5.19 19.11
CA ALA A 73 4.73 -5.41 17.79
C ALA A 73 5.06 -6.83 17.32
N VAL A 74 4.52 -7.18 16.17
CA VAL A 74 4.75 -8.50 15.60
C VAL A 74 4.87 -8.38 14.08
N ASN A 75 5.91 -7.69 13.66
CA ASN A 75 6.16 -7.50 12.24
C ASN A 75 5.85 -8.80 11.50
N ALA A 76 4.67 -8.83 10.89
CA ALA A 76 4.26 -10.01 10.15
C ALA A 76 4.98 -10.05 8.81
N CYS A 77 5.47 -8.89 8.41
CA CYS A 77 6.19 -8.77 7.15
C CYS A 77 7.68 -9.04 7.42
N GLY A 78 8.08 -8.76 8.65
CA GLY A 78 9.46 -8.98 9.05
C GLY A 78 10.41 -8.12 8.21
N ILE A 79 10.03 -6.86 8.05
CA ILE A 79 10.83 -5.94 7.27
C ILE A 79 10.87 -4.58 7.98
N ASN A 80 11.94 -3.84 7.72
CA ASN A 80 12.12 -2.54 8.33
C ASN A 80 11.09 -1.56 7.75
N CYS A 81 10.24 -1.04 8.63
CA CYS A 81 9.21 -0.12 8.22
C CYS A 81 9.85 0.93 7.31
N SER A 82 11.14 1.17 7.54
CA SER A 82 11.88 2.14 6.74
C SER A 82 11.79 1.78 5.26
N ALA A 83 11.83 0.48 4.99
CA ALA A 83 11.76 -0.01 3.63
C ALA A 83 10.47 0.50 2.98
N LEU A 84 9.51 0.85 3.84
CA LEU A 84 8.23 1.35 3.36
C LEU A 84 8.28 2.87 3.30
N LEU A 85 9.46 3.42 3.55
CA LEU A 85 9.64 4.86 3.52
C LEU A 85 10.94 5.19 2.79
N GLN A 86 11.24 4.39 1.78
CA GLN A 86 12.45 4.58 1.00
C GLN A 86 12.09 5.00 -0.42
N ASP A 87 13.03 4.75 -1.33
CA ASP A 87 12.82 5.10 -2.73
C ASP A 87 12.12 3.93 -3.44
N ASP A 88 12.77 2.78 -3.41
CA ASP A 88 12.23 1.59 -4.04
C ASP A 88 11.05 1.09 -3.22
N ILE A 89 9.88 1.08 -3.87
CA ILE A 89 8.67 0.62 -3.21
C ILE A 89 8.62 -0.91 -3.24
N THR A 90 9.68 -1.49 -3.79
CA THR A 90 9.77 -2.94 -3.89
C THR A 90 9.26 -3.59 -2.60
N ALA A 91 9.57 -2.94 -1.49
CA ALA A 91 9.15 -3.44 -0.19
C ALA A 91 7.66 -3.20 -0.01
N ALA A 92 7.23 -2.01 -0.39
CA ALA A 92 5.82 -1.64 -0.27
C ALA A 92 4.98 -2.60 -1.11
N ILE A 93 5.53 -2.97 -2.26
CA ILE A 93 4.83 -3.88 -3.15
C ILE A 93 4.88 -5.30 -2.57
N GLN A 94 6.10 -5.73 -2.24
CA GLN A 94 6.30 -7.04 -1.68
C GLN A 94 5.47 -7.22 -0.41
N CYS A 95 5.53 -6.20 0.44
CA CYS A 95 4.79 -6.22 1.69
C CYS A 95 3.30 -6.13 1.37
N ALA A 96 2.97 -5.21 0.47
CA ALA A 96 1.60 -5.01 0.07
C ALA A 96 0.97 -6.36 -0.28
N LYS A 97 1.67 -7.10 -1.14
CA LYS A 97 1.20 -8.40 -1.57
C LYS A 97 1.29 -9.38 -0.39
N ARG A 98 2.39 -9.26 0.34
CA ARG A 98 2.62 -10.12 1.49
C ARG A 98 1.54 -9.90 2.55
N VAL A 99 0.92 -8.73 2.47
CA VAL A 99 -0.13 -8.38 3.42
C VAL A 99 -1.47 -8.86 2.88
N VAL A 100 -1.80 -8.38 1.69
CA VAL A 100 -3.05 -8.74 1.05
C VAL A 100 -3.11 -10.26 0.88
N ARG A 101 -1.92 -10.87 0.82
CA ARG A 101 -1.82 -12.31 0.65
C ARG A 101 -2.50 -13.02 1.82
N ASP A 102 -2.80 -12.25 2.85
CA ASP A 102 -3.46 -12.80 4.03
C ASP A 102 -4.82 -13.37 3.64
N PRO A 103 -5.44 -14.10 4.60
CA PRO A 103 -6.74 -14.70 4.36
C PRO A 103 -7.85 -13.64 4.41
N GLN A 104 -7.62 -12.57 3.67
CA GLN A 104 -8.58 -11.48 3.62
C GLN A 104 -8.68 -10.93 2.20
N GLY A 105 -7.80 -9.98 1.91
CA GLY A 105 -7.77 -9.36 0.60
C GLY A 105 -7.84 -7.83 0.71
N ILE A 106 -7.58 -7.19 -0.41
CA ILE A 106 -7.59 -5.73 -0.45
C ILE A 106 -8.77 -5.21 0.38
N ARG A 107 -9.81 -6.03 0.45
CA ARG A 107 -11.00 -5.68 1.21
C ARG A 107 -10.61 -4.86 2.44
N ALA A 108 -9.48 -5.22 3.03
CA ALA A 108 -8.99 -4.53 4.21
C ALA A 108 -9.23 -3.03 4.05
N TRP A 109 -9.05 -2.56 2.81
CA TRP A 109 -9.24 -1.15 2.51
C TRP A 109 -10.66 -0.97 1.97
N VAL A 110 -11.62 -1.22 2.85
CA VAL A 110 -13.02 -1.09 2.47
C VAL A 110 -13.20 0.15 1.60
N ALA A 111 -12.34 1.13 1.84
CA ALA A 111 -12.39 2.37 1.09
C ALA A 111 -12.54 2.05 -0.40
N TRP A 112 -11.68 1.15 -0.87
CA TRP A 112 -11.72 0.75 -2.27
C TRP A 112 -13.12 0.21 -2.58
N ARG A 113 -13.67 -0.51 -1.61
CA ARG A 113 -14.99 -1.09 -1.76
C ARG A 113 -16.03 0.02 -1.94
N ALA A 114 -15.62 1.23 -1.62
CA ALA A 114 -16.50 2.38 -1.74
C ALA A 114 -15.82 3.46 -2.59
N HIS A 115 -15.01 2.99 -3.53
CA HIS A 115 -14.29 3.89 -4.41
C HIS A 115 -14.13 3.26 -5.79
N CYS A 116 -13.73 1.99 -5.78
CA CYS A 116 -13.54 1.26 -7.02
C CYS A 116 -14.87 0.60 -7.39
N GLN A 117 -15.41 -0.15 -6.44
CA GLN A 117 -16.67 -0.84 -6.65
C GLN A 117 -17.83 0.17 -6.69
N ASN A 118 -17.71 1.12 -7.61
CA ASN A 118 -18.73 2.14 -7.76
C ASN A 118 -18.83 2.55 -9.23
N ARG A 119 -17.71 3.06 -9.75
CA ARG A 119 -17.66 3.48 -11.13
C ARG A 119 -16.44 2.87 -11.83
N ASP A 120 -16.18 3.37 -13.03
CA ASP A 120 -15.05 2.89 -13.80
C ASP A 120 -13.84 3.78 -13.55
N LEU A 121 -12.95 3.28 -12.70
CA LEU A 121 -11.75 4.02 -12.36
C LEU A 121 -10.59 3.54 -13.24
N SER A 122 -10.95 2.83 -14.30
CA SER A 122 -9.96 2.31 -15.23
C SER A 122 -9.37 3.46 -16.06
N GLN A 123 -10.15 4.51 -16.18
CA GLN A 123 -9.72 5.68 -16.95
C GLN A 123 -8.60 6.40 -16.21
N TYR A 124 -8.41 6.04 -14.95
CA TYR A 124 -7.39 6.64 -14.13
C TYR A 124 -6.01 6.07 -14.48
N ILE A 125 -6.01 4.82 -14.89
CA ILE A 125 -4.77 4.14 -15.25
C ILE A 125 -4.50 4.37 -16.73
N ARG A 126 -5.55 4.28 -17.52
CA ARG A 126 -5.43 4.46 -18.96
C ARG A 126 -5.19 5.94 -19.29
N ASN A 127 -3.94 6.26 -19.56
CA ASN A 127 -3.56 7.62 -19.89
C ASN A 127 -2.06 7.80 -19.68
N CYS A 128 -1.51 6.98 -18.80
CA CYS A 128 -0.09 7.03 -18.50
C CYS A 128 0.67 6.47 -19.71
N GLY A 129 -0.02 5.62 -20.46
CA GLY A 129 0.59 5.01 -21.64
C GLY A 129 0.84 3.52 -21.42
N VAL A 130 -0.03 2.92 -20.61
CA VAL A 130 0.08 1.50 -20.31
C VAL A 130 -0.75 0.71 -21.32
N LYS A 1 8.42 9.09 -0.86
CA LYS A 1 8.67 9.57 -2.21
C LYS A 1 7.35 10.04 -2.83
N VAL A 2 7.47 10.67 -3.99
CA VAL A 2 6.29 11.17 -4.69
C VAL A 2 5.99 10.25 -5.87
N TYR A 3 4.70 9.93 -6.00
CA TYR A 3 4.26 9.07 -7.09
C TYR A 3 2.82 9.37 -7.47
N GLU A 4 2.57 9.35 -8.77
CA GLU A 4 1.24 9.62 -9.29
C GLU A 4 0.63 8.36 -9.89
N ARG A 5 -0.68 8.37 -10.03
CA ARG A 5 -1.40 7.24 -10.59
C ARG A 5 -0.56 6.58 -11.69
N CYS A 6 -0.24 7.36 -12.70
CA CYS A 6 0.55 6.87 -13.81
C CYS A 6 1.79 6.18 -13.25
N GLU A 7 2.76 6.99 -12.85
CA GLU A 7 3.99 6.47 -12.29
C GLU A 7 3.74 5.15 -11.56
N PHE A 8 2.99 5.26 -10.48
CA PHE A 8 2.67 4.08 -9.69
C PHE A 8 2.25 2.91 -10.58
N ALA A 9 1.27 3.18 -11.43
CA ALA A 9 0.77 2.17 -12.34
C ALA A 9 1.95 1.54 -13.10
N ARG A 10 2.77 2.41 -13.68
CA ARG A 10 3.92 1.95 -14.43
C ARG A 10 4.79 1.04 -13.56
N THR A 11 5.25 1.60 -12.44
CA THR A 11 6.09 0.85 -11.53
C THR A 11 5.42 -0.49 -11.17
N LEU A 12 4.19 -0.38 -10.67
CA LEU A 12 3.44 -1.56 -10.28
C LEU A 12 3.55 -2.61 -11.40
N LYS A 13 3.19 -2.19 -12.60
CA LYS A 13 3.24 -3.08 -13.75
C LYS A 13 4.69 -3.49 -14.02
N ARG A 14 5.59 -2.61 -13.62
CA ARG A 14 7.01 -2.86 -13.81
C ARG A 14 7.53 -3.81 -12.75
N ASN A 15 6.81 -3.87 -11.64
CA ASN A 15 7.18 -4.74 -10.54
C ASN A 15 6.54 -6.12 -10.74
N GLY A 16 5.29 -6.09 -11.20
CA GLY A 16 4.55 -7.32 -11.44
C GLY A 16 3.37 -7.44 -10.49
N MET A 17 2.72 -6.31 -10.24
CA MET A 17 1.57 -6.28 -9.35
C MET A 17 0.33 -5.78 -10.09
N ALA A 18 0.55 -4.84 -11.00
CA ALA A 18 -0.53 -4.27 -11.78
C ALA A 18 -1.35 -5.41 -12.41
N GLY A 19 -2.49 -5.69 -11.80
CA GLY A 19 -3.37 -6.74 -12.31
C GLY A 19 -3.03 -8.08 -11.65
N TYR A 20 -2.63 -8.01 -10.39
CA TYR A 20 -2.28 -9.21 -9.65
C TYR A 20 -3.34 -10.31 -9.82
N TYR A 21 -3.07 -11.46 -9.23
CA TYR A 21 -3.98 -12.57 -9.31
C TYR A 21 -5.43 -12.09 -9.35
N GLY A 22 -5.81 -11.39 -8.29
CA GLY A 22 -7.17 -10.87 -8.19
C GLY A 22 -7.18 -9.35 -8.31
N VAL A 23 -6.55 -8.70 -7.34
CA VAL A 23 -6.48 -7.25 -7.32
C VAL A 23 -6.12 -6.75 -8.72
N SER A 24 -6.96 -5.85 -9.22
CA SER A 24 -6.75 -5.28 -10.54
C SER A 24 -5.91 -4.01 -10.43
N LEU A 25 -5.05 -3.82 -11.42
CA LEU A 25 -4.18 -2.66 -11.45
C LEU A 25 -5.00 -1.41 -11.12
N ALA A 26 -6.18 -1.33 -11.72
CA ALA A 26 -7.06 -0.20 -11.50
C ALA A 26 -7.39 -0.12 -10.01
N ASP A 27 -7.68 -1.27 -9.42
CA ASP A 27 -8.01 -1.33 -8.01
C ASP A 27 -6.80 -0.90 -7.18
N TRP A 28 -5.62 -1.30 -7.66
CA TRP A 28 -4.39 -0.96 -6.97
C TRP A 28 -4.23 0.56 -7.01
N VAL A 29 -4.17 1.09 -8.22
CA VAL A 29 -4.01 2.52 -8.40
C VAL A 29 -5.10 3.25 -7.60
N CYS A 30 -6.34 2.96 -7.94
CA CYS A 30 -7.47 3.58 -7.28
C CYS A 30 -7.26 3.45 -5.77
N LEU A 31 -6.86 2.26 -5.35
CA LEU A 31 -6.62 1.99 -3.94
C LEU A 31 -5.55 2.96 -3.42
N ALA A 32 -4.34 2.80 -3.94
CA ALA A 32 -3.24 3.65 -3.55
C ALA A 32 -3.65 5.12 -3.67
N GLN A 33 -4.58 5.36 -4.58
CA GLN A 33 -5.08 6.70 -4.81
C GLN A 33 -5.88 7.19 -3.59
N HIS A 34 -6.85 6.37 -3.21
CA HIS A 34 -7.69 6.70 -2.07
C HIS A 34 -6.91 6.53 -0.77
N GLU A 35 -5.84 5.75 -0.87
CA GLU A 35 -4.99 5.50 0.28
C GLU A 35 -4.15 6.73 0.61
N SER A 36 -3.31 7.12 -0.35
CA SER A 36 -2.46 8.28 -0.17
C SER A 36 -2.11 8.88 -1.53
N ASN A 37 -1.27 8.16 -2.26
CA ASN A 37 -0.84 8.61 -3.57
C ASN A 37 0.09 9.81 -3.42
N TYR A 38 0.70 10.20 -4.53
CA TYR A 38 1.62 11.33 -4.54
C TYR A 38 2.81 11.06 -3.60
N ASN A 39 2.89 11.88 -2.57
CA ASN A 39 3.97 11.75 -1.60
C ASN A 39 3.56 10.75 -0.52
N THR A 40 4.47 9.82 -0.25
CA THR A 40 4.21 8.80 0.75
C THR A 40 4.53 9.34 2.15
N ARG A 41 3.80 10.39 2.52
CA ARG A 41 3.98 11.00 3.82
C ARG A 41 3.02 10.39 4.85
N ALA A 42 2.16 9.52 4.34
CA ALA A 42 1.18 8.85 5.19
C ALA A 42 1.91 8.25 6.40
N THR A 43 1.93 9.02 7.47
CA THR A 43 2.58 8.58 8.71
C THR A 43 1.75 8.99 9.92
N ASN A 44 1.61 8.05 10.84
CA ASN A 44 0.84 8.30 12.06
C ASN A 44 1.40 7.44 13.19
N TYR A 45 2.23 8.07 14.01
CA TYR A 45 2.84 7.37 15.14
C TYR A 45 1.95 7.45 16.39
N ASN A 46 2.02 6.42 17.20
CA ASN A 46 1.24 6.37 18.42
C ASN A 46 1.85 5.34 19.37
N ARG A 47 2.59 5.84 20.36
CA ARG A 47 3.23 4.98 21.33
C ARG A 47 2.20 4.51 22.36
N GLY A 48 1.21 5.35 22.61
CA GLY A 48 0.18 5.03 23.57
C GLY A 48 -0.16 3.54 23.54
N ASP A 49 -0.05 2.97 22.35
CA ASP A 49 -0.34 1.55 22.16
C ASP A 49 0.75 0.93 21.30
N GLN A 50 1.95 1.43 21.45
CA GLN A 50 3.09 0.93 20.68
C GLN A 50 2.63 0.53 19.28
N SER A 51 1.95 1.46 18.62
CA SER A 51 1.45 1.21 17.27
C SER A 51 1.66 2.45 16.41
N THR A 52 1.90 2.21 15.13
CA THR A 52 2.11 3.30 14.20
C THR A 52 1.41 3.00 12.86
N ASP A 53 0.69 4.00 12.36
CA ASP A 53 -0.02 3.85 11.12
C ASP A 53 0.64 4.73 10.05
N TYR A 54 1.42 4.08 9.20
CA TYR A 54 2.12 4.80 8.13
C TYR A 54 2.39 3.87 6.96
N GLY A 55 2.76 4.48 5.83
CA GLY A 55 3.06 3.72 4.63
C GLY A 55 2.24 4.23 3.44
N ILE A 56 2.72 3.93 2.25
CA ILE A 56 2.05 4.35 1.03
C ILE A 56 0.58 3.93 1.10
N PHE A 57 0.36 2.76 1.70
CA PHE A 57 -0.99 2.24 1.83
C PHE A 57 -1.46 2.29 3.29
N GLN A 58 -0.87 3.23 4.03
CA GLN A 58 -1.23 3.39 5.43
C GLN A 58 -1.35 2.02 6.11
N ILE A 59 -0.23 1.55 6.63
CA ILE A 59 -0.19 0.26 7.30
C ILE A 59 0.21 0.48 8.77
N ASN A 60 -0.26 -0.44 9.61
CA ASN A 60 0.05 -0.36 11.03
C ASN A 60 1.35 -1.12 11.31
N SER A 61 2.21 -0.47 12.09
CA SER A 61 3.50 -1.06 12.42
C SER A 61 3.37 -1.86 13.72
N ARG A 62 2.14 -1.97 14.19
CA ARG A 62 1.87 -2.72 15.42
C ARG A 62 1.62 -4.19 15.09
N TYR A 63 1.39 -4.46 13.82
CA TYR A 63 1.12 -5.82 13.38
C TYR A 63 2.04 -6.19 12.21
N TRP A 64 2.23 -5.22 11.31
CA TRP A 64 3.07 -5.44 10.15
C TRP A 64 4.37 -4.68 10.36
N CYS A 65 5.41 -5.10 9.64
CA CYS A 65 6.70 -4.47 9.74
C CYS A 65 7.18 -4.58 11.20
N ASN A 66 8.49 -4.47 11.37
CA ASN A 66 9.08 -4.55 12.69
C ASN A 66 10.13 -3.45 12.84
N ASP A 67 10.86 -3.53 13.94
CA ASP A 67 11.90 -2.56 14.22
C ASP A 67 13.19 -3.28 14.61
N GLY A 68 13.04 -4.25 15.50
CA GLY A 68 14.17 -5.03 15.96
C GLY A 68 14.63 -4.55 17.34
N LYS A 69 13.97 -3.51 17.82
CA LYS A 69 14.29 -2.95 19.13
C LYS A 69 13.07 -3.03 20.04
N THR A 70 11.99 -3.54 19.48
CA THR A 70 10.75 -3.68 20.22
C THR A 70 10.21 -5.11 20.12
N PRO A 71 10.65 -5.96 21.09
CA PRO A 71 10.23 -7.34 21.13
C PRO A 71 8.79 -7.46 21.62
N ARG A 72 7.90 -6.78 20.93
CA ARG A 72 6.48 -6.80 21.27
C ARG A 72 5.62 -6.97 20.02
N ALA A 73 5.77 -6.01 19.11
CA ALA A 73 5.01 -6.05 17.87
C ALA A 73 5.09 -7.44 17.27
N VAL A 74 4.16 -7.71 16.37
CA VAL A 74 4.11 -9.02 15.71
C VAL A 74 4.27 -8.82 14.20
N ASN A 75 5.41 -8.28 13.81
CA ASN A 75 5.69 -8.03 12.40
C ASN A 75 5.38 -9.30 11.60
N ALA A 76 4.24 -9.29 10.95
CA ALA A 76 3.82 -10.42 10.15
C ALA A 76 4.40 -10.30 8.74
N CYS A 77 4.95 -9.12 8.47
CA CYS A 77 5.55 -8.85 7.17
C CYS A 77 7.02 -9.27 7.22
N GLY A 78 7.64 -9.00 8.36
CA GLY A 78 9.04 -9.35 8.56
C GLY A 78 9.94 -8.47 7.68
N ILE A 79 9.82 -7.17 7.88
CA ILE A 79 10.61 -6.22 7.12
C ILE A 79 10.91 -4.99 7.99
N ASN A 80 11.86 -4.20 7.54
CA ASN A 80 12.26 -3.00 8.26
C ASN A 80 11.18 -1.93 8.08
N CYS A 81 10.62 -1.50 9.20
CA CYS A 81 9.58 -0.48 9.18
C CYS A 81 10.07 0.69 8.32
N SER A 82 11.36 0.97 8.42
CA SER A 82 11.96 2.05 7.66
C SER A 82 11.68 1.86 6.18
N ALA A 83 11.41 0.61 5.81
CA ALA A 83 11.11 0.28 4.43
C ALA A 83 9.83 0.98 4.00
N LEU A 84 9.09 1.47 4.99
CA LEU A 84 7.84 2.16 4.73
C LEU A 84 8.06 3.67 4.84
N LEU A 85 9.34 4.05 4.87
CA LEU A 85 9.70 5.44 4.97
C LEU A 85 10.83 5.75 3.99
N GLN A 86 11.06 4.81 3.09
CA GLN A 86 12.10 4.96 2.09
C GLN A 86 11.51 5.48 0.78
N ASP A 87 12.35 5.47 -0.25
CA ASP A 87 11.92 5.94 -1.56
C ASP A 87 11.22 4.80 -2.30
N ASP A 88 12.00 3.83 -2.72
CA ASP A 88 11.46 2.69 -3.44
C ASP A 88 10.24 2.16 -2.69
N ILE A 89 9.18 1.90 -3.45
CA ILE A 89 7.95 1.40 -2.88
C ILE A 89 7.95 -0.14 -2.94
N THR A 90 9.04 -0.67 -3.47
CA THR A 90 9.19 -2.11 -3.59
C THR A 90 8.76 -2.80 -2.29
N ALA A 91 9.15 -2.20 -1.19
CA ALA A 91 8.81 -2.74 0.12
C ALA A 91 7.30 -2.59 0.35
N ALA A 92 6.77 -1.47 -0.11
CA ALA A 92 5.35 -1.20 0.05
C ALA A 92 4.55 -2.23 -0.72
N ILE A 93 5.06 -2.58 -1.90
CA ILE A 93 4.41 -3.56 -2.75
C ILE A 93 4.54 -4.95 -2.12
N GLN A 94 5.77 -5.29 -1.78
CA GLN A 94 6.04 -6.58 -1.17
C GLN A 94 5.19 -6.77 0.08
N CYS A 95 5.21 -5.76 0.93
CA CYS A 95 4.44 -5.80 2.17
C CYS A 95 2.96 -5.76 1.80
N ALA A 96 2.64 -4.93 0.84
CA ALA A 96 1.26 -4.80 0.38
C ALA A 96 0.68 -6.18 0.09
N LYS A 97 1.44 -6.95 -0.69
CA LYS A 97 1.01 -8.29 -1.05
C LYS A 97 1.07 -9.18 0.19
N ARG A 98 2.16 -9.07 0.91
CA ARG A 98 2.35 -9.86 2.12
C ARG A 98 1.25 -9.56 3.13
N VAL A 99 0.65 -8.39 2.98
CA VAL A 99 -0.42 -7.96 3.86
C VAL A 99 -1.75 -8.52 3.35
N VAL A 100 -2.06 -8.18 2.11
CA VAL A 100 -3.30 -8.63 1.49
C VAL A 100 -3.33 -10.15 1.49
N ARG A 101 -2.15 -10.74 1.54
CA ARG A 101 -2.03 -12.19 1.54
C ARG A 101 -2.80 -12.78 2.72
N ASP A 102 -3.05 -11.92 3.71
CA ASP A 102 -3.78 -12.35 4.90
C ASP A 102 -5.26 -12.56 4.54
N PRO A 103 -6.04 -13.01 5.55
CA PRO A 103 -7.45 -13.25 5.36
C PRO A 103 -8.23 -11.94 5.30
N GLN A 104 -7.50 -10.85 5.42
CA GLN A 104 -8.11 -9.53 5.39
C GLN A 104 -8.67 -9.24 3.99
N GLY A 105 -7.76 -9.22 3.02
CA GLY A 105 -8.14 -8.96 1.65
C GLY A 105 -8.32 -7.47 1.40
N ILE A 106 -8.11 -7.07 0.15
CA ILE A 106 -8.23 -5.68 -0.22
C ILE A 106 -9.44 -5.07 0.48
N ARG A 107 -10.46 -5.89 0.66
CA ARG A 107 -11.68 -5.45 1.33
C ARG A 107 -11.33 -4.56 2.52
N ALA A 108 -10.26 -4.93 3.21
CA ALA A 108 -9.81 -4.17 4.37
C ALA A 108 -9.95 -2.68 4.08
N TRP A 109 -9.67 -2.32 2.83
CA TRP A 109 -9.75 -0.93 2.43
C TRP A 109 -11.13 -0.70 1.79
N VAL A 110 -12.15 -0.89 2.61
CA VAL A 110 -13.52 -0.71 2.15
C VAL A 110 -13.60 0.53 1.26
N ALA A 111 -12.70 1.47 1.54
CA ALA A 111 -12.66 2.71 0.77
C ALA A 111 -12.73 2.38 -0.72
N TRP A 112 -11.86 1.46 -1.14
CA TRP A 112 -11.81 1.05 -2.53
C TRP A 112 -13.20 0.56 -2.93
N ARG A 113 -13.85 -0.09 -1.98
CA ARG A 113 -15.20 -0.62 -2.22
C ARG A 113 -16.19 0.54 -2.38
N ALA A 114 -15.76 1.71 -1.99
CA ALA A 114 -16.60 2.90 -2.08
C ALA A 114 -15.87 3.97 -2.90
N HIS A 115 -15.05 3.51 -3.83
CA HIS A 115 -14.30 4.41 -4.68
C HIS A 115 -14.08 3.76 -6.05
N CYS A 116 -13.70 2.49 -6.01
CA CYS A 116 -13.46 1.75 -7.24
C CYS A 116 -14.78 1.13 -7.70
N GLN A 117 -15.38 0.37 -6.79
CA GLN A 117 -16.65 -0.29 -7.10
C GLN A 117 -17.69 0.74 -7.54
N ASN A 118 -17.41 2.00 -7.23
CA ASN A 118 -18.30 3.08 -7.59
C ASN A 118 -18.51 3.08 -9.10
N ARG A 119 -17.44 3.39 -9.82
CA ARG A 119 -17.49 3.43 -11.27
C ARG A 119 -16.24 2.77 -11.87
N ASP A 120 -15.96 3.13 -13.11
CA ASP A 120 -14.81 2.57 -13.80
C ASP A 120 -13.60 3.48 -13.57
N LEU A 121 -12.69 3.02 -12.72
CA LEU A 121 -11.50 3.78 -12.41
C LEU A 121 -10.34 3.26 -13.26
N SER A 122 -10.69 2.54 -14.31
CA SER A 122 -9.70 1.99 -15.21
C SER A 122 -9.14 3.09 -16.12
N GLN A 123 -9.97 4.09 -16.37
CA GLN A 123 -9.58 5.21 -17.21
C GLN A 123 -8.42 5.96 -16.57
N TYR A 124 -8.16 5.66 -15.31
CA TYR A 124 -7.09 6.30 -14.57
C TYR A 124 -5.73 5.73 -14.99
N ILE A 125 -5.75 4.47 -15.38
CA ILE A 125 -4.53 3.79 -15.81
C ILE A 125 -4.41 3.88 -17.34
N ARG A 126 -5.56 3.81 -17.99
CA ARG A 126 -5.60 3.87 -19.44
C ARG A 126 -5.34 5.31 -19.91
N ASN A 127 -4.31 5.46 -20.72
CA ASN A 127 -3.95 6.76 -21.25
C ASN A 127 -3.19 7.54 -20.18
N CYS A 128 -2.59 6.80 -19.26
CA CYS A 128 -1.82 7.41 -18.19
C CYS A 128 -0.39 7.62 -18.66
N GLY A 129 0.03 6.75 -19.57
CA GLY A 129 1.37 6.82 -20.12
C GLY A 129 2.23 5.66 -19.63
N VAL A 130 1.58 4.51 -19.49
CA VAL A 130 2.28 3.31 -19.03
C VAL A 130 2.85 2.56 -20.23
N LYS A 1 7.54 10.17 0.26
CA LYS A 1 7.97 10.44 -1.09
C LYS A 1 6.75 10.86 -1.93
N VAL A 2 6.95 10.88 -3.24
CA VAL A 2 5.89 11.24 -4.16
C VAL A 2 5.48 10.02 -4.97
N TYR A 3 4.32 9.48 -4.62
CA TYR A 3 3.80 8.31 -5.31
C TYR A 3 2.64 8.69 -6.23
N GLU A 4 2.95 8.80 -7.51
CA GLU A 4 1.95 9.16 -8.51
C GLU A 4 1.37 7.89 -9.13
N ARG A 5 0.12 8.02 -9.59
CA ARG A 5 -0.56 6.90 -10.21
C ARG A 5 0.35 6.21 -11.22
N CYS A 6 0.79 6.99 -12.20
CA CYS A 6 1.67 6.46 -13.23
C CYS A 6 2.77 5.65 -12.55
N GLU A 7 3.75 6.36 -12.03
CA GLU A 7 4.88 5.72 -11.35
C GLU A 7 4.40 4.45 -10.65
N PHE A 8 3.56 4.63 -9.65
CA PHE A 8 3.03 3.50 -8.89
C PHE A 8 2.58 2.39 -9.83
N ALA A 9 1.73 2.76 -10.78
CA ALA A 9 1.22 1.80 -11.75
C ALA A 9 2.39 1.10 -12.44
N ARG A 10 3.29 1.91 -12.97
CA ARG A 10 4.45 1.38 -13.66
C ARG A 10 5.17 0.35 -12.78
N THR A 11 5.69 0.82 -11.66
CA THR A 11 6.40 -0.05 -10.74
C THR A 11 5.60 -1.34 -10.51
N LEU A 12 4.34 -1.16 -10.14
CA LEU A 12 3.46 -2.30 -9.89
C LEU A 12 3.58 -3.29 -11.04
N LYS A 13 3.23 -2.81 -12.23
CA LYS A 13 3.29 -3.63 -13.43
C LYS A 13 4.74 -4.13 -13.62
N ARG A 14 5.67 -3.37 -13.08
CA ARG A 14 7.08 -3.71 -13.19
C ARG A 14 7.46 -4.71 -12.09
N ASN A 15 6.64 -4.75 -11.05
CA ASN A 15 6.88 -5.65 -9.94
C ASN A 15 6.22 -6.99 -10.22
N GLY A 16 5.00 -6.92 -10.75
CA GLY A 16 4.25 -8.11 -11.06
C GLY A 16 2.98 -8.20 -10.21
N MET A 17 2.42 -7.04 -9.90
CA MET A 17 1.22 -6.97 -9.09
C MET A 17 0.06 -6.36 -9.89
N ALA A 18 0.41 -5.40 -10.73
CA ALA A 18 -0.60 -4.73 -11.56
C ALA A 18 -1.41 -5.78 -12.31
N GLY A 19 -2.67 -5.90 -11.92
CA GLY A 19 -3.56 -6.86 -12.55
C GLY A 19 -3.44 -8.24 -11.90
N TYR A 20 -3.19 -8.22 -10.60
CA TYR A 20 -3.04 -9.46 -9.85
C TYR A 20 -4.25 -10.37 -10.07
N TYR A 21 -4.28 -11.45 -9.30
CA TYR A 21 -5.36 -12.41 -9.39
C TYR A 21 -6.69 -11.70 -9.66
N GLY A 22 -6.81 -10.49 -9.14
CA GLY A 22 -8.01 -9.71 -9.32
C GLY A 22 -7.72 -8.21 -9.20
N VAL A 23 -7.27 -7.83 -8.01
CA VAL A 23 -6.95 -6.43 -7.75
C VAL A 23 -6.01 -5.92 -8.84
N SER A 24 -6.55 -5.08 -9.71
CA SER A 24 -5.78 -4.52 -10.79
C SER A 24 -5.15 -3.20 -10.36
N LEU A 25 -4.25 -2.69 -11.20
CA LEU A 25 -3.58 -1.44 -10.91
C LEU A 25 -4.61 -0.37 -10.55
N ALA A 26 -5.80 -0.54 -11.12
CA ALA A 26 -6.89 0.40 -10.86
C ALA A 26 -7.27 0.35 -9.38
N ASP A 27 -7.52 -0.87 -8.91
CA ASP A 27 -7.89 -1.07 -7.52
C ASP A 27 -6.72 -0.68 -6.63
N TRP A 28 -5.53 -0.95 -7.12
CA TRP A 28 -4.31 -0.63 -6.38
C TRP A 28 -4.19 0.89 -6.31
N VAL A 29 -4.08 1.49 -7.49
CA VAL A 29 -3.95 2.94 -7.58
C VAL A 29 -5.12 3.60 -6.84
N CYS A 30 -6.33 3.22 -7.24
CA CYS A 30 -7.52 3.76 -6.63
C CYS A 30 -7.38 3.64 -5.11
N LEU A 31 -7.15 2.41 -4.67
CA LEU A 31 -7.00 2.15 -3.25
C LEU A 31 -6.02 3.16 -2.64
N ALA A 32 -4.91 3.33 -3.34
CA ALA A 32 -3.89 4.26 -2.88
C ALA A 32 -4.44 5.69 -2.93
N GLN A 33 -5.36 5.90 -3.87
CA GLN A 33 -5.97 7.21 -4.03
C GLN A 33 -6.86 7.53 -2.83
N HIS A 34 -7.75 6.60 -2.51
CA HIS A 34 -8.65 6.78 -1.39
C HIS A 34 -7.84 6.97 -0.10
N GLU A 35 -6.63 6.42 -0.12
CA GLU A 35 -5.76 6.51 1.04
C GLU A 35 -5.09 7.89 1.08
N SER A 36 -4.33 8.18 0.02
CA SER A 36 -3.63 9.45 -0.07
C SER A 36 -2.93 9.56 -1.43
N ASN A 37 -2.17 8.52 -1.74
CA ASN A 37 -1.45 8.50 -3.00
C ASN A 37 -0.71 9.82 -3.19
N TYR A 38 -0.10 9.96 -4.37
CA TYR A 38 0.63 11.17 -4.69
C TYR A 38 1.81 11.37 -3.74
N ASN A 39 1.49 11.45 -2.45
CA ASN A 39 2.51 11.63 -1.44
C ASN A 39 2.43 10.48 -0.42
N THR A 40 3.59 10.06 0.04
CA THR A 40 3.66 8.98 1.01
C THR A 40 3.90 9.54 2.42
N ARG A 41 3.69 10.83 2.55
CA ARG A 41 3.88 11.50 3.82
C ARG A 41 2.96 10.90 4.88
N ALA A 42 1.98 10.14 4.41
CA ALA A 42 1.03 9.50 5.30
C ALA A 42 1.78 8.83 6.45
N THR A 43 1.88 9.54 7.57
CA THR A 43 2.56 9.02 8.73
C THR A 43 1.82 9.41 10.01
N ASN A 44 1.65 8.43 10.88
CA ASN A 44 0.96 8.66 12.14
C ASN A 44 1.51 7.70 13.20
N TYR A 45 2.44 8.21 13.99
CA TYR A 45 3.05 7.42 15.04
C TYR A 45 2.26 7.53 16.35
N ASN A 46 2.45 6.54 17.21
CA ASN A 46 1.76 6.52 18.49
C ASN A 46 2.48 5.55 19.43
N ARG A 47 3.22 6.12 20.36
CA ARG A 47 3.96 5.32 21.33
C ARG A 47 3.00 4.74 22.37
N GLY A 48 1.93 5.48 22.64
CA GLY A 48 0.95 5.05 23.61
C GLY A 48 0.79 3.53 23.60
N ASP A 49 0.88 2.97 22.40
CA ASP A 49 0.75 1.54 22.23
C ASP A 49 1.74 1.05 21.17
N GLN A 50 2.88 1.74 21.12
CA GLN A 50 3.91 1.38 20.16
C GLN A 50 3.28 0.93 18.85
N SER A 51 2.54 1.83 18.23
CA SER A 51 1.87 1.52 16.97
C SER A 51 1.93 2.73 16.04
N THR A 52 2.69 2.58 14.97
CA THR A 52 2.83 3.65 14.00
C THR A 52 2.11 3.30 12.70
N ASP A 53 1.30 4.23 12.24
CA ASP A 53 0.54 4.04 11.01
C ASP A 53 1.05 5.01 9.95
N TYR A 54 1.66 4.44 8.91
CA TYR A 54 2.19 5.25 7.83
C TYR A 54 2.22 4.44 6.52
N GLY A 55 2.48 5.15 5.44
CA GLY A 55 2.53 4.53 4.12
C GLY A 55 1.38 5.01 3.23
N ILE A 56 1.64 4.99 1.94
CA ILE A 56 0.64 5.43 0.98
C ILE A 56 -0.66 4.66 1.20
N PHE A 57 -0.50 3.41 1.63
CA PHE A 57 -1.66 2.57 1.90
C PHE A 57 -2.02 2.60 3.38
N GLN A 58 -1.40 3.52 4.10
CA GLN A 58 -1.66 3.67 5.52
C GLN A 58 -1.62 2.30 6.22
N ILE A 59 -0.42 1.89 6.57
CA ILE A 59 -0.23 0.60 7.23
C ILE A 59 0.26 0.84 8.66
N ASN A 60 -0.13 -0.05 9.55
CA ASN A 60 0.25 0.05 10.94
C ASN A 60 1.55 -0.75 11.16
N SER A 61 2.44 -0.16 11.96
CA SER A 61 3.70 -0.80 12.26
C SER A 61 3.59 -1.63 13.53
N ARG A 62 2.38 -1.66 14.08
CA ARG A 62 2.12 -2.41 15.29
C ARG A 62 1.76 -3.86 14.94
N TYR A 63 1.44 -4.07 13.68
CA TYR A 63 1.08 -5.40 13.22
C TYR A 63 2.01 -5.86 12.09
N TRP A 64 2.44 -4.90 11.29
CA TRP A 64 3.32 -5.18 10.18
C TRP A 64 4.63 -4.40 10.40
N CYS A 65 5.63 -4.76 9.61
CA CYS A 65 6.92 -4.11 9.70
C CYS A 65 7.46 -4.30 11.12
N ASN A 66 8.78 -4.21 11.24
CA ASN A 66 9.42 -4.37 12.54
C ASN A 66 10.61 -3.41 12.63
N ASP A 67 11.47 -3.68 13.60
CA ASP A 67 12.65 -2.85 13.81
C ASP A 67 13.81 -3.74 14.26
N GLY A 68 13.57 -4.48 15.33
CA GLY A 68 14.58 -5.36 15.87
C GLY A 68 15.04 -4.88 17.26
N LYS A 69 14.45 -3.77 17.69
CA LYS A 69 14.80 -3.20 18.98
C LYS A 69 13.57 -3.25 19.89
N THR A 70 12.46 -3.66 19.31
CA THR A 70 11.21 -3.76 20.07
C THR A 70 10.64 -5.17 19.96
N PRO A 71 10.97 -6.00 20.99
CA PRO A 71 10.48 -7.38 21.03
C PRO A 71 9.01 -7.43 21.41
N ARG A 72 8.20 -6.73 20.62
CA ARG A 72 6.77 -6.70 20.87
C ARG A 72 6.01 -6.74 19.54
N ALA A 73 6.17 -5.68 18.76
CA ALA A 73 5.51 -5.59 17.47
C ALA A 73 5.53 -6.96 16.79
N VAL A 74 4.38 -7.33 16.24
CA VAL A 74 4.28 -8.61 15.56
C VAL A 74 4.40 -8.39 14.05
N ASN A 75 5.57 -7.90 13.66
CA ASN A 75 5.85 -7.64 12.26
C ASN A 75 5.45 -8.86 11.43
N ALA A 76 4.22 -8.82 10.92
CA ALA A 76 3.70 -9.91 10.12
C ALA A 76 4.21 -9.77 8.69
N CYS A 77 4.80 -8.61 8.41
CA CYS A 77 5.33 -8.33 7.09
C CYS A 77 6.79 -8.80 7.05
N GLY A 78 7.49 -8.55 8.15
CA GLY A 78 8.88 -8.94 8.25
C GLY A 78 9.76 -8.10 7.32
N ILE A 79 9.70 -6.79 7.54
CA ILE A 79 10.49 -5.86 6.75
C ILE A 79 10.86 -4.64 7.59
N ASN A 80 11.73 -3.82 7.03
CA ASN A 80 12.18 -2.63 7.73
C ASN A 80 11.08 -1.56 7.65
N CYS A 81 10.66 -1.12 8.83
CA CYS A 81 9.62 -0.11 8.92
C CYS A 81 10.01 1.07 8.03
N SER A 82 11.31 1.36 8.02
CA SER A 82 11.83 2.45 7.21
C SER A 82 11.51 2.22 5.74
N ALA A 83 11.36 0.95 5.40
CA ALA A 83 11.05 0.58 4.02
C ALA A 83 9.72 1.21 3.61
N LEU A 84 8.97 1.62 4.62
CA LEU A 84 7.68 2.24 4.38
C LEU A 84 7.83 3.76 4.46
N LEU A 85 9.07 4.21 4.39
CA LEU A 85 9.35 5.63 4.45
C LEU A 85 10.42 5.98 3.41
N GLN A 86 10.53 5.11 2.41
CA GLN A 86 11.50 5.32 1.35
C GLN A 86 10.80 5.81 0.07
N ASP A 87 11.54 5.76 -1.02
CA ASP A 87 11.00 6.20 -2.30
C ASP A 87 10.36 5.00 -3.01
N ASP A 88 11.21 4.14 -3.53
CA ASP A 88 10.73 2.95 -4.24
C ASP A 88 9.55 2.35 -3.48
N ILE A 89 8.44 2.23 -4.18
CA ILE A 89 7.24 1.67 -3.58
C ILE A 89 7.34 0.15 -3.54
N THR A 90 8.44 -0.35 -4.09
CA THR A 90 8.69 -1.77 -4.13
C THR A 90 8.35 -2.41 -2.77
N ALA A 91 8.66 -1.65 -1.72
CA ALA A 91 8.40 -2.12 -0.37
C ALA A 91 6.89 -2.07 -0.09
N ALA A 92 6.27 -1.02 -0.60
CA ALA A 92 4.83 -0.85 -0.42
C ALA A 92 4.09 -2.00 -1.11
N ILE A 93 4.61 -2.38 -2.26
CA ILE A 93 4.00 -3.46 -3.03
C ILE A 93 4.30 -4.80 -2.34
N GLN A 94 5.58 -5.01 -2.06
CA GLN A 94 6.02 -6.23 -1.40
C GLN A 94 5.20 -6.47 -0.13
N CYS A 95 5.06 -5.40 0.66
CA CYS A 95 4.32 -5.49 1.91
C CYS A 95 2.84 -5.62 1.56
N ALA A 96 2.39 -4.75 0.67
CA ALA A 96 0.99 -4.76 0.24
C ALA A 96 0.57 -6.20 -0.09
N LYS A 97 1.46 -6.87 -0.81
CA LYS A 97 1.20 -8.25 -1.20
C LYS A 97 1.39 -9.17 0.01
N ARG A 98 2.43 -8.88 0.77
CA ARG A 98 2.74 -9.67 1.95
C ARG A 98 1.59 -9.57 2.96
N VAL A 99 0.83 -8.50 2.84
CA VAL A 99 -0.29 -8.28 3.74
C VAL A 99 -1.56 -8.90 3.13
N VAL A 100 -1.87 -8.45 1.93
CA VAL A 100 -3.04 -8.95 1.22
C VAL A 100 -2.94 -10.47 1.10
N ARG A 101 -1.71 -10.96 1.12
CA ARG A 101 -1.47 -12.38 1.01
C ARG A 101 -2.29 -13.15 2.05
N ASP A 102 -2.72 -12.42 3.07
CA ASP A 102 -3.51 -13.01 4.14
C ASP A 102 -4.93 -13.26 3.63
N PRO A 103 -5.76 -13.86 4.52
CA PRO A 103 -7.14 -14.15 4.17
C PRO A 103 -8.00 -12.88 4.18
N GLN A 104 -7.34 -11.77 4.45
CA GLN A 104 -8.02 -10.48 4.49
C GLN A 104 -8.41 -10.04 3.07
N GLY A 105 -7.39 -9.81 2.26
CA GLY A 105 -7.61 -9.39 0.89
C GLY A 105 -7.79 -7.87 0.81
N ILE A 106 -7.56 -7.34 -0.39
CA ILE A 106 -7.70 -5.91 -0.61
C ILE A 106 -9.02 -5.43 -0.02
N ARG A 107 -9.96 -6.36 0.11
CA ARG A 107 -11.27 -6.04 0.66
C ARG A 107 -11.11 -5.13 1.88
N ALA A 108 -10.02 -5.35 2.61
CA ALA A 108 -9.75 -4.56 3.79
C ALA A 108 -9.96 -3.08 3.48
N TRP A 109 -9.66 -2.73 2.24
CA TRP A 109 -9.80 -1.35 1.80
C TRP A 109 -11.15 -1.22 1.09
N VAL A 110 -12.17 -1.76 1.74
CA VAL A 110 -13.52 -1.71 1.19
C VAL A 110 -13.76 -0.34 0.56
N ALA A 111 -13.06 0.65 1.09
CA ALA A 111 -13.19 2.02 0.58
C ALA A 111 -13.23 1.98 -0.94
N TRP A 112 -12.25 1.30 -1.52
CA TRP A 112 -12.18 1.19 -2.97
C TRP A 112 -13.48 0.56 -3.47
N ARG A 113 -13.93 -0.46 -2.74
CA ARG A 113 -15.16 -1.15 -3.10
C ARG A 113 -16.36 -0.24 -2.89
N ALA A 114 -16.10 0.91 -2.27
CA ALA A 114 -17.14 1.88 -1.99
C ALA A 114 -16.71 3.25 -2.50
N HIS A 115 -15.95 3.24 -3.58
CA HIS A 115 -15.45 4.47 -4.18
C HIS A 115 -15.21 4.26 -5.67
N CYS A 116 -14.47 3.20 -5.98
CA CYS A 116 -14.16 2.88 -7.36
C CYS A 116 -15.27 1.98 -7.91
N GLN A 117 -15.61 0.97 -7.12
CA GLN A 117 -16.65 0.04 -7.51
C GLN A 117 -17.97 0.77 -7.74
N ASN A 118 -17.95 1.68 -8.70
CA ASN A 118 -19.14 2.45 -9.03
C ASN A 118 -19.05 2.93 -10.48
N ARG A 119 -17.87 3.41 -10.84
CA ARG A 119 -17.65 3.90 -12.19
C ARG A 119 -16.40 3.24 -12.78
N ASP A 120 -15.97 3.77 -13.93
CA ASP A 120 -14.80 3.25 -14.61
C ASP A 120 -13.59 4.11 -14.26
N LEU A 121 -12.78 3.59 -13.34
CA LEU A 121 -11.60 4.30 -12.91
C LEU A 121 -10.38 3.75 -13.66
N SER A 122 -10.66 3.07 -14.75
CA SER A 122 -9.60 2.49 -15.58
C SER A 122 -8.86 3.59 -16.33
N GLN A 123 -9.50 4.75 -16.41
CA GLN A 123 -8.92 5.89 -17.10
C GLN A 123 -7.85 6.54 -16.23
N TYR A 124 -7.80 6.11 -14.97
CA TYR A 124 -6.84 6.65 -14.03
C TYR A 124 -5.45 6.08 -14.29
N ILE A 125 -5.43 4.86 -14.81
CA ILE A 125 -4.16 4.19 -15.11
C ILE A 125 -3.87 4.35 -16.61
N ARG A 126 -4.91 4.15 -17.41
CA ARG A 126 -4.76 4.26 -18.86
C ARG A 126 -4.32 5.67 -19.23
N ASN A 127 -3.05 5.78 -19.59
CA ASN A 127 -2.48 7.05 -19.99
C ASN A 127 -0.96 6.98 -19.92
N CYS A 128 -0.48 6.11 -19.05
CA CYS A 128 0.95 5.92 -18.88
C CYS A 128 1.49 5.18 -20.11
N GLY A 129 0.60 4.44 -20.75
CA GLY A 129 0.98 3.68 -21.93
C GLY A 129 0.96 2.18 -21.65
N VAL A 130 0.08 1.79 -20.75
CA VAL A 130 -0.04 0.39 -20.38
C VAL A 130 -1.07 -0.29 -21.30
N LYS A 1 9.07 7.14 -1.94
CA LYS A 1 9.20 8.59 -1.84
C LYS A 1 7.97 9.26 -2.45
N VAL A 2 7.99 9.36 -3.78
CA VAL A 2 6.89 9.99 -4.49
C VAL A 2 6.43 9.06 -5.61
N TYR A 3 5.12 8.88 -5.70
CA TYR A 3 4.55 8.02 -6.73
C TYR A 3 3.07 8.35 -6.95
N GLU A 4 2.77 8.81 -8.16
CA GLU A 4 1.41 9.17 -8.52
C GLU A 4 0.73 8.00 -9.25
N ARG A 5 -0.57 8.14 -9.44
CA ARG A 5 -1.34 7.12 -10.11
C ARG A 5 -0.51 6.46 -11.21
N CYS A 6 -0.05 7.28 -12.14
CA CYS A 6 0.76 6.80 -13.24
C CYS A 6 1.91 5.98 -12.66
N GLU A 7 2.91 6.68 -12.17
CA GLU A 7 4.08 6.03 -11.60
C GLU A 7 3.68 4.71 -10.93
N PHE A 8 2.89 4.85 -9.87
CA PHE A 8 2.42 3.69 -9.13
C PHE A 8 2.01 2.56 -10.09
N ALA A 9 1.11 2.90 -11.00
CA ALA A 9 0.63 1.93 -11.97
C ALA A 9 1.83 1.31 -12.70
N ARG A 10 2.66 2.17 -13.25
CA ARG A 10 3.85 1.72 -13.96
C ARG A 10 4.64 0.73 -13.10
N THR A 11 5.03 1.20 -11.93
CA THR A 11 5.79 0.37 -11.01
C THR A 11 5.06 -0.95 -10.74
N LEU A 12 3.80 -0.81 -10.33
CA LEU A 12 2.99 -1.98 -10.03
C LEU A 12 3.13 -2.99 -11.17
N LYS A 13 2.92 -2.51 -12.38
CA LYS A 13 3.02 -3.37 -13.56
C LYS A 13 4.48 -3.81 -13.73
N ARG A 14 5.38 -2.95 -13.30
CA ARG A 14 6.80 -3.24 -13.40
C ARG A 14 7.21 -4.29 -12.36
N ASN A 15 6.43 -4.35 -11.29
CA ASN A 15 6.69 -5.30 -10.23
C ASN A 15 5.96 -6.61 -10.53
N GLY A 16 4.75 -6.48 -11.04
CA GLY A 16 3.94 -7.64 -11.38
C GLY A 16 2.71 -7.72 -10.48
N MET A 17 2.05 -6.58 -10.30
CA MET A 17 0.86 -6.52 -9.47
C MET A 17 -0.32 -5.94 -10.25
N ALA A 18 -0.01 -4.94 -11.07
CA ALA A 18 -1.04 -4.28 -11.86
C ALA A 18 -1.84 -5.35 -12.61
N GLY A 19 -3.10 -5.51 -12.18
CA GLY A 19 -3.98 -6.49 -12.80
C GLY A 19 -3.70 -7.89 -12.26
N TYR A 20 -3.34 -7.95 -10.98
CA TYR A 20 -3.05 -9.22 -10.34
C TYR A 20 -4.17 -10.23 -10.59
N TYR A 21 -4.02 -11.39 -9.97
CA TYR A 21 -5.01 -12.45 -10.11
C TYR A 21 -6.42 -11.87 -10.24
N GLY A 22 -6.73 -10.96 -9.32
CA GLY A 22 -8.04 -10.33 -9.31
C GLY A 22 -7.92 -8.81 -9.29
N VAL A 23 -7.30 -8.32 -8.22
CA VAL A 23 -7.11 -6.88 -8.05
C VAL A 23 -6.70 -6.28 -9.40
N SER A 24 -7.44 -5.25 -9.80
CA SER A 24 -7.16 -4.57 -11.05
C SER A 24 -6.17 -3.42 -10.82
N LEU A 25 -5.45 -3.09 -11.89
CA LEU A 25 -4.47 -2.02 -11.81
C LEU A 25 -5.17 -0.72 -11.44
N ALA A 26 -6.30 -0.47 -12.09
CA ALA A 26 -7.07 0.73 -11.84
C ALA A 26 -7.43 0.79 -10.36
N ASP A 27 -7.88 -0.35 -9.84
CA ASP A 27 -8.26 -0.44 -8.44
C ASP A 27 -7.01 -0.30 -7.57
N TRP A 28 -5.90 -0.81 -8.09
CA TRP A 28 -4.65 -0.75 -7.37
C TRP A 28 -4.30 0.72 -7.14
N VAL A 29 -4.25 1.46 -8.25
CA VAL A 29 -3.94 2.88 -8.18
C VAL A 29 -4.97 3.59 -7.31
N CYS A 30 -6.23 3.39 -7.66
CA CYS A 30 -7.32 4.00 -6.91
C CYS A 30 -7.15 3.65 -5.43
N LEU A 31 -6.91 2.38 -5.18
CA LEU A 31 -6.73 1.91 -3.82
C LEU A 31 -5.63 2.73 -3.14
N ALA A 32 -4.49 2.80 -3.82
CA ALA A 32 -3.36 3.55 -3.30
C ALA A 32 -3.72 5.03 -3.22
N GLN A 33 -4.66 5.43 -4.06
CA GLN A 33 -5.11 6.81 -4.10
C GLN A 33 -5.89 7.14 -2.83
N HIS A 34 -6.90 6.32 -2.55
CA HIS A 34 -7.72 6.52 -1.38
C HIS A 34 -6.86 6.39 -0.11
N GLU A 35 -5.81 5.60 -0.24
CA GLU A 35 -4.90 5.40 0.88
C GLU A 35 -4.04 6.64 1.10
N SER A 36 -3.34 7.03 0.05
CA SER A 36 -2.47 8.20 0.12
C SER A 36 -1.77 8.42 -1.22
N ASN A 37 -1.03 7.39 -1.63
CA ASN A 37 -0.30 7.45 -2.90
C ASN A 37 0.57 8.71 -2.92
N TYR A 38 1.03 9.05 -4.11
CA TYR A 38 1.88 10.22 -4.27
C TYR A 38 3.12 10.13 -3.38
N ASN A 39 3.19 11.04 -2.41
CA ASN A 39 4.32 11.07 -1.49
C ASN A 39 4.01 10.15 -0.30
N THR A 40 5.04 9.40 0.09
CA THR A 40 4.90 8.48 1.20
C THR A 40 5.14 9.21 2.53
N ARG A 41 4.38 10.28 2.72
CA ARG A 41 4.50 11.06 3.94
C ARG A 41 3.40 10.66 4.94
N ALA A 42 2.19 10.53 4.42
CA ALA A 42 1.06 10.15 5.24
C ALA A 42 1.50 9.10 6.26
N THR A 43 1.69 9.56 7.49
CA THR A 43 2.11 8.68 8.56
C THR A 43 1.27 8.91 9.81
N ASN A 44 0.91 7.81 10.47
CA ASN A 44 0.11 7.89 11.68
C ASN A 44 0.79 7.08 12.79
N TYR A 45 1.67 7.76 13.52
CA TYR A 45 2.38 7.12 14.60
C TYR A 45 1.67 7.33 15.93
N ASN A 46 1.98 6.46 16.88
CA ASN A 46 1.37 6.54 18.20
C ASN A 46 2.22 5.75 19.19
N ARG A 47 2.97 6.48 20.01
CA ARG A 47 3.83 5.86 21.01
C ARG A 47 2.99 5.41 22.21
N GLY A 48 1.94 6.16 22.49
CA GLY A 48 1.07 5.85 23.60
C GLY A 48 0.75 4.36 23.63
N ASP A 49 0.40 3.82 22.47
CA ASP A 49 0.07 2.41 22.36
C ASP A 49 1.11 1.72 21.47
N GLN A 50 2.29 2.32 21.43
CA GLN A 50 3.37 1.77 20.62
C GLN A 50 2.81 1.16 19.33
N SER A 51 2.20 2.02 18.53
CA SER A 51 1.62 1.59 17.27
C SER A 51 1.69 2.71 16.24
N THR A 52 1.85 2.32 14.98
CA THR A 52 1.94 3.29 13.90
C THR A 52 1.10 2.82 12.70
N ASP A 53 0.89 3.75 11.78
CA ASP A 53 0.12 3.45 10.59
C ASP A 53 0.73 4.16 9.39
N TYR A 54 1.02 3.39 8.35
CA TYR A 54 1.61 3.94 7.15
C TYR A 54 0.52 4.42 6.17
N GLY A 55 0.52 5.72 5.92
CA GLY A 55 -0.45 6.31 5.03
C GLY A 55 -0.33 5.72 3.63
N ILE A 56 0.90 5.69 3.13
CA ILE A 56 1.16 5.15 1.81
C ILE A 56 0.10 4.11 1.46
N PHE A 57 -0.23 3.30 2.45
CA PHE A 57 -1.24 2.26 2.27
C PHE A 57 -1.99 1.99 3.56
N GLN A 58 -2.10 3.04 4.38
CA GLN A 58 -2.79 2.94 5.65
C GLN A 58 -2.54 1.57 6.29
N ILE A 59 -1.25 1.24 6.41
CA ILE A 59 -0.86 -0.03 6.99
C ILE A 59 -0.42 0.20 8.44
N ASN A 60 -0.91 -0.67 9.32
CA ASN A 60 -0.58 -0.57 10.73
C ASN A 60 0.84 -1.13 10.96
N SER A 61 1.64 -0.33 11.63
CA SER A 61 3.01 -0.72 11.92
C SER A 61 3.07 -1.44 13.27
N ARG A 62 1.91 -1.66 13.84
CA ARG A 62 1.81 -2.34 15.12
C ARG A 62 1.71 -3.85 14.92
N TYR A 63 1.17 -4.22 13.76
CA TYR A 63 1.01 -5.63 13.42
C TYR A 63 1.94 -6.03 12.26
N TRP A 64 2.17 -5.06 11.38
CA TRP A 64 3.03 -5.30 10.24
C TRP A 64 4.34 -4.51 10.45
N CYS A 65 5.39 -5.01 9.84
CA CYS A 65 6.69 -4.36 9.95
C CYS A 65 7.11 -4.37 11.42
N ASN A 66 8.40 -4.55 11.65
CA ASN A 66 8.93 -4.58 13.00
C ASN A 66 9.11 -3.14 13.49
N ASP A 67 10.32 -2.63 13.34
CA ASP A 67 10.63 -1.29 13.76
C ASP A 67 12.13 -1.03 13.60
N GLY A 68 12.92 -1.99 14.06
CA GLY A 68 14.36 -1.88 13.97
C GLY A 68 14.94 -1.16 15.19
N LYS A 69 14.05 -0.81 16.10
CA LYS A 69 14.45 -0.11 17.31
C LYS A 69 13.70 -0.71 18.51
N THR A 70 12.39 -0.87 18.33
CA THR A 70 11.56 -1.42 19.37
C THR A 70 11.16 -2.85 19.04
N PRO A 71 11.83 -3.82 19.73
CA PRO A 71 11.55 -5.23 19.51
C PRO A 71 10.23 -5.63 20.17
N ARG A 72 9.18 -4.92 19.81
CA ARG A 72 7.86 -5.19 20.36
C ARG A 72 6.87 -5.53 19.24
N ALA A 73 6.80 -4.62 18.27
CA ALA A 73 5.89 -4.81 17.14
C ALA A 73 5.96 -6.27 16.68
N VAL A 74 4.81 -6.82 16.37
CA VAL A 74 4.72 -8.19 15.92
C VAL A 74 4.82 -8.23 14.39
N ASN A 75 5.98 -7.79 13.90
CA ASN A 75 6.22 -7.76 12.48
C ASN A 75 5.63 -9.03 11.84
N ALA A 76 4.43 -8.88 11.31
CA ALA A 76 3.74 -9.98 10.67
C ALA A 76 4.10 -10.02 9.18
N CYS A 77 4.67 -8.91 8.72
CA CYS A 77 5.07 -8.81 7.33
C CYS A 77 6.51 -9.30 7.20
N GLY A 78 7.24 -9.19 8.30
CA GLY A 78 8.63 -9.62 8.32
C GLY A 78 9.50 -8.70 7.46
N ILE A 79 9.44 -7.42 7.77
CA ILE A 79 10.22 -6.45 7.04
C ILE A 79 10.56 -5.27 7.96
N ASN A 80 11.53 -4.49 7.53
CA ASN A 80 11.97 -3.33 8.31
C ASN A 80 10.95 -2.20 8.13
N CYS A 81 10.47 -1.70 9.26
CA CYS A 81 9.50 -0.62 9.25
C CYS A 81 10.03 0.49 8.34
N SER A 82 11.31 0.79 8.51
CA SER A 82 11.95 1.82 7.71
C SER A 82 11.74 1.56 6.23
N ALA A 83 11.56 0.28 5.91
CA ALA A 83 11.34 -0.13 4.53
C ALA A 83 10.05 0.51 4.01
N LEU A 84 9.26 1.01 4.95
CA LEU A 84 8.00 1.64 4.60
C LEU A 84 8.13 3.15 4.75
N LEU A 85 9.38 3.60 4.85
CA LEU A 85 9.66 5.02 4.99
C LEU A 85 10.85 5.39 4.10
N GLN A 86 10.98 4.64 3.02
CA GLN A 86 12.06 4.88 2.08
C GLN A 86 11.52 5.46 0.76
N ASP A 87 12.27 5.26 -0.30
CA ASP A 87 11.87 5.74 -1.61
C ASP A 87 11.05 4.67 -2.33
N ASP A 88 11.76 3.63 -2.77
CA ASP A 88 11.12 2.53 -3.46
C ASP A 88 9.93 2.02 -2.63
N ILE A 89 8.87 1.66 -3.33
CA ILE A 89 7.68 1.17 -2.67
C ILE A 89 7.67 -0.36 -2.72
N THR A 90 8.76 -0.91 -3.24
CA THR A 90 8.90 -2.35 -3.34
C THR A 90 8.40 -3.03 -2.07
N ALA A 91 8.65 -2.37 -0.95
CA ALA A 91 8.23 -2.90 0.34
C ALA A 91 6.72 -2.78 0.46
N ALA A 92 6.20 -1.64 0.04
CA ALA A 92 4.77 -1.38 0.10
C ALA A 92 4.04 -2.43 -0.74
N ILE A 93 4.63 -2.73 -1.88
CA ILE A 93 4.04 -3.71 -2.79
C ILE A 93 4.17 -5.10 -2.17
N GLN A 94 5.39 -5.42 -1.75
CA GLN A 94 5.66 -6.72 -1.14
C GLN A 94 4.73 -6.95 0.05
N CYS A 95 4.61 -5.92 0.89
CA CYS A 95 3.76 -6.00 2.06
C CYS A 95 2.30 -6.04 1.59
N ALA A 96 2.01 -5.24 0.58
CA ALA A 96 0.66 -5.17 0.04
C ALA A 96 0.21 -6.58 -0.35
N LYS A 97 1.08 -7.28 -1.05
CA LYS A 97 0.79 -8.63 -1.48
C LYS A 97 0.78 -9.57 -0.27
N ARG A 98 1.78 -9.39 0.58
CA ARG A 98 1.90 -10.19 1.78
C ARG A 98 0.70 -9.96 2.70
N VAL A 99 0.09 -8.79 2.54
CA VAL A 99 -1.06 -8.44 3.34
C VAL A 99 -2.33 -9.04 2.73
N VAL A 100 -2.58 -8.68 1.48
CA VAL A 100 -3.75 -9.17 0.77
C VAL A 100 -3.70 -10.71 0.74
N ARG A 101 -2.49 -11.23 0.76
CA ARG A 101 -2.29 -12.67 0.73
C ARG A 101 -3.06 -13.33 1.88
N ASP A 102 -3.32 -12.54 2.91
CA ASP A 102 -4.05 -13.03 4.06
C ASP A 102 -5.52 -13.22 3.69
N PRO A 103 -6.32 -13.72 4.68
CA PRO A 103 -7.74 -13.95 4.47
C PRO A 103 -8.51 -12.62 4.47
N GLN A 104 -7.76 -11.53 4.62
CA GLN A 104 -8.36 -10.21 4.64
C GLN A 104 -8.90 -9.86 3.25
N GLY A 105 -7.99 -9.81 2.29
CA GLY A 105 -8.35 -9.50 0.92
C GLY A 105 -8.52 -7.98 0.75
N ILE A 106 -8.49 -7.56 -0.52
CA ILE A 106 -8.63 -6.15 -0.83
C ILE A 106 -9.71 -5.54 0.06
N ARG A 107 -10.66 -6.38 0.46
CA ARG A 107 -11.74 -5.93 1.31
C ARG A 107 -11.21 -4.97 2.39
N ALA A 108 -10.03 -5.29 2.89
CA ALA A 108 -9.42 -4.47 3.92
C ALA A 108 -9.58 -2.99 3.56
N TRP A 109 -9.47 -2.71 2.27
CA TRP A 109 -9.61 -1.35 1.79
C TRP A 109 -11.07 -1.15 1.37
N VAL A 110 -11.97 -1.51 2.28
CA VAL A 110 -13.39 -1.38 2.02
C VAL A 110 -13.63 -0.12 1.17
N ALA A 111 -12.83 0.90 1.44
CA ALA A 111 -12.95 2.15 0.73
C ALA A 111 -13.16 1.86 -0.76
N TRP A 112 -12.21 1.13 -1.33
CA TRP A 112 -12.27 0.78 -2.73
C TRP A 112 -13.63 0.14 -3.00
N ARG A 113 -13.90 -0.92 -2.25
CA ARG A 113 -15.17 -1.63 -2.41
C ARG A 113 -16.34 -0.63 -2.46
N ALA A 114 -16.07 0.57 -1.96
CA ALA A 114 -17.08 1.61 -1.94
C ALA A 114 -16.48 2.90 -2.51
N HIS A 115 -15.64 2.72 -3.52
CA HIS A 115 -15.00 3.86 -4.16
C HIS A 115 -14.70 3.53 -5.62
N CYS A 116 -14.03 2.39 -5.80
CA CYS A 116 -13.67 1.95 -7.13
C CYS A 116 -14.83 1.12 -7.69
N GLN A 117 -15.27 0.16 -6.89
CA GLN A 117 -16.37 -0.71 -7.29
C GLN A 117 -17.67 0.09 -7.35
N ASN A 118 -17.66 1.13 -8.18
CA ASN A 118 -18.83 1.97 -8.35
C ASN A 118 -18.91 2.44 -9.80
N ARG A 119 -17.81 3.02 -10.27
CA ARG A 119 -17.75 3.51 -11.63
C ARG A 119 -16.49 2.97 -12.33
N ASP A 120 -16.26 3.50 -13.52
CA ASP A 120 -15.10 3.09 -14.30
C ASP A 120 -13.93 4.03 -14.03
N LEU A 121 -13.02 3.57 -13.18
CA LEU A 121 -11.86 4.36 -12.81
C LEU A 121 -10.63 3.82 -13.55
N SER A 122 -10.90 3.12 -14.64
CA SER A 122 -9.83 2.54 -15.45
C SER A 122 -9.11 3.64 -16.22
N GLN A 123 -9.82 4.74 -16.44
CA GLN A 123 -9.26 5.86 -17.16
C GLN A 123 -8.15 6.52 -16.35
N TYR A 124 -8.09 6.13 -15.09
CA TYR A 124 -7.08 6.68 -14.18
C TYR A 124 -5.71 6.07 -14.46
N ILE A 125 -5.72 4.83 -14.90
CA ILE A 125 -4.49 4.12 -15.22
C ILE A 125 -4.26 4.14 -16.73
N ARG A 126 -5.37 4.16 -17.46
CA ARG A 126 -5.30 4.18 -18.91
C ARG A 126 -4.97 5.58 -19.41
N ASN A 127 -3.92 5.65 -20.22
CA ASN A 127 -3.49 6.93 -20.77
C ASN A 127 -2.76 7.73 -19.69
N CYS A 128 -2.23 7.01 -18.71
CA CYS A 128 -1.52 7.64 -17.61
C CYS A 128 -0.08 7.91 -18.07
N GLY A 129 0.42 7.01 -18.90
CA GLY A 129 1.78 7.14 -19.41
C GLY A 129 2.67 5.99 -18.92
N VAL A 130 2.06 4.81 -18.81
CA VAL A 130 2.78 3.64 -18.35
C VAL A 130 3.39 2.93 -19.56
#